data_1OIW
# 
_entry.id   1OIW 
# 
_audit_conform.dict_name       mmcif_pdbx.dic 
_audit_conform.dict_version    5.382 
_audit_conform.dict_location   http://mmcif.pdb.org/dictionaries/ascii/mmcif_pdbx.dic 
# 
loop_
_database_2.database_id 
_database_2.database_code 
_database_2.pdbx_database_accession 
_database_2.pdbx_DOI 
PDB   1OIW         pdb_00001oiw 10.2210/pdb1oiw/pdb 
PDBE  EBI-12947    ?            ?                   
WWPDB D_1290012947 ?            ?                   
# 
loop_
_pdbx_database_related.db_name 
_pdbx_database_related.db_id 
_pdbx_database_related.content_type 
_pdbx_database_related.details 
PDB 1OIV unspecified 'X-RAY STRUCTURE OF THE SMALL G PROTEIN RAB11A IN COMPLEX WITH GDP'        
PDB 1OIX unspecified 'X-RAY STRUCTURE OF THE SMALL G PROTEIN RAB11A IN COMPLEX WITH GDP AND PI' 
# 
_pdbx_database_status.status_code                     REL 
_pdbx_database_status.entry_id                        1OIW 
_pdbx_database_status.deposit_site                    PDBE 
_pdbx_database_status.process_site                    PDBE 
_pdbx_database_status.SG_entry                        . 
_pdbx_database_status.recvd_initial_deposition_date   2003-06-26 
_pdbx_database_status.pdb_format_compatible           Y 
_pdbx_database_status.status_code_sf                  REL 
_pdbx_database_status.status_code_mr                  ? 
_pdbx_database_status.status_code_cs                  ? 
_pdbx_database_status.methods_development_category    ? 
_pdbx_database_status.status_code_nmr_data            ? 
# 
loop_
_audit_author.name 
_audit_author.pdbx_ordinal 
'Pasqualato, S.'     1 
'Senic-Matuglia, F.' 2 
'Renault, L.'        3 
'Goud, B.'           4 
'Salamero, J.'       5 
'Cherfils, J.'       6 
# 
_citation.id                        primary 
_citation.title                     
'The Structural Gdp/GTP Cycle of Rab11 Reveals a Novel Interface Involved in the Dynamics of Recycling Endosomes' 
_citation.journal_abbrev            J.Biol.Chem. 
_citation.journal_volume            279 
_citation.page_first                11480 
_citation.page_last                 ? 
_citation.year                      2004 
_citation.journal_id_ASTM           JBCHA3 
_citation.country                   US 
_citation.journal_id_ISSN           0021-9258 
_citation.journal_id_CSD            0071 
_citation.book_publisher            ? 
_citation.pdbx_database_id_PubMed   14699104 
_citation.pdbx_database_id_DOI      10.1074/JBC.M310558200 
# 
loop_
_citation_author.citation_id 
_citation_author.name 
_citation_author.ordinal 
_citation_author.identifier_ORCID 
primary 'Pasqualato, S.'     1 ? 
primary 'Senic-Matuglia, F.' 2 ? 
primary 'Renault, L.'        3 ? 
primary 'Goud, B.'           4 ? 
primary 'Salamero, J.'       5 ? 
primary 'Cherfils, J.'       6 ? 
# 
_cell.entry_id           1OIW 
_cell.length_a           73.726 
_cell.length_b           73.726 
_cell.length_c           125.152 
_cell.angle_alpha        90.00 
_cell.angle_beta         90.00 
_cell.angle_gamma        90.00 
_cell.Z_PDB              16 
_cell.pdbx_unique_axis   ? 
# 
_symmetry.entry_id                         1OIW 
_symmetry.space_group_name_H-M             'I 4 2 2' 
_symmetry.pdbx_full_space_group_name_H-M   ? 
_symmetry.cell_setting                     ? 
_symmetry.Int_Tables_number                97 
# 
loop_
_entity.id 
_entity.type 
_entity.src_method 
_entity.pdbx_description 
_entity.formula_weight 
_entity.pdbx_number_of_molecules 
_entity.pdbx_ec 
_entity.pdbx_mutation 
_entity.pdbx_fragment 
_entity.details 
1 polymer     man 'RAS-RELATED PROTEIN RAB-11A'                21525.260 1  ? YES 'RESIDUES 1-173' 
'DELETION MUTANT LACKING THE 43 C-TERMINAL RESIDUES' 
2 non-polymer syn "5'-GUANOSINE-DIPHOSPHATE-MONOTHIOPHOSPHATE" 539.246   1  ? ?   ?                ? 
3 non-polymer syn 'MAGNESIUM ION'                              24.305    1  ? ?   ?                ? 
4 water       nat water                                        18.015    79 ? ?   ?                ? 
# 
_entity_name_com.entity_id   1 
_entity_name_com.name        'RAB-11,24KG, YL8, RAB11A' 
# 
_entity_poly.entity_id                      1 
_entity_poly.type                           'polypeptide(L)' 
_entity_poly.nstd_linkage                   no 
_entity_poly.nstd_monomer                   no 
_entity_poly.pdbx_seq_one_letter_code       
;MRGSHHHHHHGIPLPGRAMGTRDDEYDYLFKVVLIGDSGVGKSNLLSRFTRNEFNLESKSTIGVEFATRSIQVDGKTIKA
QIWDTAGLERYRAITSAYYRGAVGALLVYDIAKHLTYENVERWLKELRDHADSNIVIMLVGNKSDLRHLRAVPTDEARAF
AEKNGLSFIETSALDSTNVEAAFQTILTEIY
;
_entity_poly.pdbx_seq_one_letter_code_can   
;MRGSHHHHHHGIPLPGRAMGTRDDEYDYLFKVVLIGDSGVGKSNLLSRFTRNEFNLESKSTIGVEFATRSIQVDGKTIKA
QIWDTAGLERYRAITSAYYRGAVGALLVYDIAKHLTYENVERWLKELRDHADSNIVIMLVGNKSDLRHLRAVPTDEARAF
AEKNGLSFIETSALDSTNVEAAFQTILTEIY
;
_entity_poly.pdbx_strand_id                 A 
_entity_poly.pdbx_target_identifier         ? 
# 
loop_
_entity_poly_seq.entity_id 
_entity_poly_seq.num 
_entity_poly_seq.mon_id 
_entity_poly_seq.hetero 
1 1   MET n 
1 2   ARG n 
1 3   GLY n 
1 4   SER n 
1 5   HIS n 
1 6   HIS n 
1 7   HIS n 
1 8   HIS n 
1 9   HIS n 
1 10  HIS n 
1 11  GLY n 
1 12  ILE n 
1 13  PRO n 
1 14  LEU n 
1 15  PRO n 
1 16  GLY n 
1 17  ARG n 
1 18  ALA n 
1 19  MET n 
1 20  GLY n 
1 21  THR n 
1 22  ARG n 
1 23  ASP n 
1 24  ASP n 
1 25  GLU n 
1 26  TYR n 
1 27  ASP n 
1 28  TYR n 
1 29  LEU n 
1 30  PHE n 
1 31  LYS n 
1 32  VAL n 
1 33  VAL n 
1 34  LEU n 
1 35  ILE n 
1 36  GLY n 
1 37  ASP n 
1 38  SER n 
1 39  GLY n 
1 40  VAL n 
1 41  GLY n 
1 42  LYS n 
1 43  SER n 
1 44  ASN n 
1 45  LEU n 
1 46  LEU n 
1 47  SER n 
1 48  ARG n 
1 49  PHE n 
1 50  THR n 
1 51  ARG n 
1 52  ASN n 
1 53  GLU n 
1 54  PHE n 
1 55  ASN n 
1 56  LEU n 
1 57  GLU n 
1 58  SER n 
1 59  LYS n 
1 60  SER n 
1 61  THR n 
1 62  ILE n 
1 63  GLY n 
1 64  VAL n 
1 65  GLU n 
1 66  PHE n 
1 67  ALA n 
1 68  THR n 
1 69  ARG n 
1 70  SER n 
1 71  ILE n 
1 72  GLN n 
1 73  VAL n 
1 74  ASP n 
1 75  GLY n 
1 76  LYS n 
1 77  THR n 
1 78  ILE n 
1 79  LYS n 
1 80  ALA n 
1 81  GLN n 
1 82  ILE n 
1 83  TRP n 
1 84  ASP n 
1 85  THR n 
1 86  ALA n 
1 87  GLY n 
1 88  LEU n 
1 89  GLU n 
1 90  ARG n 
1 91  TYR n 
1 92  ARG n 
1 93  ALA n 
1 94  ILE n 
1 95  THR n 
1 96  SER n 
1 97  ALA n 
1 98  TYR n 
1 99  TYR n 
1 100 ARG n 
1 101 GLY n 
1 102 ALA n 
1 103 VAL n 
1 104 GLY n 
1 105 ALA n 
1 106 LEU n 
1 107 LEU n 
1 108 VAL n 
1 109 TYR n 
1 110 ASP n 
1 111 ILE n 
1 112 ALA n 
1 113 LYS n 
1 114 HIS n 
1 115 LEU n 
1 116 THR n 
1 117 TYR n 
1 118 GLU n 
1 119 ASN n 
1 120 VAL n 
1 121 GLU n 
1 122 ARG n 
1 123 TRP n 
1 124 LEU n 
1 125 LYS n 
1 126 GLU n 
1 127 LEU n 
1 128 ARG n 
1 129 ASP n 
1 130 HIS n 
1 131 ALA n 
1 132 ASP n 
1 133 SER n 
1 134 ASN n 
1 135 ILE n 
1 136 VAL n 
1 137 ILE n 
1 138 MET n 
1 139 LEU n 
1 140 VAL n 
1 141 GLY n 
1 142 ASN n 
1 143 LYS n 
1 144 SER n 
1 145 ASP n 
1 146 LEU n 
1 147 ARG n 
1 148 HIS n 
1 149 LEU n 
1 150 ARG n 
1 151 ALA n 
1 152 VAL n 
1 153 PRO n 
1 154 THR n 
1 155 ASP n 
1 156 GLU n 
1 157 ALA n 
1 158 ARG n 
1 159 ALA n 
1 160 PHE n 
1 161 ALA n 
1 162 GLU n 
1 163 LYS n 
1 164 ASN n 
1 165 GLY n 
1 166 LEU n 
1 167 SER n 
1 168 PHE n 
1 169 ILE n 
1 170 GLU n 
1 171 THR n 
1 172 SER n 
1 173 ALA n 
1 174 LEU n 
1 175 ASP n 
1 176 SER n 
1 177 THR n 
1 178 ASN n 
1 179 VAL n 
1 180 GLU n 
1 181 ALA n 
1 182 ALA n 
1 183 PHE n 
1 184 GLN n 
1 185 THR n 
1 186 ILE n 
1 187 LEU n 
1 188 THR n 
1 189 GLU n 
1 190 ILE n 
1 191 TYR n 
# 
_entity_src_gen.entity_id                          1 
_entity_src_gen.pdbx_src_id                        1 
_entity_src_gen.pdbx_alt_source_flag               sample 
_entity_src_gen.pdbx_seq_type                      ? 
_entity_src_gen.pdbx_beg_seq_num                   ? 
_entity_src_gen.pdbx_end_seq_num                   ? 
_entity_src_gen.gene_src_common_name               HUMAN 
_entity_src_gen.gene_src_genus                     ? 
_entity_src_gen.pdbx_gene_src_gene                 ? 
_entity_src_gen.gene_src_species                   ? 
_entity_src_gen.gene_src_strain                    ? 
_entity_src_gen.gene_src_tissue                    ? 
_entity_src_gen.gene_src_tissue_fraction           ? 
_entity_src_gen.gene_src_details                   ? 
_entity_src_gen.pdbx_gene_src_fragment             ? 
_entity_src_gen.pdbx_gene_src_scientific_name      'HOMO SAPIENS' 
_entity_src_gen.pdbx_gene_src_ncbi_taxonomy_id     9606 
_entity_src_gen.pdbx_gene_src_variant              ? 
_entity_src_gen.pdbx_gene_src_cell_line            ? 
_entity_src_gen.pdbx_gene_src_atcc                 ? 
_entity_src_gen.pdbx_gene_src_organ                ? 
_entity_src_gen.pdbx_gene_src_organelle            ? 
_entity_src_gen.pdbx_gene_src_cell                 ? 
_entity_src_gen.pdbx_gene_src_cellular_location    ? 
_entity_src_gen.host_org_common_name               ? 
_entity_src_gen.pdbx_host_org_scientific_name      'ESCHERICHIA COLI' 
_entity_src_gen.pdbx_host_org_ncbi_taxonomy_id     562 
_entity_src_gen.host_org_genus                     ? 
_entity_src_gen.pdbx_host_org_gene                 ? 
_entity_src_gen.pdbx_host_org_organ                ? 
_entity_src_gen.host_org_species                   ? 
_entity_src_gen.pdbx_host_org_tissue               ? 
_entity_src_gen.pdbx_host_org_tissue_fraction      ? 
_entity_src_gen.pdbx_host_org_strain               ? 
_entity_src_gen.pdbx_host_org_variant              ? 
_entity_src_gen.pdbx_host_org_cell_line            ? 
_entity_src_gen.pdbx_host_org_atcc                 ? 
_entity_src_gen.pdbx_host_org_culture_collection   ? 
_entity_src_gen.pdbx_host_org_cell                 ? 
_entity_src_gen.pdbx_host_org_organelle            ? 
_entity_src_gen.pdbx_host_org_cellular_location    ? 
_entity_src_gen.pdbx_host_org_vector_type          ? 
_entity_src_gen.pdbx_host_org_vector               ? 
_entity_src_gen.host_org_details                   ? 
_entity_src_gen.expression_system_id               ? 
_entity_src_gen.plasmid_name                       ? 
_entity_src_gen.plasmid_details                    ? 
_entity_src_gen.pdbx_description                   ? 
# 
loop_
_struct_ref.id 
_struct_ref.db_name 
_struct_ref.db_code 
_struct_ref.entity_id 
_struct_ref.pdbx_seq_one_letter_code 
_struct_ref.pdbx_align_begin 
_struct_ref.pdbx_db_accession 
_struct_ref.pdbx_db_isoform 
1 PDB 1OIW       1 ? ? 1OIW   ? 
2 UNP R11A_HUMAN 1 ? ? P24410 ? 
# 
loop_
_struct_ref_seq.align_id 
_struct_ref_seq.ref_id 
_struct_ref_seq.pdbx_PDB_id_code 
_struct_ref_seq.pdbx_strand_id 
_struct_ref_seq.seq_align_beg 
_struct_ref_seq.pdbx_seq_align_beg_ins_code 
_struct_ref_seq.seq_align_end 
_struct_ref_seq.pdbx_seq_align_end_ins_code 
_struct_ref_seq.pdbx_db_accession 
_struct_ref_seq.db_align_beg 
_struct_ref_seq.pdbx_db_align_beg_ins_code 
_struct_ref_seq.db_align_end 
_struct_ref_seq.pdbx_db_align_end_ins_code 
_struct_ref_seq.pdbx_auth_seq_align_beg 
_struct_ref_seq.pdbx_auth_seq_align_end 
1 1 1OIW A 1  ? 18  ? 1OIW   -18 ? -1  ? -18 -1  
2 2 1OIW A 19 ? 191 ? P24410 1   ? 173 ? 1   173 
# 
_struct_ref_seq_dif.align_id                     1 
_struct_ref_seq_dif.pdbx_pdb_id_code             1OIW 
_struct_ref_seq_dif.mon_id                       LEU 
_struct_ref_seq_dif.pdbx_pdb_strand_id           A 
_struct_ref_seq_dif.seq_num                      88 
_struct_ref_seq_dif.pdbx_pdb_ins_code            ? 
_struct_ref_seq_dif.pdbx_seq_db_name             UNP 
_struct_ref_seq_dif.pdbx_seq_db_accession_code   P24410 
_struct_ref_seq_dif.db_mon_id                    GLN 
_struct_ref_seq_dif.pdbx_seq_db_seq_num          70 
_struct_ref_seq_dif.details                      'engineered mutation' 
_struct_ref_seq_dif.pdbx_auth_seq_num            70 
_struct_ref_seq_dif.pdbx_ordinal                 1 
# 
loop_
_chem_comp.id 
_chem_comp.type 
_chem_comp.mon_nstd_flag 
_chem_comp.name 
_chem_comp.pdbx_synonyms 
_chem_comp.formula 
_chem_comp.formula_weight 
ALA 'L-peptide linking' y ALANINE                                      ? 'C3 H7 N O2'          89.093  
ARG 'L-peptide linking' y ARGININE                                     ? 'C6 H15 N4 O2 1'      175.209 
ASN 'L-peptide linking' y ASPARAGINE                                   ? 'C4 H8 N2 O3'         132.118 
ASP 'L-peptide linking' y 'ASPARTIC ACID'                              ? 'C4 H7 N O4'          133.103 
GLN 'L-peptide linking' y GLUTAMINE                                    ? 'C5 H10 N2 O3'        146.144 
GLU 'L-peptide linking' y 'GLUTAMIC ACID'                              ? 'C5 H9 N O4'          147.129 
GLY 'peptide linking'   y GLYCINE                                      ? 'C2 H5 N O2'          75.067  
GSP non-polymer         . "5'-GUANOSINE-DIPHOSPHATE-MONOTHIOPHOSPHATE" ? 'C10 H16 N5 O13 P3 S' 539.246 
HIS 'L-peptide linking' y HISTIDINE                                    ? 'C6 H10 N3 O2 1'      156.162 
HOH non-polymer         . WATER                                        ? 'H2 O'                18.015  
ILE 'L-peptide linking' y ISOLEUCINE                                   ? 'C6 H13 N O2'         131.173 
LEU 'L-peptide linking' y LEUCINE                                      ? 'C6 H13 N O2'         131.173 
LYS 'L-peptide linking' y LYSINE                                       ? 'C6 H15 N2 O2 1'      147.195 
MET 'L-peptide linking' y METHIONINE                                   ? 'C5 H11 N O2 S'       149.211 
MG  non-polymer         . 'MAGNESIUM ION'                              ? 'Mg 2'                24.305  
PHE 'L-peptide linking' y PHENYLALANINE                                ? 'C9 H11 N O2'         165.189 
PRO 'L-peptide linking' y PROLINE                                      ? 'C5 H9 N O2'          115.130 
SER 'L-peptide linking' y SERINE                                       ? 'C3 H7 N O3'          105.093 
THR 'L-peptide linking' y THREONINE                                    ? 'C4 H9 N O3'          119.119 
TRP 'L-peptide linking' y TRYPTOPHAN                                   ? 'C11 H12 N2 O2'       204.225 
TYR 'L-peptide linking' y TYROSINE                                     ? 'C9 H11 N O3'         181.189 
VAL 'L-peptide linking' y VALINE                                       ? 'C5 H11 N O2'         117.146 
# 
_exptl.entry_id          1OIW 
_exptl.method            'X-RAY DIFFRACTION' 
_exptl.crystals_number   1 
# 
_exptl_crystal.id                    1 
_exptl_crystal.density_meas          ? 
_exptl_crystal.density_Matthews      1.98 
_exptl_crystal.density_percent_sol   37.73 
_exptl_crystal.description           ? 
# 
_exptl_crystal_grow.crystal_id      1 
_exptl_crystal_grow.method          ? 
_exptl_crystal_grow.temp            ? 
_exptl_crystal_grow.temp_details    ? 
_exptl_crystal_grow.pH              6.50 
_exptl_crystal_grow.pdbx_pH_range   ? 
_exptl_crystal_grow.pdbx_details    '1.4 M NACL, 0.15 M NAH2PO4, 0.15 M KH2PO4,0.1 M NAMES PH6.5, pH 6.50' 
# 
_diffrn.id                     1 
_diffrn.ambient_temp           100.0 
_diffrn.ambient_temp_details   ? 
_diffrn.crystal_id             1 
# 
_diffrn_detector.diffrn_id              1 
_diffrn_detector.detector               ? 
_diffrn_detector.type                   ? 
_diffrn_detector.pdbx_collection_date   2002-05-17 
_diffrn_detector.details                ? 
# 
_diffrn_radiation.diffrn_id                        1 
_diffrn_radiation.wavelength_id                    1 
_diffrn_radiation.pdbx_monochromatic_or_laue_m_l   M 
_diffrn_radiation.monochromator                    ? 
_diffrn_radiation.pdbx_diffrn_protocol             'SINGLE WAVELENGTH' 
_diffrn_radiation.pdbx_scattering_type             x-ray 
# 
_diffrn_radiation_wavelength.id           1 
_diffrn_radiation_wavelength.wavelength   0.934 
_diffrn_radiation_wavelength.wt           1.0 
# 
_diffrn_source.diffrn_id                   1 
_diffrn_source.source                      SYNCHROTRON 
_diffrn_source.type                        'ESRF BEAMLINE ID14-2' 
_diffrn_source.pdbx_synchrotron_site       ESRF 
_diffrn_source.pdbx_synchrotron_beamline   ID14-2 
_diffrn_source.pdbx_wavelength             0.934 
_diffrn_source.pdbx_wavelength_list        ? 
# 
_reflns.pdbx_diffrn_id               1 
_reflns.pdbx_ordinal                 1 
_reflns.entry_id                     1OIW 
_reflns.observed_criterion_sigma_I   0.000 
_reflns.observed_criterion_sigma_F   ? 
_reflns.d_resolution_low             30.000 
_reflns.d_resolution_high            1.900 
_reflns.number_obs                   13509 
_reflns.number_all                   ? 
_reflns.percent_possible_obs         96.5 
_reflns.pdbx_Rmerge_I_obs            0.09600 
_reflns.pdbx_Rsym_value              ? 
_reflns.pdbx_netI_over_sigmaI        22.1600 
_reflns.B_iso_Wilson_estimate        19.9 
_reflns.pdbx_redundancy              14.900 
# 
_reflns_shell.pdbx_diffrn_id         1 
_reflns_shell.pdbx_ordinal           1 
_reflns_shell.d_res_high             1.90 
_reflns_shell.d_res_low              1.97 
_reflns_shell.percent_possible_all   81.6 
_reflns_shell.Rmerge_I_obs           0.28800 
_reflns_shell.pdbx_Rsym_value        ? 
_reflns_shell.meanI_over_sigI_obs    9.350 
_reflns_shell.pdbx_redundancy        14.00 
# 
_refine.pdbx_refine_id                           'X-RAY DIFFRACTION' 
_refine.entry_id                                 1OIW 
_refine.pdbx_diffrn_id                           1 
_refine.pdbx_TLS_residual_ADP_flag               ? 
_refine.ls_number_reflns_obs                     11133 
_refine.ls_number_reflns_all                     ? 
_refine.pdbx_ls_sigma_I                          ? 
_refine.pdbx_ls_sigma_F                          0 
_refine.pdbx_data_cutoff_high_absF               ? 
_refine.pdbx_data_cutoff_low_absF                ? 
_refine.pdbx_data_cutoff_high_rms_absF           ? 
_refine.ls_d_res_low                             30.0 
_refine.ls_d_res_high                            2.05 
_refine.ls_percent_reflns_obs                    99.3 
_refine.ls_R_factor_obs                          0.265 
_refine.ls_R_factor_all                          ? 
_refine.ls_R_factor_R_work                       0.265 
_refine.ls_R_factor_R_free                       0.285 
_refine.ls_R_factor_R_free_error                 0.009 
_refine.ls_R_factor_R_free_error_details         ? 
_refine.ls_percent_reflns_R_free                 8.3 
_refine.ls_number_reflns_R_free                  919 
_refine.ls_number_parameters                     ? 
_refine.ls_number_restraints                     ? 
_refine.occupancy_min                            ? 
_refine.occupancy_max                            ? 
_refine.correlation_coeff_Fo_to_Fc               ? 
_refine.correlation_coeff_Fo_to_Fc_free          ? 
_refine.B_iso_mean                               29.3 
_refine.aniso_B[1][1]                            0.76 
_refine.aniso_B[2][2]                            0.76 
_refine.aniso_B[3][3]                            -1.52 
_refine.aniso_B[1][2]                            0 
_refine.aniso_B[1][3]                            0 
_refine.aniso_B[2][3]                            0 
_refine.solvent_model_details                    'FLAT MODEL' 
_refine.solvent_model_param_ksol                 0.408489 
_refine.solvent_model_param_bsol                 53.7339 
_refine.pdbx_solvent_vdw_probe_radii             ? 
_refine.pdbx_solvent_ion_probe_radii             ? 
_refine.pdbx_solvent_shrinkage_radii             ? 
_refine.pdbx_ls_cross_valid_method               THROUGHOUT 
_refine.details                                  
;RESIDUES OF THE N-TERMINAL HIS6-TAG AND LINKER WERE DISORDERED AND NOT VISIBLE IN THE ELECTRON DENSITY MAP, AS WELL AS THE FIRST 7 RESIDUES OF RAB11A
;
_refine.pdbx_starting_model                      'PDB ENTRY 1OIV' 
_refine.pdbx_method_to_determine_struct          'MOLECULAR REPLACEMENT' 
_refine.pdbx_isotropic_thermal_model             RESTRAINED 
_refine.pdbx_stereochemistry_target_values       ? 
_refine.pdbx_stereochem_target_val_spec_case     ? 
_refine.pdbx_R_Free_selection_details            RANDOM 
_refine.pdbx_overall_ESU_R                       ? 
_refine.pdbx_overall_ESU_R_Free                  ? 
_refine.overall_SU_ML                            ? 
_refine.pdbx_overall_phase_error                 ? 
_refine.overall_SU_B                             ? 
_refine.overall_SU_R_Cruickshank_DPI             ? 
_refine.pdbx_overall_SU_R_free_Cruickshank_DPI   ? 
_refine.pdbx_overall_SU_R_Blow_DPI               ? 
_refine.pdbx_overall_SU_R_free_Blow_DPI          ? 
# 
_refine_analyze.pdbx_refine_id                  'X-RAY DIFFRACTION' 
_refine_analyze.entry_id                        1OIW 
_refine_analyze.Luzzati_coordinate_error_obs    0.35 
_refine_analyze.Luzzati_sigma_a_obs             0.33 
_refine_analyze.Luzzati_d_res_low_obs           5.00 
_refine_analyze.Luzzati_coordinate_error_free   0.34 
_refine_analyze.Luzzati_sigma_a_free            0.39 
_refine_analyze.Luzzati_d_res_low_free          ? 
_refine_analyze.number_disordered_residues      ? 
_refine_analyze.occupancy_sum_hydrogen          ? 
_refine_analyze.occupancy_sum_non_hydrogen      ? 
# 
_refine_hist.pdbx_refine_id                   'X-RAY DIFFRACTION' 
_refine_hist.cycle_id                         LAST 
_refine_hist.pdbx_number_atoms_protein        1312 
_refine_hist.pdbx_number_atoms_nucleic_acid   0 
_refine_hist.pdbx_number_atoms_ligand         33 
_refine_hist.number_atoms_solvent             79 
_refine_hist.number_atoms_total               1424 
_refine_hist.d_res_high                       2.05 
_refine_hist.d_res_low                        30.0 
# 
loop_
_refine_ls_restr.type 
_refine_ls_restr.dev_ideal 
_refine_ls_restr.dev_ideal_target 
_refine_ls_restr.weight 
_refine_ls_restr.number 
_refine_ls_restr.pdbx_refine_id 
_refine_ls_restr.pdbx_restraint_function 
c_bond_d                0.016 ? ? ? 'X-RAY DIFFRACTION' ? 
c_bond_d_na             ?     ? ? ? 'X-RAY DIFFRACTION' ? 
c_bond_d_prot           ?     ? ? ? 'X-RAY DIFFRACTION' ? 
c_angle_d               ?     ? ? ? 'X-RAY DIFFRACTION' ? 
c_angle_d_na            ?     ? ? ? 'X-RAY DIFFRACTION' ? 
c_angle_d_prot          ?     ? ? ? 'X-RAY DIFFRACTION' ? 
c_angle_deg             1.7   ? ? ? 'X-RAY DIFFRACTION' ? 
c_angle_deg_na          ?     ? ? ? 'X-RAY DIFFRACTION' ? 
c_angle_deg_prot        ?     ? ? ? 'X-RAY DIFFRACTION' ? 
c_dihedral_angle_d      24.0  ? ? ? 'X-RAY DIFFRACTION' ? 
c_dihedral_angle_d_na   ?     ? ? ? 'X-RAY DIFFRACTION' ? 
c_dihedral_angle_d_prot ?     ? ? ? 'X-RAY DIFFRACTION' ? 
c_improper_angle_d      1.11  ? ? ? 'X-RAY DIFFRACTION' ? 
c_improper_angle_d_na   ?     ? ? ? 'X-RAY DIFFRACTION' ? 
c_improper_angle_d_prot ?     ? ? ? 'X-RAY DIFFRACTION' ? 
c_mcbond_it             ?     ? ? ? 'X-RAY DIFFRACTION' ? 
c_mcangle_it            ?     ? ? ? 'X-RAY DIFFRACTION' ? 
c_scbond_it             ?     ? ? ? 'X-RAY DIFFRACTION' ? 
c_scangle_it            ?     ? ? ? 'X-RAY DIFFRACTION' ? 
# 
_refine_ls_shell.pdbx_refine_id                   'X-RAY DIFFRACTION' 
_refine_ls_shell.pdbx_total_number_of_bins_used   6 
_refine_ls_shell.d_res_high                       2.05 
_refine_ls_shell.d_res_low                        2.18 
_refine_ls_shell.number_reflns_R_work             1659 
_refine_ls_shell.R_factor_R_work                  0.397 
_refine_ls_shell.percent_reflns_obs               99.9 
_refine_ls_shell.R_factor_R_free                  0.472 
_refine_ls_shell.R_factor_R_free_error            0.037 
_refine_ls_shell.percent_reflns_R_free            9.1 
_refine_ls_shell.number_reflns_R_free             166 
_refine_ls_shell.number_reflns_all                ? 
_refine_ls_shell.R_factor_all                     ? 
# 
loop_
_pdbx_xplor_file.pdbx_refine_id 
_pdbx_xplor_file.serial_no 
_pdbx_xplor_file.param_file 
_pdbx_xplor_file.topol_file 
'X-RAY DIFFRACTION' 1 PROTEIN_REP.PARAM PROTEIN.TOP 
'X-RAY DIFFRACTION' 2 GSP.PAR           GSP.TOP     
'X-RAY DIFFRACTION' 3 WATER_REP.PARAM   WATER.TOP   
'X-RAY DIFFRACTION' 4 ION.PARAM         ION.TOP     
# 
_struct.entry_id                  1OIW 
_struct.title                     'X-ray structure of the small G protein Rab11a in complex with GTPgammaS' 
_struct.pdbx_model_details        ? 
_struct.pdbx_CASP_flag            ? 
_struct.pdbx_model_type_details   ? 
# 
_struct_keywords.entry_id        1OIW 
_struct_keywords.pdbx_keywords   'PROTEIN TRANSPORT' 
_struct_keywords.text            
'SMALL G PROTEIN, INTRACELLULAR TRAFFICKING, GTP-BINDING, LIPOPROTEIN, PRENYLATION, PROTEIN TRANSPORT' 
# 
loop_
_struct_asym.id 
_struct_asym.pdbx_blank_PDB_chainid_flag 
_struct_asym.pdbx_modified 
_struct_asym.entity_id 
_struct_asym.details 
A N N 1 ? 
B N N 2 ? 
C N N 3 ? 
D N N 4 ? 
# 
_struct_biol.id   1 
# 
loop_
_struct_conf.conf_type_id 
_struct_conf.id 
_struct_conf.pdbx_PDB_helix_id 
_struct_conf.beg_label_comp_id 
_struct_conf.beg_label_asym_id 
_struct_conf.beg_label_seq_id 
_struct_conf.pdbx_beg_PDB_ins_code 
_struct_conf.end_label_comp_id 
_struct_conf.end_label_asym_id 
_struct_conf.end_label_seq_id 
_struct_conf.pdbx_end_PDB_ins_code 
_struct_conf.beg_auth_comp_id 
_struct_conf.beg_auth_asym_id 
_struct_conf.beg_auth_seq_id 
_struct_conf.end_auth_comp_id 
_struct_conf.end_auth_asym_id 
_struct_conf.end_auth_seq_id 
_struct_conf.pdbx_PDB_helix_class 
_struct_conf.details 
_struct_conf.pdbx_PDB_helix_length 
HELX_P HELX_P1 1 GLY A 41  ? ASN A 52  ? GLY A 23  ASN A 34  1 ? 12 
HELX_P HELX_P2 2 THR A 95  ? ARG A 100 ? THR A 77  ARG A 82  1 ? 6  
HELX_P HELX_P3 3 LYS A 113 ? ASN A 119 ? LYS A 95  ASN A 101 1 ? 7  
HELX_P HELX_P4 4 ASN A 119 ? ALA A 131 ? ASN A 101 ALA A 113 1 ? 13 
HELX_P HELX_P5 5 LYS A 143 ? ARG A 150 ? LYS A 125 ARG A 132 5 ? 8  
HELX_P HELX_P6 6 PRO A 153 ? ASN A 164 ? PRO A 135 ASN A 146 1 ? 12 
HELX_P HELX_P7 7 ASN A 178 ? TYR A 191 ? ASN A 160 TYR A 173 1 ? 14 
# 
_struct_conf_type.id          HELX_P 
_struct_conf_type.criteria    ? 
_struct_conf_type.reference   ? 
# 
loop_
_struct_conn.id 
_struct_conn.conn_type_id 
_struct_conn.pdbx_leaving_atom_flag 
_struct_conn.pdbx_PDB_id 
_struct_conn.ptnr1_label_asym_id 
_struct_conn.ptnr1_label_comp_id 
_struct_conn.ptnr1_label_seq_id 
_struct_conn.ptnr1_label_atom_id 
_struct_conn.pdbx_ptnr1_label_alt_id 
_struct_conn.pdbx_ptnr1_PDB_ins_code 
_struct_conn.pdbx_ptnr1_standard_comp_id 
_struct_conn.ptnr1_symmetry 
_struct_conn.ptnr2_label_asym_id 
_struct_conn.ptnr2_label_comp_id 
_struct_conn.ptnr2_label_seq_id 
_struct_conn.ptnr2_label_atom_id 
_struct_conn.pdbx_ptnr2_label_alt_id 
_struct_conn.pdbx_ptnr2_PDB_ins_code 
_struct_conn.ptnr1_auth_asym_id 
_struct_conn.ptnr1_auth_comp_id 
_struct_conn.ptnr1_auth_seq_id 
_struct_conn.ptnr2_auth_asym_id 
_struct_conn.ptnr2_auth_comp_id 
_struct_conn.ptnr2_auth_seq_id 
_struct_conn.ptnr2_symmetry 
_struct_conn.pdbx_ptnr3_label_atom_id 
_struct_conn.pdbx_ptnr3_label_seq_id 
_struct_conn.pdbx_ptnr3_label_comp_id 
_struct_conn.pdbx_ptnr3_label_asym_id 
_struct_conn.pdbx_ptnr3_label_alt_id 
_struct_conn.pdbx_ptnr3_PDB_ins_code 
_struct_conn.details 
_struct_conn.pdbx_dist_value 
_struct_conn.pdbx_value_order 
_struct_conn.pdbx_role 
metalc1 metalc ? ? A SER 43 OG  ? ? ? 1_555 C MG  . MG ? ? A SER 25   A MG  1175 1_555 ? ? ? ? ? ? ? 2.136 ? ? 
metalc2 metalc ? ? A THR 61 OG1 ? ? ? 1_555 C MG  . MG ? ? A THR 43   A MG  1175 1_555 ? ? ? ? ? ? ? 2.148 ? ? 
metalc3 metalc ? ? B GSP .  O2G ? ? ? 1_555 C MG  . MG ? ? A GSP 1174 A MG  1175 1_555 ? ? ? ? ? ? ? 2.183 ? ? 
metalc4 metalc ? ? B GSP .  O2B ? ? ? 1_555 C MG  . MG ? ? A GSP 1174 A MG  1175 1_555 ? ? ? ? ? ? ? 2.181 ? ? 
metalc5 metalc ? ? C MG  .  MG  ? ? ? 1_555 D HOH . O  ? ? A MG  1175 A HOH 2030 1_555 ? ? ? ? ? ? ? 2.370 ? ? 
metalc6 metalc ? ? C MG  .  MG  ? ? ? 1_555 D HOH . O  ? ? A MG  1175 A HOH 2077 1_555 ? ? ? ? ? ? ? 2.384 ? ? 
# 
_struct_conn_type.id          metalc 
_struct_conn_type.criteria    ? 
_struct_conn_type.reference   ? 
# 
_struct_sheet.id               AA 
_struct_sheet.type             ? 
_struct_sheet.number_strands   6 
_struct_sheet.details          ? 
# 
loop_
_struct_sheet_order.sheet_id 
_struct_sheet_order.range_id_1 
_struct_sheet_order.range_id_2 
_struct_sheet_order.offset 
_struct_sheet_order.sense 
AA 1 2 ? anti-parallel 
AA 2 3 ? parallel      
AA 3 4 ? parallel      
AA 4 5 ? parallel      
AA 5 6 ? parallel      
# 
loop_
_struct_sheet_range.sheet_id 
_struct_sheet_range.id 
_struct_sheet_range.beg_label_comp_id 
_struct_sheet_range.beg_label_asym_id 
_struct_sheet_range.beg_label_seq_id 
_struct_sheet_range.pdbx_beg_PDB_ins_code 
_struct_sheet_range.end_label_comp_id 
_struct_sheet_range.end_label_asym_id 
_struct_sheet_range.end_label_seq_id 
_struct_sheet_range.pdbx_end_PDB_ins_code 
_struct_sheet_range.beg_auth_comp_id 
_struct_sheet_range.beg_auth_asym_id 
_struct_sheet_range.beg_auth_seq_id 
_struct_sheet_range.end_auth_comp_id 
_struct_sheet_range.end_auth_asym_id 
_struct_sheet_range.end_auth_seq_id 
AA 1 VAL A 64  ? VAL A 73  ? VAL A 46  VAL A 55  
AA 2 LYS A 76  ? THR A 85  ? LYS A 58  THR A 67  
AA 3 TYR A 28  ? GLY A 36  ? TYR A 10  GLY A 18  
AA 4 GLY A 104 ? ASP A 110 ? GLY A 86  ASP A 92  
AA 5 VAL A 136 ? ASN A 142 ? VAL A 118 ASN A 124 
AA 6 SER A 167 ? GLU A 170 ? SER A 149 GLU A 152 
# 
loop_
_pdbx_struct_sheet_hbond.sheet_id 
_pdbx_struct_sheet_hbond.range_id_1 
_pdbx_struct_sheet_hbond.range_id_2 
_pdbx_struct_sheet_hbond.range_1_label_atom_id 
_pdbx_struct_sheet_hbond.range_1_label_comp_id 
_pdbx_struct_sheet_hbond.range_1_label_asym_id 
_pdbx_struct_sheet_hbond.range_1_label_seq_id 
_pdbx_struct_sheet_hbond.range_1_PDB_ins_code 
_pdbx_struct_sheet_hbond.range_1_auth_atom_id 
_pdbx_struct_sheet_hbond.range_1_auth_comp_id 
_pdbx_struct_sheet_hbond.range_1_auth_asym_id 
_pdbx_struct_sheet_hbond.range_1_auth_seq_id 
_pdbx_struct_sheet_hbond.range_2_label_atom_id 
_pdbx_struct_sheet_hbond.range_2_label_comp_id 
_pdbx_struct_sheet_hbond.range_2_label_asym_id 
_pdbx_struct_sheet_hbond.range_2_label_seq_id 
_pdbx_struct_sheet_hbond.range_2_PDB_ins_code 
_pdbx_struct_sheet_hbond.range_2_auth_atom_id 
_pdbx_struct_sheet_hbond.range_2_auth_comp_id 
_pdbx_struct_sheet_hbond.range_2_auth_asym_id 
_pdbx_struct_sheet_hbond.range_2_auth_seq_id 
AA 1 2 N VAL A 73  ? N VAL A 55  O LYS A 76  ? O LYS A 58  
AA 2 3 N LYS A 79  ? N LYS A 61  O TYR A 28  ? O TYR A 10  
AA 3 4 N VAL A 33  ? N VAL A 15  O GLY A 104 ? O GLY A 86  
AA 4 5 N ALA A 105 ? N ALA A 87  O VAL A 136 ? O VAL A 118 
AA 5 6 N LEU A 139 ? N LEU A 121 O SER A 167 ? O SER A 149 
# 
loop_
_struct_site.id 
_struct_site.pdbx_evidence_code 
_struct_site.pdbx_auth_asym_id 
_struct_site.pdbx_auth_comp_id 
_struct_site.pdbx_auth_seq_id 
_struct_site.pdbx_auth_ins_code 
_struct_site.pdbx_num_residues 
_struct_site.details 
AC1 Software ? ? ? ? 5  'BINDING SITE FOR RESIDUE MG A1175'  
AC2 Software ? ? ? ? 27 'BINDING SITE FOR RESIDUE GSP A1174' 
# 
loop_
_struct_site_gen.id 
_struct_site_gen.site_id 
_struct_site_gen.pdbx_num_res 
_struct_site_gen.label_comp_id 
_struct_site_gen.label_asym_id 
_struct_site_gen.label_seq_id 
_struct_site_gen.pdbx_auth_ins_code 
_struct_site_gen.auth_comp_id 
_struct_site_gen.auth_asym_id 
_struct_site_gen.auth_seq_id 
_struct_site_gen.label_atom_id 
_struct_site_gen.label_alt_id 
_struct_site_gen.symmetry 
_struct_site_gen.details 
1  AC1 5  SER A 43  ? SER A 25   . ? 1_555 ? 
2  AC1 5  THR A 61  ? THR A 43   . ? 1_555 ? 
3  AC1 5  GSP B .   ? GSP A 1174 . ? 1_555 ? 
4  AC1 5  HOH D .   ? HOH A 2030 . ? 1_555 ? 
5  AC1 5  HOH D .   ? HOH A 2077 . ? 1_555 ? 
6  AC2 27 SER A 38  ? SER A 20   . ? 1_555 ? 
7  AC2 27 GLY A 39  ? GLY A 21   . ? 1_555 ? 
8  AC2 27 VAL A 40  ? VAL A 22   . ? 1_555 ? 
9  AC2 27 GLY A 41  ? GLY A 23   . ? 1_555 ? 
10 AC2 27 LYS A 42  ? LYS A 24   . ? 1_555 ? 
11 AC2 27 SER A 43  ? SER A 25   . ? 1_555 ? 
12 AC2 27 ASN A 44  ? ASN A 26   . ? 1_555 ? 
13 AC2 27 PHE A 54  ? PHE A 36   . ? 1_555 ? 
14 AC2 27 ASN A 55  ? ASN A 37   . ? 1_555 ? 
15 AC2 27 LEU A 56  ? LEU A 38   . ? 1_555 ? 
16 AC2 27 SER A 58  ? SER A 40   . ? 1_555 ? 
17 AC2 27 SER A 60  ? SER A 42   . ? 1_555 ? 
18 AC2 27 THR A 61  ? THR A 43   . ? 1_555 ? 
19 AC2 27 ALA A 86  ? ALA A 68   . ? 1_555 ? 
20 AC2 27 GLY A 87  ? GLY A 69   . ? 1_555 ? 
21 AC2 27 ASN A 142 ? ASN A 124  . ? 1_555 ? 
22 AC2 27 LYS A 143 ? LYS A 125  . ? 1_555 ? 
23 AC2 27 ASP A 145 ? ASP A 127  . ? 1_555 ? 
24 AC2 27 LEU A 146 ? LEU A 128  . ? 1_555 ? 
25 AC2 27 SER A 172 ? SER A 154  . ? 1_555 ? 
26 AC2 27 ALA A 173 ? ALA A 155  . ? 1_555 ? 
27 AC2 27 LEU A 174 ? LEU A 156  . ? 1_555 ? 
28 AC2 27 MG  C .   ? MG  A 1175 . ? 1_555 ? 
29 AC2 27 HOH D .   ? HOH A 2039 . ? 1_555 ? 
30 AC2 27 HOH D .   ? HOH A 2077 . ? 1_555 ? 
31 AC2 27 HOH D .   ? HOH A 2078 . ? 1_555 ? 
32 AC2 27 HOH D .   ? HOH A 2079 . ? 1_555 ? 
# 
_atom_sites.entry_id                    1OIW 
_atom_sites.fract_transf_matrix[1][1]   0.00872753 
_atom_sites.fract_transf_matrix[1][2]   0.00729477 
_atom_sites.fract_transf_matrix[1][3]   0.00738909 
_atom_sites.fract_transf_matrix[2][1]   0.01036527 
_atom_sites.fract_transf_matrix[2][2]   -0.00555276 
_atom_sites.fract_transf_matrix[2][3]   -0.00676094 
_atom_sites.fract_transf_matrix[3][1]   -0.00036000 
_atom_sites.fract_transf_matrix[3][2]   0.00588869 
_atom_sites.fract_transf_matrix[3][3]   -0.00538831 
_atom_sites.fract_transf_vector[1]      0.150623 
_atom_sites.fract_transf_vector[2]      0.302884 
_atom_sites.fract_transf_vector[3]      0.121822 
# 
loop_
_atom_type.symbol 
C  
MG 
N  
O  
P  
S  
# 
loop_
_atom_site.group_PDB 
_atom_site.id 
_atom_site.type_symbol 
_atom_site.label_atom_id 
_atom_site.label_alt_id 
_atom_site.label_comp_id 
_atom_site.label_asym_id 
_atom_site.label_entity_id 
_atom_site.label_seq_id 
_atom_site.pdbx_PDB_ins_code 
_atom_site.Cartn_x 
_atom_site.Cartn_y 
_atom_site.Cartn_z 
_atom_site.occupancy 
_atom_site.B_iso_or_equiv 
_atom_site.pdbx_formal_charge 
_atom_site.auth_seq_id 
_atom_site.auth_comp_id 
_atom_site.auth_asym_id 
_atom_site.auth_atom_id 
_atom_site.pdbx_PDB_model_num 
ATOM   1    N  N     . TYR A 1 26  ? -16.064 4.526   -17.052 1.00 49.50 ? 8    TYR A N     1 
ATOM   2    C  CA    . TYR A 1 26  ? -14.596 4.673   -16.843 1.00 49.24 ? 8    TYR A CA    1 
ATOM   3    C  C     . TYR A 1 26  ? -13.827 4.335   -18.116 1.00 47.69 ? 8    TYR A C     1 
ATOM   4    O  O     . TYR A 1 26  ? -14.317 3.608   -18.975 1.00 47.15 ? 8    TYR A O     1 
ATOM   5    C  CB    . TYR A 1 26  ? -14.131 3.766   -15.694 1.00 51.28 ? 8    TYR A CB    1 
ATOM   6    C  CG    . TYR A 1 26  ? -14.274 2.286   -15.973 1.00 53.20 ? 8    TYR A CG    1 
ATOM   7    C  CD1   . TYR A 1 26  ? -13.416 1.637   -16.865 1.00 53.58 ? 8    TYR A CD1   1 
ATOM   8    C  CD2   . TYR A 1 26  ? -15.275 1.535   -15.356 1.00 54.16 ? 8    TYR A CD2   1 
ATOM   9    C  CE1   . TYR A 1 26  ? -13.552 0.282   -17.137 1.00 54.76 ? 8    TYR A CE1   1 
ATOM   10   C  CE2   . TYR A 1 26  ? -15.419 0.176   -15.622 1.00 55.22 ? 8    TYR A CE2   1 
ATOM   11   C  CZ    . TYR A 1 26  ? -14.554 -0.442  -16.513 1.00 55.69 ? 8    TYR A CZ    1 
ATOM   12   O  OH    . TYR A 1 26  ? -14.693 -1.783  -16.786 1.00 57.67 ? 8    TYR A OH    1 
ATOM   13   N  N     . ASP A 1 27  ? -12.614 4.865   -18.222 1.00 45.97 ? 9    ASP A N     1 
ATOM   14   C  CA    . ASP A 1 27  ? -11.775 4.631   -19.386 1.00 44.44 ? 9    ASP A CA    1 
ATOM   15   C  C     . ASP A 1 27  ? -10.825 3.466   -19.145 1.00 43.67 ? 9    ASP A C     1 
ATOM   16   O  O     . ASP A 1 27  ? -10.547 2.685   -20.054 1.00 43.39 ? 9    ASP A O     1 
ATOM   17   C  CB    . ASP A 1 27  ? -10.980 5.898   -19.713 1.00 45.20 ? 9    ASP A CB    1 
ATOM   18   C  CG    . ASP A 1 27  ? -11.874 7.049   -20.150 1.00 44.26 ? 9    ASP A CG    1 
ATOM   19   O  OD1   . ASP A 1 27  ? -11.705 8.173   -19.628 1.00 43.53 ? 9    ASP A OD1   1 
ATOM   20   O  OD2   . ASP A 1 27  ? -12.745 6.830   -21.017 1.00 43.55 ? 9    ASP A OD2   1 
ATOM   21   N  N     . TYR A 1 28  ? -10.329 3.355   -17.918 1.00 42.14 ? 10   TYR A N     1 
ATOM   22   C  CA    . TYR A 1 28  ? -9.411  2.278   -17.559 1.00 40.57 ? 10   TYR A CA    1 
ATOM   23   C  C     . TYR A 1 28  ? -9.712  1.765   -16.156 1.00 38.14 ? 10   TYR A C     1 
ATOM   24   O  O     . TYR A 1 28  ? -10.184 2.508   -15.293 1.00 35.97 ? 10   TYR A O     1 
ATOM   25   C  CB    . TYR A 1 28  ? -7.961  2.773   -17.616 1.00 42.56 ? 10   TYR A CB    1 
ATOM   26   C  CG    . TYR A 1 28  ? -7.546  3.326   -18.961 1.00 44.97 ? 10   TYR A CG    1 
ATOM   27   C  CD1   . TYR A 1 28  ? -7.350  2.486   -20.057 1.00 45.49 ? 10   TYR A CD1   1 
ATOM   28   C  CD2   . TYR A 1 28  ? -7.360  4.696   -19.141 1.00 45.75 ? 10   TYR A CD2   1 
ATOM   29   C  CE1   . TYR A 1 28  ? -6.976  3.001   -21.305 1.00 46.84 ? 10   TYR A CE1   1 
ATOM   30   C  CE2   . TYR A 1 28  ? -6.988  5.221   -20.380 1.00 46.79 ? 10   TYR A CE2   1 
ATOM   31   C  CZ    . TYR A 1 28  ? -6.799  4.370   -21.457 1.00 46.60 ? 10   TYR A CZ    1 
ATOM   32   O  OH    . TYR A 1 28  ? -6.434  4.892   -22.679 1.00 46.97 ? 10   TYR A OH    1 
ATOM   33   N  N     . LEU A 1 29  ? -9.445  0.482   -15.935 1.00 36.02 ? 11   LEU A N     1 
ATOM   34   C  CA    . LEU A 1 29  ? -9.663  -0.125  -14.629 1.00 33.14 ? 11   LEU A CA    1 
ATOM   35   C  C     . LEU A 1 29  ? -8.323  -0.674  -14.165 1.00 31.35 ? 11   LEU A C     1 
ATOM   36   O  O     . LEU A 1 29  ? -7.750  -1.572  -14.788 1.00 29.20 ? 11   LEU A O     1 
ATOM   37   C  CB    . LEU A 1 29  ? -10.711 -1.235  -14.722 1.00 34.43 ? 11   LEU A CB    1 
ATOM   38   C  CG    . LEU A 1 29  ? -11.079 -2.006  -13.452 1.00 36.51 ? 11   LEU A CG    1 
ATOM   39   C  CD1   . LEU A 1 29  ? -11.218 -1.079  -12.263 1.00 36.98 ? 11   LEU A CD1   1 
ATOM   40   C  CD2   . LEU A 1 29  ? -12.380 -2.752  -13.697 1.00 37.50 ? 11   LEU A CD2   1 
ATOM   41   N  N     . PHE A 1 30  ? -7.812  -0.110  -13.079 1.00 28.27 ? 12   PHE A N     1 
ATOM   42   C  CA    . PHE A 1 30  ? -6.528  -0.542  -12.567 1.00 26.91 ? 12   PHE A CA    1 
ATOM   43   C  C     . PHE A 1 30  ? -6.629  -1.258  -11.236 1.00 24.55 ? 12   PHE A C     1 
ATOM   44   O  O     . PHE A 1 30  ? -7.073  -0.682  -10.246 1.00 24.40 ? 12   PHE A O     1 
ATOM   45   C  CB    . PHE A 1 30  ? -5.579  0.648   -12.404 1.00 29.00 ? 12   PHE A CB    1 
ATOM   46   C  CG    . PHE A 1 30  ? -5.192  1.305   -13.696 1.00 29.93 ? 12   PHE A CG    1 
ATOM   47   C  CD1   . PHE A 1 30  ? -5.161  0.582   -14.886 1.00 31.24 ? 12   PHE A CD1   1 
ATOM   48   C  CD2   . PHE A 1 30  ? -4.817  2.644   -13.717 1.00 29.94 ? 12   PHE A CD2   1 
ATOM   49   C  CE1   . PHE A 1 30  ? -4.761  1.184   -16.078 1.00 29.93 ? 12   PHE A CE1   1 
ATOM   50   C  CE2   . PHE A 1 30  ? -4.416  3.256   -14.904 1.00 30.25 ? 12   PHE A CE2   1 
ATOM   51   C  CZ    . PHE A 1 30  ? -4.389  2.524   -16.086 1.00 30.58 ? 12   PHE A CZ    1 
ATOM   52   N  N     . LYS A 1 31  ? -6.203  -2.517  -11.222 1.00 22.23 ? 13   LYS A N     1 
ATOM   53   C  CA    . LYS A 1 31  ? -6.197  -3.312  -10.003 1.00 18.26 ? 13   LYS A CA    1 
ATOM   54   C  C     . LYS A 1 31  ? -4.903  -2.994  -9.266  1.00 17.49 ? 13   LYS A C     1 
ATOM   55   O  O     . LYS A 1 31  ? -3.812  -3.105  -9.838  1.00 17.45 ? 13   LYS A O     1 
ATOM   56   C  CB    . LYS A 1 31  ? -6.220  -4.812  -10.327 1.00 17.37 ? 13   LYS A CB    1 
ATOM   57   C  CG    . LYS A 1 31  ? -5.915  -5.712  -9.114  1.00 16.70 ? 13   LYS A CG    1 
ATOM   58   C  CD    . LYS A 1 31  ? -5.947  -7.202  -9.462  1.00 15.43 ? 13   LYS A CD    1 
ATOM   59   C  CE    . LYS A 1 31  ? -5.655  -8.054  -8.226  1.00 16.24 ? 13   LYS A CE    1 
ATOM   60   N  NZ    . LYS A 1 31  ? -5.768  -9.525  -8.487  1.00 14.81 ? 13   LYS A NZ    1 
ATOM   61   N  N     . VAL A 1 32  ? -5.020  -2.578  -8.011  1.00 16.59 ? 14   VAL A N     1 
ATOM   62   C  CA    . VAL A 1 32  ? -3.847  -2.297  -7.199  1.00 18.04 ? 14   VAL A CA    1 
ATOM   63   C  C     . VAL A 1 32  ? -4.075  -3.012  -5.878  1.00 16.53 ? 14   VAL A C     1 
ATOM   64   O  O     . VAL A 1 32  ? -5.178  -2.977  -5.329  1.00 17.23 ? 14   VAL A O     1 
ATOM   65   C  CB    . VAL A 1 32  ? -3.645  -0.777  -6.963  1.00 19.07 ? 14   VAL A CB    1 
ATOM   66   C  CG1   . VAL A 1 32  ? -2.579  -0.545  -5.886  1.00 18.57 ? 14   VAL A CG1   1 
ATOM   67   C  CG2   . VAL A 1 32  ? -3.214  -0.114  -8.282  1.00 20.11 ? 14   VAL A CG2   1 
ATOM   68   N  N     . VAL A 1 33  ? -3.034  -3.664  -5.372  1.00 17.97 ? 15   VAL A N     1 
ATOM   69   C  CA    . VAL A 1 33  ? -3.130  -4.418  -4.127  1.00 14.93 ? 15   VAL A CA    1 
ATOM   70   C  C     . VAL A 1 33  ? -2.370  -3.783  -2.963  1.00 16.25 ? 15   VAL A C     1 
ATOM   71   O  O     . VAL A 1 33  ? -1.369  -3.081  -3.164  1.00 15.50 ? 15   VAL A O     1 
ATOM   72   C  CB    . VAL A 1 33  ? -2.569  -5.858  -4.299  1.00 16.95 ? 15   VAL A CB    1 
ATOM   73   C  CG1   . VAL A 1 33  ? -3.262  -6.575  -5.443  1.00 14.05 ? 15   VAL A CG1   1 
ATOM   74   C  CG2   . VAL A 1 33  ? -1.073  -5.797  -4.537  1.00 15.35 ? 15   VAL A CG2   1 
ATOM   75   N  N     . LEU A 1 34  ? -2.848  -4.059  -1.752  1.00 16.94 ? 16   LEU A N     1 
ATOM   76   C  CA    . LEU A 1 34  ? -2.224  -3.569  -0.525  1.00 17.30 ? 16   LEU A CA    1 
ATOM   77   C  C     . LEU A 1 34  ? -1.505  -4.730  0.148   1.00 16.96 ? 16   LEU A C     1 
ATOM   78   O  O     . LEU A 1 34  ? -2.088  -5.807  0.330   1.00 16.66 ? 16   LEU A O     1 
ATOM   79   C  CB    . LEU A 1 34  ? -3.275  -3.028  0.452   1.00 18.72 ? 16   LEU A CB    1 
ATOM   80   C  CG    . LEU A 1 34  ? -3.922  -1.662  0.229   1.00 21.47 ? 16   LEU A CG    1 
ATOM   81   C  CD1   . LEU A 1 34  ? -5.192  -1.559  1.055   1.00 19.91 ? 16   LEU A CD1   1 
ATOM   82   C  CD2   . LEU A 1 34  ? -2.949  -0.567  0.620   1.00 21.60 ? 16   LEU A CD2   1 
ATOM   83   N  N     . ILE A 1 35  ? -0.239  -4.521  0.498   1.00 16.10 ? 17   ILE A N     1 
ATOM   84   C  CA    . ILE A 1 35  ? 0.534   -5.549  1.182   1.00 14.60 ? 17   ILE A CA    1 
ATOM   85   C  C     . ILE A 1 35  ? 1.438   -4.937  2.245   1.00 16.06 ? 17   ILE A C     1 
ATOM   86   O  O     . ILE A 1 35  ? 1.791   -3.756  2.191   1.00 16.19 ? 17   ILE A O     1 
ATOM   87   C  CB    . ILE A 1 35  ? 1.386   -6.405  0.210   1.00 17.28 ? 17   ILE A CB    1 
ATOM   88   C  CG1   . ILE A 1 35  ? 2.280   -5.524  -0.653  1.00 15.93 ? 17   ILE A CG1   1 
ATOM   89   C  CG2   . ILE A 1 35  ? 0.473   -7.252  -0.681  1.00 19.22 ? 17   ILE A CG2   1 
ATOM   90   C  CD1   . ILE A 1 35  ? 3.198   -6.335  -1.538  1.00 18.89 ? 17   ILE A CD1   1 
ATOM   91   N  N     . GLY A 1 36  ? 1.796   -5.752  3.226   1.00 14.30 ? 18   GLY A N     1 
ATOM   92   C  CA    . GLY A 1 36  ? 2.630   -5.283  4.311   1.00 15.09 ? 18   GLY A CA    1 
ATOM   93   C  C     . GLY A 1 36  ? 2.216   -5.993  5.593   1.00 17.03 ? 18   GLY A C     1 
ATOM   94   O  O     . GLY A 1 36  ? 1.134   -6.594  5.666   1.00 13.90 ? 18   GLY A O     1 
ATOM   95   N  N     . ASP A 1 37  ? 3.075   -5.924  6.603   1.00 17.44 ? 19   ASP A N     1 
ATOM   96   C  CA    . ASP A 1 37  ? 2.811   -6.573  7.882   1.00 19.86 ? 19   ASP A CA    1 
ATOM   97   C  C     . ASP A 1 37  ? 1.475   -6.168  8.486   1.00 20.75 ? 19   ASP A C     1 
ATOM   98   O  O     . ASP A 1 37  ? 0.981   -5.062  8.256   1.00 18.92 ? 19   ASP A O     1 
ATOM   99   C  CB    . ASP A 1 37  ? 3.939   -6.258  8.871   1.00 21.53 ? 19   ASP A CB    1 
ATOM   100  C  CG    . ASP A 1 37  ? 5.224   -7.020  8.562   1.00 24.05 ? 19   ASP A CG    1 
ATOM   101  O  OD1   . ASP A 1 37  ? 5.347   -7.551  7.438   1.00 23.76 ? 19   ASP A OD1   1 
ATOM   102  O  OD2   . ASP A 1 37  ? 6.117   -7.080  9.443   1.00 24.46 ? 19   ASP A OD2   1 
ATOM   103  N  N     . SER A 1 38  ? 0.896   -7.070  9.273   1.00 22.70 ? 20   SER A N     1 
ATOM   104  C  CA    . SER A 1 38  ? -0.382  -6.795  9.916   1.00 23.18 ? 20   SER A CA    1 
ATOM   105  C  C     . SER A 1 38  ? -0.201  -5.649  10.906  1.00 21.90 ? 20   SER A C     1 
ATOM   106  O  O     . SER A 1 38  ? 0.843   -5.535  11.542  1.00 21.08 ? 20   SER A O     1 
ATOM   107  C  CB    . SER A 1 38  ? -0.882  -8.039  10.647  1.00 26.77 ? 20   SER A CB    1 
ATOM   108  O  OG    . SER A 1 38  ? -0.039  -8.327  11.745  1.00 30.63 ? 20   SER A OG    1 
ATOM   109  N  N     . GLY A 1 39  ? -1.215  -4.798  11.015  1.00 21.55 ? 21   GLY A N     1 
ATOM   110  C  CA    . GLY A 1 39  ? -1.148  -3.670  11.923  1.00 21.47 ? 21   GLY A CA    1 
ATOM   111  C  C     . GLY A 1 39  ? -0.519  -2.400  11.368  1.00 20.56 ? 21   GLY A C     1 
ATOM   112  O  O     . GLY A 1 39  ? -0.516  -1.366  12.045  1.00 19.37 ? 21   GLY A O     1 
ATOM   113  N  N     . VAL A 1 40  ? -0.001  -2.445  10.144  1.00 20.06 ? 22   VAL A N     1 
ATOM   114  C  CA    . VAL A 1 40  ? 0.639   -1.252  9.576   1.00 18.60 ? 22   VAL A CA    1 
ATOM   115  C  C     . VAL A 1 40  ? -0.306  -0.159  9.083   1.00 18.09 ? 22   VAL A C     1 
ATOM   116  O  O     . VAL A 1 40  ? 0.112   0.987   8.909   1.00 19.38 ? 22   VAL A O     1 
ATOM   117  C  CB    . VAL A 1 40  ? 1.623   -1.612  8.435   1.00 18.24 ? 22   VAL A CB    1 
ATOM   118  C  CG1   . VAL A 1 40  ? 2.697   -2.553  8.967   1.00 14.83 ? 22   VAL A CG1   1 
ATOM   119  C  CG2   . VAL A 1 40  ? 0.879   -2.223  7.250   1.00 17.47 ? 22   VAL A CG2   1 
ATOM   120  N  N     . GLY A 1 41  ? -1.567  -0.502  8.850   1.00 16.64 ? 23   GLY A N     1 
ATOM   121  C  CA    . GLY A 1 41  ? -2.517  0.506   8.409   1.00 16.76 ? 23   GLY A CA    1 
ATOM   122  C  C     . GLY A 1 41  ? -3.110  0.320   7.025   1.00 16.29 ? 23   GLY A C     1 
ATOM   123  O  O     . GLY A 1 41  ? -3.758  1.225   6.505   1.00 17.41 ? 23   GLY A O     1 
ATOM   124  N  N     . LYS A 1 42  ? -2.893  -0.848  6.427   1.00 17.63 ? 24   LYS A N     1 
ATOM   125  C  CA    . LYS A 1 42  ? -3.415  -1.138  5.094   1.00 16.87 ? 24   LYS A CA    1 
ATOM   126  C  C     . LYS A 1 42  ? -4.918  -0.890  4.984   1.00 16.14 ? 24   LYS A C     1 
ATOM   127  O  O     . LYS A 1 42  ? -5.377  -0.165  4.100   1.00 14.78 ? 24   LYS A O     1 
ATOM   128  C  CB    . LYS A 1 42  ? -3.101  -2.595  4.706   1.00 17.79 ? 24   LYS A CB    1 
ATOM   129  C  CG    . LYS A 1 42  ? -1.606  -2.919  4.675   1.00 12.66 ? 24   LYS A CG    1 
ATOM   130  C  CD    . LYS A 1 42  ? -1.327  -4.334  4.181   1.00 16.98 ? 24   LYS A CD    1 
ATOM   131  C  CE    . LYS A 1 42  ? -1.946  -5.402  5.084   1.00 16.98 ? 24   LYS A CE    1 
ATOM   132  N  NZ    . LYS A 1 42  ? -1.384  -5.410  6.466   1.00 14.21 ? 24   LYS A NZ    1 
ATOM   133  N  N     . SER A 1 43  ? -5.688  -1.468  5.896   1.00 13.10 ? 25   SER A N     1 
ATOM   134  C  CA    . SER A 1 43  ? -7.133  -1.294  5.832   1.00 17.83 ? 25   SER A CA    1 
ATOM   135  C  C     . SER A 1 43  ? -7.661  0.122   6.019   1.00 18.79 ? 25   SER A C     1 
ATOM   136  O  O     . SER A 1 43  ? -8.612  0.520   5.346   1.00 14.29 ? 25   SER A O     1 
ATOM   137  C  CB    . SER A 1 43  ? -7.800  -2.227  6.823   1.00 18.15 ? 25   SER A CB    1 
ATOM   138  O  OG    . SER A 1 43  ? -7.582  -3.547  6.392   1.00 17.29 ? 25   SER A OG    1 
ATOM   139  N  N     . ASN A 1 44  ? -7.056  0.882   6.927   1.00 16.84 ? 26   ASN A N     1 
ATOM   140  C  CA    . ASN A 1 44  ? -7.507  2.249   7.149   1.00 21.10 ? 26   ASN A CA    1 
ATOM   141  C  C     . ASN A 1 44  ? -7.068  3.143   6.005   1.00 20.99 ? 26   ASN A C     1 
ATOM   142  O  O     . ASN A 1 44  ? -7.676  4.177   5.744   1.00 21.91 ? 26   ASN A O     1 
ATOM   143  C  CB    . ASN A 1 44  ? -6.987  2.762   8.492   1.00 20.04 ? 26   ASN A CB    1 
ATOM   144  C  CG    . ASN A 1 44  ? -7.919  2.407   9.636   1.00 21.02 ? 26   ASN A CG    1 
ATOM   145  O  OD1   . ASN A 1 44  ? -8.969  3.030   9.808   1.00 22.23 ? 26   ASN A OD1   1 
ATOM   146  N  ND2   . ASN A 1 44  ? -7.556  1.391   10.412  1.00 18.29 ? 26   ASN A ND2   1 
ATOM   147  N  N     . LEU A 1 45  ? -6.010  2.729   5.314   1.00 22.84 ? 27   LEU A N     1 
ATOM   148  C  CA    . LEU A 1 45  ? -5.497  3.474   4.174   1.00 21.78 ? 27   LEU A CA    1 
ATOM   149  C  C     . LEU A 1 45  ? -6.539  3.328   3.074   1.00 23.28 ? 27   LEU A C     1 
ATOM   150  O  O     . LEU A 1 45  ? -6.844  4.274   2.346   1.00 22.67 ? 27   LEU A O     1 
ATOM   151  C  CB    . LEU A 1 45  ? -4.168  2.864   3.736   1.00 24.60 ? 27   LEU A CB    1 
ATOM   152  C  CG    . LEU A 1 45  ? -2.934  3.736   3.496   1.00 24.18 ? 27   LEU A CG    1 
ATOM   153  C  CD1   . LEU A 1 45  ? -2.998  5.021   4.302   1.00 23.58 ? 27   LEU A CD1   1 
ATOM   154  C  CD2   . LEU A 1 45  ? -1.694  2.912   3.852   1.00 22.43 ? 27   LEU A CD2   1 
ATOM   155  N  N     . LEU A 1 46  ? -7.097  2.124   2.976   1.00 22.91 ? 28   LEU A N     1 
ATOM   156  C  CA    . LEU A 1 46  ? -8.109  1.828   1.978   1.00 22.71 ? 28   LEU A CA    1 
ATOM   157  C  C     . LEU A 1 46  ? -9.422  2.555   2.277   1.00 22.29 ? 28   LEU A C     1 
ATOM   158  O  O     . LEU A 1 46  ? -10.029 3.143   1.380   1.00 19.03 ? 28   LEU A O     1 
ATOM   159  C  CB    . LEU A 1 46  ? -8.362  0.317   1.909   1.00 22.36 ? 28   LEU A CB    1 
ATOM   160  C  CG    . LEU A 1 46  ? -9.394  -0.092  0.855   1.00 25.27 ? 28   LEU A CG    1 
ATOM   161  C  CD1   . LEU A 1 46  ? -8.975  0.471   -0.504  1.00 25.39 ? 28   LEU A CD1   1 
ATOM   162  C  CD2   . LEU A 1 46  ? -9.514  -1.594  0.790   1.00 23.42 ? 28   LEU A CD2   1 
ATOM   163  N  N     . SER A 1 47  ? -9.858  2.504   3.534   1.00 20.92 ? 29   SER A N     1 
ATOM   164  C  CA    . SER A 1 47  ? -11.105 3.156   3.938   1.00 23.75 ? 29   SER A CA    1 
ATOM   165  C  C     . SER A 1 47  ? -11.015 4.675   3.843   1.00 24.76 ? 29   SER A C     1 
ATOM   166  O  O     . SER A 1 47  ? -12.006 5.344   3.566   1.00 23.36 ? 29   SER A O     1 
ATOM   167  C  CB    . SER A 1 47  ? -11.491 2.755   5.368   1.00 24.64 ? 29   SER A CB    1 
ATOM   168  O  OG    . SER A 1 47  ? -10.510 3.155   6.307   1.00 24.14 ? 29   SER A OG    1 
ATOM   169  N  N     . ARG A 1 48  ? -9.824  5.213   4.075   1.00 24.78 ? 30   ARG A N     1 
ATOM   170  C  CA    . ARG A 1 48  ? -9.609  6.655   4.015   1.00 26.61 ? 30   ARG A CA    1 
ATOM   171  C  C     . ARG A 1 48  ? -9.709  7.114   2.571   1.00 27.96 ? 30   ARG A C     1 
ATOM   172  O  O     . ARG A 1 48  ? -10.317 8.143   2.275   1.00 28.66 ? 30   ARG A O     1 
ATOM   173  C  CB    . ARG A 1 48  ? -8.226  7.010   4.572   1.00 27.34 ? 30   ARG A CB    1 
ATOM   174  C  CG    . ARG A 1 48  ? -7.858  8.493   4.497   1.00 30.28 ? 30   ARG A CG    1 
ATOM   175  C  CD    . ARG A 1 48  ? -7.948  9.171   5.863   1.00 33.03 ? 30   ARG A CD    1 
ATOM   176  N  NE    . ARG A 1 48  ? -9.320  9.507   6.227   1.00 31.49 ? 30   ARG A NE    1 
ATOM   177  C  CZ    . ARG A 1 48  ? -9.690  10.017  7.400   1.00 33.33 ? 30   ARG A CZ    1 
ATOM   178  N  NH1   . ARG A 1 48  ? -10.970 10.294  7.621   1.00 33.03 ? 30   ARG A NH1   1 
ATOM   179  N  NH2   . ARG A 1 48  ? -8.796  10.240  8.355   1.00 30.23 ? 30   ARG A NH2   1 
ATOM   180  N  N     . PHE A 1 49  ? -9.122  6.337   1.668   1.00 28.07 ? 31   PHE A N     1 
ATOM   181  C  CA    . PHE A 1 49  ? -9.140  6.684   0.259   1.00 29.39 ? 31   PHE A CA    1 
ATOM   182  C  C     . PHE A 1 49  ? -10.499 6.462   -0.404  1.00 29.57 ? 31   PHE A C     1 
ATOM   183  O  O     . PHE A 1 49  ? -10.934 7.278   -1.217  1.00 28.19 ? 31   PHE A O     1 
ATOM   184  C  CB    . PHE A 1 49  ? -8.067  5.892   -0.491  1.00 29.03 ? 31   PHE A CB    1 
ATOM   185  C  CG    . PHE A 1 49  ? -8.022  6.182   -1.969  1.00 28.86 ? 31   PHE A CG    1 
ATOM   186  C  CD1   . PHE A 1 49  ? -7.816  7.476   -2.431  1.00 30.15 ? 31   PHE A CD1   1 
ATOM   187  C  CD2   . PHE A 1 49  ? -8.202  5.162   -2.897  1.00 29.32 ? 31   PHE A CD2   1 
ATOM   188  C  CE1   . PHE A 1 49  ? -7.792  7.758   -3.798  1.00 30.12 ? 31   PHE A CE1   1 
ATOM   189  C  CE2   . PHE A 1 49  ? -8.179  5.428   -4.268  1.00 31.02 ? 31   PHE A CE2   1 
ATOM   190  C  CZ    . PHE A 1 49  ? -7.974  6.733   -4.718  1.00 30.83 ? 31   PHE A CZ    1 
ATOM   191  N  N     . THR A 1 50  ? -11.180 5.376   -0.049  1.00 29.21 ? 32   THR A N     1 
ATOM   192  C  CA    . THR A 1 50  ? -12.466 5.083   -0.672  1.00 29.73 ? 32   THR A CA    1 
ATOM   193  C  C     . THR A 1 50  ? -13.711 5.637   0.014   1.00 31.41 ? 32   THR A C     1 
ATOM   194  O  O     . THR A 1 50  ? -14.705 5.917   -0.651  1.00 32.94 ? 32   THR A O     1 
ATOM   195  C  CB    . THR A 1 50  ? -12.648 3.573   -0.850  1.00 27.71 ? 32   THR A CB    1 
ATOM   196  O  OG1   . THR A 1 50  ? -12.740 2.940   0.437   1.00 25.98 ? 32   THR A OG1   1 
ATOM   197  C  CG2   . THR A 1 50  ? -11.471 3.002   -1.620  1.00 25.29 ? 32   THR A CG2   1 
ATOM   198  N  N     . ARG A 1 51  ? -13.670 5.805   1.331   1.00 32.19 ? 33   ARG A N     1 
ATOM   199  C  CA    . ARG A 1 51  ? -14.846 6.306   2.037   1.00 35.48 ? 33   ARG A CA    1 
ATOM   200  C  C     . ARG A 1 51  ? -14.527 7.460   2.967   1.00 35.43 ? 33   ARG A C     1 
ATOM   201  O  O     . ARG A 1 51  ? -15.379 7.884   3.744   1.00 35.29 ? 33   ARG A O     1 
ATOM   202  C  CB    . ARG A 1 51  ? -15.492 5.194   2.866   1.00 38.23 ? 33   ARG A CB    1 
ATOM   203  C  CG    . ARG A 1 51  ? -15.879 3.985   2.078   1.00 42.95 ? 33   ARG A CG    1 
ATOM   204  C  CD    . ARG A 1 51  ? -16.810 3.187   2.841   1.00 44.25 ? 33   ARG A CD    1 
ATOM   205  N  NE    . ARG A 1 51  ? -16.473 2.456   4.079   1.00 47.82 ? 33   ARG A NE    1 
ATOM   206  C  CZ    . ARG A 1 51  ? -15.275 2.026   4.397   1.00 49.83 ? 33   ARG A CZ    1 
ATOM   207  N  NH1   . ARG A 1 51  ? -14.951 0.721   4.663   1.00 50.68 ? 33   ARG A NH1   1 
ATOM   208  N  NH2   . ARG A 1 51  ? -14.519 2.891   5.038   1.00 52.41 ? 33   ARG A NH2   1 
ATOM   209  N  N     . ASN A 1 52  ? -13.296 7.954   2.905   1.00 36.50 ? 34   ASN A N     1 
ATOM   210  C  CA    . ASN A 1 52  ? -12.896 9.063   3.756   1.00 37.58 ? 34   ASN A CA    1 
ATOM   211  C  C     . ASN A 1 52  ? -13.234 8.738   5.210   1.00 38.19 ? 34   ASN A C     1 
ATOM   212  O  O     . ASN A 1 52  ? -13.732 9.590   5.950   1.00 37.48 ? 34   ASN A O     1 
ATOM   213  C  CB    . ASN A 1 52  ? -13.635 10.334  3.335   1.00 39.93 ? 34   ASN A CB    1 
ATOM   214  C  CG    . ASN A 1 52  ? -13.028 11.590  3.936   1.00 41.73 ? 34   ASN A CG    1 
ATOM   215  O  OD1   . ASN A 1 52  ? -13.672 12.637  3.988   1.00 41.68 ? 34   ASN A OD1   1 
ATOM   216  N  ND2   . ASN A 1 52  ? -11.779 11.493  4.379   1.00 39.98 ? 34   ASN A ND2   1 
ATOM   217  N  N     . GLU A 1 53  ? -12.971 7.497   5.611   1.00 37.30 ? 35   GLU A N     1 
ATOM   218  C  CA    . GLU A 1 53  ? -13.244 7.059   6.974   1.00 37.20 ? 35   GLU A CA    1 
ATOM   219  C  C     . GLU A 1 53  ? -12.002 6.454   7.626   1.00 35.59 ? 35   GLU A C     1 
ATOM   220  O  O     . GLU A 1 53  ? -11.121 5.927   6.943   1.00 34.30 ? 35   GLU A O     1 
ATOM   221  C  CB    . GLU A 1 53  ? -14.383 6.037   6.978   1.00 39.09 ? 35   GLU A CB    1 
ATOM   222  C  CG    . GLU A 1 53  ? -15.733 6.614   6.589   1.00 43.83 ? 35   GLU A CG    1 
ATOM   223  C  CD    . GLU A 1 53  ? -16.833 5.570   6.582   1.00 47.75 ? 35   GLU A CD    1 
ATOM   224  O  OE1   . GLU A 1 53  ? -18.005 5.937   6.330   1.00 49.25 ? 35   GLU A OE1   1 
ATOM   225  O  OE2   . GLU A 1 53  ? -16.523 4.382   6.825   1.00 48.52 ? 35   GLU A OE2   1 
ATOM   226  N  N     . PHE A 1 54  ? -11.939 6.538   8.952   1.00 33.66 ? 36   PHE A N     1 
ATOM   227  C  CA    . PHE A 1 54  ? -10.816 5.996   9.707   1.00 32.72 ? 36   PHE A CA    1 
ATOM   228  C  C     . PHE A 1 54  ? -11.312 5.468   11.044  1.00 34.00 ? 36   PHE A C     1 
ATOM   229  O  O     . PHE A 1 54  ? -12.097 6.125   11.726  1.00 33.31 ? 36   PHE A O     1 
ATOM   230  C  CB    . PHE A 1 54  ? -9.769  7.082   9.962   1.00 32.20 ? 36   PHE A CB    1 
ATOM   231  C  CG    . PHE A 1 54  ? -8.563  6.595   10.715  1.00 31.38 ? 36   PHE A CG    1 
ATOM   232  C  CD1   . PHE A 1 54  ? -7.493  6.011   10.042  1.00 32.04 ? 36   PHE A CD1   1 
ATOM   233  C  CD2   . PHE A 1 54  ? -8.499  6.707   12.098  1.00 31.43 ? 36   PHE A CD2   1 
ATOM   234  C  CE1   . PHE A 1 54  ? -6.379  5.545   10.740  1.00 30.42 ? 36   PHE A CE1   1 
ATOM   235  C  CE2   . PHE A 1 54  ? -7.389  6.243   12.804  1.00 31.76 ? 36   PHE A CE2   1 
ATOM   236  C  CZ    . PHE A 1 54  ? -6.328  5.662   12.121  1.00 30.95 ? 36   PHE A CZ    1 
ATOM   237  N  N     . ASN A 1 55  ? -10.852 4.283   11.424  1.00 34.71 ? 37   ASN A N     1 
ATOM   238  C  CA    . ASN A 1 55  ? -11.256 3.702   12.692  1.00 37.03 ? 37   ASN A CA    1 
ATOM   239  C  C     . ASN A 1 55  ? -10.023 3.262   13.472  1.00 37.54 ? 37   ASN A C     1 
ATOM   240  O  O     . ASN A 1 55  ? -9.166  2.550   12.949  1.00 35.48 ? 37   ASN A O     1 
ATOM   241  C  CB    . ASN A 1 55  ? -12.192 2.516   12.451  1.00 40.13 ? 37   ASN A CB    1 
ATOM   242  C  CG    . ASN A 1 55  ? -13.074 2.220   13.648  1.00 43.61 ? 37   ASN A CG    1 
ATOM   243  O  OD1   . ASN A 1 55  ? -12.618 1.664   14.654  1.00 44.70 ? 37   ASN A OD1   1 
ATOM   244  N  ND2   . ASN A 1 55  ? -14.346 2.607   13.551  1.00 43.87 ? 37   ASN A ND2   1 
ATOM   245  N  N     . LEU A 1 56  ? -9.937  3.700   14.724  1.00 38.42 ? 38   LEU A N     1 
ATOM   246  C  CA    . LEU A 1 56  ? -8.812  3.369   15.588  1.00 40.05 ? 38   LEU A CA    1 
ATOM   247  C  C     . LEU A 1 56  ? -8.906  1.946   16.144  1.00 40.86 ? 38   LEU A C     1 
ATOM   248  O  O     . LEU A 1 56  ? -7.921  1.405   16.652  1.00 40.43 ? 38   LEU A O     1 
ATOM   249  C  CB    . LEU A 1 56  ? -8.725  4.380   16.735  1.00 42.56 ? 38   LEU A CB    1 
ATOM   250  C  CG    . LEU A 1 56  ? -7.463  4.333   17.601  1.00 44.81 ? 38   LEU A CG    1 
ATOM   251  C  CD1   . LEU A 1 56  ? -6.227  4.557   16.731  1.00 45.57 ? 38   LEU A CD1   1 
ATOM   252  C  CD2   . LEU A 1 56  ? -7.554  5.401   18.682  1.00 46.22 ? 38   LEU A CD2   1 
ATOM   253  N  N     . GLU A 1 57  ? -10.088 1.342   16.051  1.00 40.57 ? 39   GLU A N     1 
ATOM   254  C  CA    . GLU A 1 57  ? -10.283 -0.025  16.529  1.00 42.88 ? 39   GLU A CA    1 
ATOM   255  C  C     . GLU A 1 57  ? -9.668  -0.995  15.513  1.00 43.98 ? 39   GLU A C     1 
ATOM   256  O  O     . GLU A 1 57  ? -10.163 -1.121  14.391  1.00 43.92 ? 39   GLU A O     1 
ATOM   257  C  CB    . GLU A 1 57  ? -11.771 -0.316  16.699  1.00 42.56 ? 39   GLU A CB    1 
ATOM   258  N  N     . SER A 1 58  ? -8.595  -1.679  15.912  1.00 44.54 ? 40   SER A N     1 
ATOM   259  C  CA    . SER A 1 58  ? -7.908  -2.615  15.021  1.00 44.79 ? 40   SER A CA    1 
ATOM   260  C  C     . SER A 1 58  ? -8.585  -3.978  14.887  1.00 44.43 ? 40   SER A C     1 
ATOM   261  O  O     . SER A 1 58  ? -8.786  -4.692  15.879  1.00 45.18 ? 40   SER A O     1 
ATOM   262  C  CB    . SER A 1 58  ? -6.458  -2.824  15.480  1.00 44.63 ? 40   SER A CB    1 
ATOM   263  O  OG    . SER A 1 58  ? -6.394  -3.530  16.708  1.00 45.20 ? 40   SER A OG    1 
ATOM   264  N  N     . LYS A 1 59  ? -8.928  -4.330  13.650  1.00 42.28 ? 41   LYS A N     1 
ATOM   265  C  CA    . LYS A 1 59  ? -9.556  -5.612  13.353  1.00 39.08 ? 41   LYS A CA    1 
ATOM   266  C  C     . LYS A 1 59  ? -8.845  -6.255  12.164  1.00 36.26 ? 41   LYS A C     1 
ATOM   267  O  O     . LYS A 1 59  ? -8.913  -5.747  11.042  1.00 33.87 ? 41   LYS A O     1 
ATOM   268  C  CB    . LYS A 1 59  ? -11.031 -5.414  13.040  1.00 40.20 ? 41   LYS A CB    1 
ATOM   269  N  N     . SER A 1 60  ? -8.155  -7.362  12.420  1.00 32.90 ? 42   SER A N     1 
ATOM   270  C  CA    . SER A 1 60  ? -7.437  -8.072  11.370  1.00 32.06 ? 42   SER A CA    1 
ATOM   271  C  C     . SER A 1 60  ? -8.396  -8.335  10.217  1.00 30.58 ? 42   SER A C     1 
ATOM   272  O  O     . SER A 1 60  ? -9.537  -8.755  10.421  1.00 30.35 ? 42   SER A O     1 
ATOM   273  C  CB    . SER A 1 60  ? -6.874  -9.394  11.900  1.00 33.78 ? 42   SER A CB    1 
ATOM   274  O  OG    . SER A 1 60  ? -7.906  -10.211 12.432  1.00 36.27 ? 42   SER A OG    1 
ATOM   275  N  N     . THR A 1 61  ? -7.931  -8.081  9.003   1.00 27.38 ? 43   THR A N     1 
ATOM   276  C  CA    . THR A 1 61  ? -8.767  -8.263  7.834   1.00 25.57 ? 43   THR A CA    1 
ATOM   277  C  C     . THR A 1 61  ? -9.140  -9.704  7.555   1.00 24.59 ? 43   THR A C     1 
ATOM   278  O  O     . THR A 1 61  ? -8.303  -10.602 7.630   1.00 24.99 ? 43   THR A O     1 
ATOM   279  C  CB    . THR A 1 61  ? -8.097  -7.654  6.591   1.00 24.43 ? 43   THR A CB    1 
ATOM   280  O  OG1   . THR A 1 61  ? -8.092  -6.237  6.732   1.00 20.47 ? 43   THR A OG1   1 
ATOM   281  C  CG2   . THR A 1 61  ? -8.854  -8.019  5.317   1.00 23.06 ? 43   THR A CG2   1 
ATOM   282  N  N     . ILE A 1 62  ? -10.414 -9.904  7.224   1.00 23.69 ? 44   ILE A N     1 
ATOM   283  C  CA    . ILE A 1 62  ? -10.951 -11.224 6.910   1.00 25.35 ? 44   ILE A CA    1 
ATOM   284  C  C     . ILE A 1 62  ? -10.877 -11.505 5.412   1.00 23.83 ? 44   ILE A C     1 
ATOM   285  O  O     . ILE A 1 62  ? -11.316 -10.686 4.596   1.00 22.87 ? 44   ILE A O     1 
ATOM   286  C  CB    . ILE A 1 62  ? -12.431 -11.336 7.378   1.00 25.00 ? 44   ILE A CB    1 
ATOM   287  C  CG1   . ILE A 1 62  ? -12.480 -11.343 8.905   1.00 24.04 ? 44   ILE A CG1   1 
ATOM   288  C  CG2   . ILE A 1 62  ? -13.087 -12.589 6.792   1.00 26.21 ? 44   ILE A CG2   1 
ATOM   289  C  CD1   . ILE A 1 62  ? -13.887 -11.338 9.480   1.00 26.58 ? 44   ILE A CD1   1 
ATOM   290  N  N     . GLY A 1 63  ? -10.311 -12.662 5.062   1.00 23.67 ? 45   GLY A N     1 
ATOM   291  C  CA    . GLY A 1 63  ? -10.186 -13.064 3.668   1.00 23.53 ? 45   GLY A CA    1 
ATOM   292  C  C     . GLY A 1 63  ? -9.566  -11.992 2.793   1.00 23.89 ? 45   GLY A C     1 
ATOM   293  O  O     . GLY A 1 63  ? -8.478  -11.489 3.092   1.00 24.93 ? 45   GLY A O     1 
ATOM   294  N  N     . VAL A 1 64  ? -10.243 -11.665 1.695   1.00 24.54 ? 46   VAL A N     1 
ATOM   295  C  CA    . VAL A 1 64  ? -9.790  -10.621 0.788   1.00 23.94 ? 46   VAL A CA    1 
ATOM   296  C  C     . VAL A 1 64  ? -10.924 -9.599  0.660   1.00 25.84 ? 46   VAL A C     1 
ATOM   297  O  O     . VAL A 1 64  ? -12.080 -9.969  0.439   1.00 23.97 ? 46   VAL A O     1 
ATOM   298  C  CB    . VAL A 1 64  ? -9.445  -11.180 -0.619  1.00 26.31 ? 46   VAL A CB    1 
ATOM   299  C  CG1   . VAL A 1 64  ? -9.078  -10.034 -1.557  1.00 25.37 ? 46   VAL A CG1   1 
ATOM   300  C  CG2   . VAL A 1 64  ? -8.295  -12.172 -0.527  1.00 23.55 ? 46   VAL A CG2   1 
ATOM   301  N  N     . GLU A 1 65  ? -10.589 -8.322  0.831   1.00 25.82 ? 47   GLU A N     1 
ATOM   302  C  CA    . GLU A 1 65  ? -11.565 -7.239  0.730   1.00 27.69 ? 47   GLU A CA    1 
ATOM   303  C  C     . GLU A 1 65  ? -11.297 -6.420  -0.529  1.00 28.05 ? 47   GLU A C     1 
ATOM   304  O  O     . GLU A 1 65  ? -10.155 -6.300  -0.971  1.00 26.13 ? 47   GLU A O     1 
ATOM   305  C  CB    . GLU A 1 65  ? -11.489 -6.322  1.959   1.00 29.74 ? 47   GLU A CB    1 
ATOM   306  C  CG    . GLU A 1 65  ? -12.060 -6.915  3.238   1.00 36.46 ? 47   GLU A CG    1 
ATOM   307  C  CD    . GLU A 1 65  ? -13.581 -6.984  3.233   1.00 42.57 ? 47   GLU A CD    1 
ATOM   308  O  OE1   . GLU A 1 65  ? -14.147 -7.724  4.071   1.00 44.24 ? 47   GLU A OE1   1 
ATOM   309  O  OE2   . GLU A 1 65  ? -14.218 -6.291  2.403   1.00 46.37 ? 47   GLU A OE2   1 
ATOM   310  N  N     . PHE A 1 66  ? -12.362 -5.853  -1.090  1.00 28.81 ? 48   PHE A N     1 
ATOM   311  C  CA    . PHE A 1 66  ? -12.279 -5.049  -2.304  1.00 30.10 ? 48   PHE A CA    1 
ATOM   312  C  C     . PHE A 1 66  ? -12.945 -3.691  -2.091  1.00 30.36 ? 48   PHE A C     1 
ATOM   313  O  O     . PHE A 1 66  ? -13.975 -3.585  -1.418  1.00 28.06 ? 48   PHE A O     1 
ATOM   314  C  CB    . PHE A 1 66  ? -12.995 -5.761  -3.460  1.00 32.88 ? 48   PHE A CB    1 
ATOM   315  C  CG    . PHE A 1 66  ? -12.600 -7.202  -3.631  1.00 33.45 ? 48   PHE A CG    1 
ATOM   316  C  CD1   . PHE A 1 66  ? -11.610 -7.567  -4.537  1.00 33.18 ? 48   PHE A CD1   1 
ATOM   317  C  CD2   . PHE A 1 66  ? -13.226 -8.197  -2.881  1.00 33.22 ? 48   PHE A CD2   1 
ATOM   318  C  CE1   . PHE A 1 66  ? -11.248 -8.902  -4.697  1.00 35.03 ? 48   PHE A CE1   1 
ATOM   319  C  CE2   . PHE A 1 66  ? -12.870 -9.537  -3.032  1.00 33.08 ? 48   PHE A CE2   1 
ATOM   320  C  CZ    . PHE A 1 66  ? -11.882 -9.893  -3.941  1.00 34.40 ? 48   PHE A CZ    1 
ATOM   321  N  N     . ALA A 1 67  ? -12.346 -2.657  -2.671  1.00 30.86 ? 49   ALA A N     1 
ATOM   322  C  CA    . ALA A 1 67  ? -12.881 -1.302  -2.581  1.00 31.76 ? 49   ALA A CA    1 
ATOM   323  C  C     . ALA A 1 67  ? -12.552 -0.590  -3.889  1.00 32.40 ? 49   ALA A C     1 
ATOM   324  O  O     . ALA A 1 67  ? -11.554 -0.896  -4.542  1.00 31.75 ? 49   ALA A O     1 
ATOM   325  C  CB    . ALA A 1 67  ? -12.274 -0.565  -1.399  1.00 31.98 ? 49   ALA A CB    1 
ATOM   326  N  N     . THR A 1 68  ? -13.391 0.359   -4.276  1.00 32.75 ? 50   THR A N     1 
ATOM   327  C  CA    . THR A 1 68  ? -13.176 1.054   -5.530  1.00 33.49 ? 50   THR A CA    1 
ATOM   328  C  C     . THR A 1 68  ? -13.285 2.567   -5.418  1.00 32.93 ? 50   THR A C     1 
ATOM   329  O  O     . THR A 1 68  ? -13.885 3.102   -4.489  1.00 31.24 ? 50   THR A O     1 
ATOM   330  C  CB    . THR A 1 68  ? -14.177 0.552   -6.598  1.00 34.75 ? 50   THR A CB    1 
ATOM   331  O  OG1   . THR A 1 68  ? -13.923 1.212   -7.844  1.00 37.94 ? 50   THR A OG1   1 
ATOM   332  C  CG2   . THR A 1 68  ? -15.596 0.846   -6.169  1.00 35.38 ? 50   THR A CG2   1 
ATOM   333  N  N     . ARG A 1 69  ? -12.682 3.246   -6.383  1.00 32.61 ? 51   ARG A N     1 
ATOM   334  C  CA    . ARG A 1 69  ? -12.691 4.695   -6.436  1.00 32.61 ? 51   ARG A CA    1 
ATOM   335  C  C     . ARG A 1 69  ? -12.204 5.115   -7.808  1.00 33.07 ? 51   ARG A C     1 
ATOM   336  O  O     . ARG A 1 69  ? -11.326 4.480   -8.383  1.00 31.38 ? 51   ARG A O     1 
ATOM   337  C  CB    . ARG A 1 69  ? -11.761 5.276   -5.375  1.00 33.21 ? 51   ARG A CB    1 
ATOM   338  C  CG    . ARG A 1 69  ? -11.389 6.731   -5.631  1.00 36.18 ? 51   ARG A CG    1 
ATOM   339  C  CD    . ARG A 1 69  ? -12.489 7.685   -5.230  1.00 36.54 ? 51   ARG A CD    1 
ATOM   340  N  NE    . ARG A 1 69  ? -12.147 8.351   -3.980  1.00 37.70 ? 51   ARG A NE    1 
ATOM   341  C  CZ    . ARG A 1 69  ? -11.266 9.342   -3.875  1.00 38.33 ? 51   ARG A CZ    1 
ATOM   342  N  NH1   . ARG A 1 69  ? -10.640 9.797   -4.951  1.00 37.37 ? 51   ARG A NH1   1 
ATOM   343  N  NH2   . ARG A 1 69  ? -10.987 9.861   -2.686  1.00 38.27 ? 51   ARG A NH2   1 
ATOM   344  N  N     . SER A 1 70  ? -12.780 6.184   -8.339  1.00 34.49 ? 52   SER A N     1 
ATOM   345  C  CA    . SER A 1 70  ? -12.362 6.672   -9.641  1.00 36.18 ? 52   SER A CA    1 
ATOM   346  C  C     . SER A 1 70  ? -11.747 8.050   -9.508  1.00 37.78 ? 52   SER A C     1 
ATOM   347  O  O     . SER A 1 70  ? -12.122 8.838   -8.634  1.00 37.43 ? 52   SER A O     1 
ATOM   348  C  CB    . SER A 1 70  ? -13.545 6.727   -10.602 1.00 36.31 ? 52   SER A CB    1 
ATOM   349  O  OG    . SER A 1 70  ? -14.057 5.430   -10.835 1.00 38.25 ? 52   SER A OG    1 
ATOM   350  N  N     . ILE A 1 71  ? -10.777 8.324   -10.366 1.00 37.85 ? 53   ILE A N     1 
ATOM   351  C  CA    . ILE A 1 71  ? -10.115 9.616   -10.373 1.00 39.09 ? 53   ILE A CA    1 
ATOM   352  C  C     . ILE A 1 71  ? -9.860  10.000  -11.822 1.00 39.11 ? 53   ILE A C     1 
ATOM   353  O  O     . ILE A 1 71  ? -10.051 9.189   -12.730 1.00 37.01 ? 53   ILE A O     1 
ATOM   354  C  CB    . ILE A 1 71  ? -8.761  9.583   -9.623  1.00 38.49 ? 53   ILE A CB    1 
ATOM   355  C  CG1   . ILE A 1 71  ? -7.787  8.640   -10.334 1.00 39.17 ? 53   ILE A CG1   1 
ATOM   356  C  CG2   . ILE A 1 71  ? -8.979  9.160   -8.183  1.00 39.17 ? 53   ILE A CG2   1 
ATOM   357  C  CD1   . ILE A 1 71  ? -6.342  8.811   -9.901  1.00 38.58 ? 53   ILE A CD1   1 
ATOM   358  N  N     . GLN A 1 72  ? -9.435  11.240  -12.029 1.00 41.21 ? 54   GLN A N     1 
ATOM   359  C  CA    . GLN A 1 72  ? -9.141  11.732  -13.365 1.00 43.31 ? 54   GLN A CA    1 
ATOM   360  C  C     . GLN A 1 72  ? -7.627  11.751  -13.542 1.00 42.94 ? 54   GLN A C     1 
ATOM   361  O  O     . GLN A 1 72  ? -6.895  12.161  -12.638 1.00 43.34 ? 54   GLN A O     1 
ATOM   362  C  CB    . GLN A 1 72  ? -9.696  13.145  -13.545 1.00 46.08 ? 54   GLN A CB    1 
ATOM   363  C  CG    . GLN A 1 72  ? -9.556  13.697  -14.959 1.00 50.37 ? 54   GLN A CG    1 
ATOM   364  C  CD    . GLN A 1 72  ? -9.860  15.182  -15.029 1.00 53.93 ? 54   GLN A CD    1 
ATOM   365  O  OE1   . GLN A 1 72  ? -9.514  15.941  -14.117 1.00 55.31 ? 54   GLN A OE1   1 
ATOM   366  N  NE2   . GLN A 1 72  ? -10.487 15.612  -16.121 1.00 53.80 ? 54   GLN A NE2   1 
ATOM   367  N  N     . VAL A 1 73  ? -7.168  11.286  -14.698 1.00 42.90 ? 55   VAL A N     1 
ATOM   368  C  CA    . VAL A 1 73  ? -5.749  11.264  -15.019 1.00 43.17 ? 55   VAL A CA    1 
ATOM   369  C  C     . VAL A 1 73  ? -5.610  11.526  -16.511 1.00 43.30 ? 55   VAL A C     1 
ATOM   370  O  O     . VAL A 1 73  ? -5.965  10.678  -17.334 1.00 43.88 ? 55   VAL A O     1 
ATOM   371  C  CB    . VAL A 1 73  ? -5.095  9.896   -14.691 1.00 43.67 ? 55   VAL A CB    1 
ATOM   372  C  CG1   . VAL A 1 73  ? -3.616  9.923   -15.058 1.00 43.39 ? 55   VAL A CG1   1 
ATOM   373  C  CG2   . VAL A 1 73  ? -5.255  9.577   -13.217 1.00 42.98 ? 55   VAL A CG2   1 
ATOM   374  N  N     . ASP A 1 74  ? -5.108  12.709  -16.851 1.00 42.54 ? 56   ASP A N     1 
ATOM   375  C  CA    . ASP A 1 74  ? -4.913  13.099  -18.241 1.00 42.24 ? 56   ASP A CA    1 
ATOM   376  C  C     . ASP A 1 74  ? -6.241  13.199  -18.991 1.00 41.65 ? 56   ASP A C     1 
ATOM   377  O  O     . ASP A 1 74  ? -6.340  12.812  -20.156 1.00 42.20 ? 56   ASP A O     1 
ATOM   378  C  CB    . ASP A 1 74  ? -3.978  12.102  -18.937 1.00 42.83 ? 56   ASP A CB    1 
ATOM   379  C  CG    . ASP A 1 74  ? -3.482  12.603  -20.284 1.00 43.69 ? 56   ASP A CG    1 
ATOM   380  O  OD1   . ASP A 1 74  ? -3.118  13.798  -20.382 1.00 42.75 ? 56   ASP A OD1   1 
ATOM   381  O  OD2   . ASP A 1 74  ? -3.442  11.798  -21.240 1.00 43.66 ? 56   ASP A OD2   1 
ATOM   382  N  N     . GLY A 1 75  ? -7.259  13.718  -18.313 1.00 40.96 ? 57   GLY A N     1 
ATOM   383  C  CA    . GLY A 1 75  ? -8.563  13.874  -18.933 1.00 40.92 ? 57   GLY A CA    1 
ATOM   384  C  C     . GLY A 1 75  ? -9.409  12.619  -18.945 1.00 41.49 ? 57   GLY A C     1 
ATOM   385  O  O     . GLY A 1 75  ? -10.585 12.664  -19.299 1.00 41.66 ? 57   GLY A O     1 
ATOM   386  N  N     . LYS A 1 76  ? -8.814  11.498  -18.549 1.00 41.03 ? 58   LYS A N     1 
ATOM   387  C  CA    . LYS A 1 76  ? -9.521  10.223  -18.534 1.00 40.20 ? 58   LYS A CA    1 
ATOM   388  C  C     . LYS A 1 76  ? -9.945  9.764   -17.140 1.00 39.08 ? 58   LYS A C     1 
ATOM   389  O  O     . LYS A 1 76  ? -9.395  10.201  -16.121 1.00 37.82 ? 58   LYS A O     1 
ATOM   390  C  CB    . LYS A 1 76  ? -8.660  9.138   -19.197 1.00 41.88 ? 58   LYS A CB    1 
ATOM   391  C  CG    . LYS A 1 76  ? -8.898  8.980   -20.697 1.00 44.38 ? 58   LYS A CG    1 
ATOM   392  C  CD    . LYS A 1 76  ? -8.545  10.232  -21.490 1.00 46.79 ? 58   LYS A CD    1 
ATOM   393  C  CE    . LYS A 1 76  ? -7.113  10.179  -22.001 1.00 48.82 ? 58   LYS A CE    1 
ATOM   394  N  NZ    . LYS A 1 76  ? -6.726  11.427  -22.724 1.00 49.53 ? 58   LYS A NZ    1 
ATOM   395  N  N     . THR A 1 77  ? -10.935 8.876   -17.112 1.00 37.75 ? 59   THR A N     1 
ATOM   396  C  CA    . THR A 1 77  ? -11.468 8.337   -15.870 1.00 36.96 ? 59   THR A CA    1 
ATOM   397  C  C     . THR A 1 77  ? -10.833 6.994   -15.529 1.00 35.68 ? 59   THR A C     1 
ATOM   398  O  O     . THR A 1 77  ? -11.014 6.015   -16.250 1.00 35.19 ? 59   THR A O     1 
ATOM   399  C  CB    . THR A 1 77  ? -12.991 8.145   -15.971 1.00 37.72 ? 59   THR A CB    1 
ATOM   400  O  OG1   . THR A 1 77  ? -13.598 9.385   -16.351 1.00 39.79 ? 59   THR A OG1   1 
ATOM   401  C  CG2   . THR A 1 77  ? -13.566 7.692   -14.630 1.00 36.71 ? 59   THR A CG2   1 
ATOM   402  N  N     . ILE A 1 78  ? -10.096 6.954   -14.426 1.00 33.86 ? 60   ILE A N     1 
ATOM   403  C  CA    . ILE A 1 78  ? -9.441  5.722   -14.007 1.00 32.86 ? 60   ILE A CA    1 
ATOM   404  C  C     . ILE A 1 78  ? -10.142 5.091   -12.815 1.00 31.77 ? 60   ILE A C     1 
ATOM   405  O  O     . ILE A 1 78  ? -10.179 5.669   -11.729 1.00 30.54 ? 60   ILE A O     1 
ATOM   406  C  CB    . ILE A 1 78  ? -7.957  5.969   -13.631 1.00 34.65 ? 60   ILE A CB    1 
ATOM   407  C  CG1   . ILE A 1 78  ? -7.238  6.659   -14.792 1.00 35.28 ? 60   ILE A CG1   1 
ATOM   408  C  CG2   . ILE A 1 78  ? -7.270  4.647   -13.301 1.00 34.08 ? 60   ILE A CG2   1 
ATOM   409  C  CD1   . ILE A 1 78  ? -7.407  5.953   -16.117 1.00 36.80 ? 60   ILE A CD1   1 
ATOM   410  N  N     . LYS A 1 79  ? -10.708 3.908   -13.029 1.00 29.69 ? 61   LYS A N     1 
ATOM   411  C  CA    . LYS A 1 79  ? -11.388 3.197   -11.960 1.00 29.21 ? 61   LYS A CA    1 
ATOM   412  C  C     . LYS A 1 79  ? -10.334 2.383   -11.222 1.00 27.61 ? 61   LYS A C     1 
ATOM   413  O  O     . LYS A 1 79  ? -9.726  1.477   -11.792 1.00 27.11 ? 61   LYS A O     1 
ATOM   414  C  CB    . LYS A 1 79  ? -12.456 2.271   -12.537 1.00 31.19 ? 61   LYS A CB    1 
ATOM   415  C  CG    . LYS A 1 79  ? -13.297 1.553   -11.496 1.00 35.83 ? 61   LYS A CG    1 
ATOM   416  C  CD    . LYS A 1 79  ? -14.329 0.665   -12.181 1.00 39.92 ? 61   LYS A CD    1 
ATOM   417  C  CE    . LYS A 1 79  ? -15.358 0.120   -11.198 1.00 43.43 ? 61   LYS A CE    1 
ATOM   418  N  NZ    . LYS A 1 79  ? -16.189 1.213   -10.603 1.00 44.11 ? 61   LYS A NZ    1 
ATOM   419  N  N     . ALA A 1 80  ? -10.101 2.728   -9.962  1.00 25.40 ? 62   ALA A N     1 
ATOM   420  C  CA    . ALA A 1 80  ? -9.121  2.020   -9.157  1.00 25.90 ? 62   ALA A CA    1 
ATOM   421  C  C     . ALA A 1 80  ? -9.814  0.956   -8.321  1.00 25.45 ? 62   ALA A C     1 
ATOM   422  O  O     . ALA A 1 80  ? -10.743 1.249   -7.571  1.00 23.98 ? 62   ALA A O     1 
ATOM   423  C  CB    . ALA A 1 80  ? -8.386  2.990   -8.253  1.00 23.89 ? 62   ALA A CB    1 
ATOM   424  N  N     . GLN A 1 81  ? -9.363  -0.283  -8.468  1.00 25.36 ? 63   GLN A N     1 
ATOM   425  C  CA    . GLN A 1 81  ? -9.915  -1.394  -7.708  1.00 26.24 ? 63   GLN A CA    1 
ATOM   426  C  C     . GLN A 1 81  ? -8.810  -1.841  -6.753  1.00 23.46 ? 63   GLN A C     1 
ATOM   427  O  O     . GLN A 1 81  ? -7.835  -2.478  -7.162  1.00 21.37 ? 63   GLN A O     1 
ATOM   428  C  CB    . GLN A 1 81  ? -10.300 -2.531  -8.648  1.00 28.26 ? 63   GLN A CB    1 
ATOM   429  C  CG    . GLN A 1 81  ? -11.005 -3.681  -7.969  1.00 34.74 ? 63   GLN A CG    1 
ATOM   430  C  CD    . GLN A 1 81  ? -11.143 -4.879  -8.884  1.00 37.35 ? 63   GLN A CD    1 
ATOM   431  O  OE1   . GLN A 1 81  ? -10.148 -5.485  -9.288  1.00 38.81 ? 63   GLN A OE1   1 
ATOM   432  N  NE2   . GLN A 1 81  ? -12.379 -5.225  -9.222  1.00 39.50 ? 63   GLN A NE2   1 
ATOM   433  N  N     . ILE A 1 82  ? -8.959  -1.484  -5.482  1.00 23.83 ? 64   ILE A N     1 
ATOM   434  C  CA    . ILE A 1 82  ? -7.963  -1.823  -4.476  1.00 22.71 ? 64   ILE A CA    1 
ATOM   435  C  C     . ILE A 1 82  ? -8.318  -3.097  -3.708  1.00 23.35 ? 64   ILE A C     1 
ATOM   436  O  O     . ILE A 1 82  ? -9.413  -3.212  -3.150  1.00 21.58 ? 64   ILE A O     1 
ATOM   437  C  CB    . ILE A 1 82  ? -7.788  -0.681  -3.439  1.00 24.11 ? 64   ILE A CB    1 
ATOM   438  C  CG1   . ILE A 1 82  ? -7.646  0.670   -4.138  1.00 23.94 ? 64   ILE A CG1   1 
ATOM   439  C  CG2   . ILE A 1 82  ? -6.546  -0.922  -2.601  1.00 22.00 ? 64   ILE A CG2   1 
ATOM   440  C  CD1   . ILE A 1 82  ? -8.963  1.297   -4.498  1.00 26.49 ? 64   ILE A CD1   1 
ATOM   441  N  N     . TRP A 1 83  ? -7.377  -4.041  -3.699  1.00 21.35 ? 65   TRP A N     1 
ATOM   442  C  CA    . TRP A 1 83  ? -7.513  -5.317  -2.998  1.00 19.85 ? 65   TRP A CA    1 
ATOM   443  C  C     . TRP A 1 83  ? -6.751  -5.179  -1.680  1.00 17.94 ? 65   TRP A C     1 
ATOM   444  O  O     . TRP A 1 83  ? -5.686  -4.548  -1.627  1.00 14.60 ? 65   TRP A O     1 
ATOM   445  C  CB    . TRP A 1 83  ? -6.922  -6.465  -3.840  1.00 20.45 ? 65   TRP A CB    1 
ATOM   446  C  CG    . TRP A 1 83  ? -7.692  -6.750  -5.096  1.00 21.65 ? 65   TRP A CG    1 
ATOM   447  C  CD1   . TRP A 1 83  ? -8.177  -5.834  -5.979  1.00 21.54 ? 65   TRP A CD1   1 
ATOM   448  C  CD2   . TRP A 1 83  ? -8.070  -8.036  -5.606  1.00 23.27 ? 65   TRP A CD2   1 
ATOM   449  N  NE1   . TRP A 1 83  ? -8.837  -6.460  -7.004  1.00 22.65 ? 65   TRP A NE1   1 
ATOM   450  C  CE2   . TRP A 1 83  ? -8.786  -7.816  -6.806  1.00 23.08 ? 65   TRP A CE2   1 
ATOM   451  C  CE3   . TRP A 1 83  ? -7.870  -9.358  -5.171  1.00 25.44 ? 65   TRP A CE3   1 
ATOM   452  C  CZ2   . TRP A 1 83  ? -9.308  -8.866  -7.579  1.00 22.17 ? 65   TRP A CZ2   1 
ATOM   453  C  CZ3   . TRP A 1 83  ? -8.391  -10.406 -5.943  1.00 24.85 ? 65   TRP A CZ3   1 
ATOM   454  C  CH2   . TRP A 1 83  ? -9.098  -10.150 -7.133  1.00 23.31 ? 65   TRP A CH2   1 
ATOM   455  N  N     . ASP A 1 84  ? -7.311  -5.769  -0.627  1.00 17.27 ? 66   ASP A N     1 
ATOM   456  C  CA    . ASP A 1 84  ? -6.753  -5.716  0.726   1.00 19.60 ? 66   ASP A CA    1 
ATOM   457  C  C     . ASP A 1 84  ? -6.891  -7.108  1.373   1.00 18.68 ? 66   ASP A C     1 
ATOM   458  O  O     . ASP A 1 84  ? -7.867  -7.817  1.106   1.00 18.38 ? 66   ASP A O     1 
ATOM   459  C  CB    . ASP A 1 84  ? -7.549  -4.679  1.536   1.00 19.96 ? 66   ASP A CB    1 
ATOM   460  C  CG    . ASP A 1 84  ? -7.009  -4.472  2.936   1.00 20.93 ? 66   ASP A CG    1 
ATOM   461  O  OD1   . ASP A 1 84  ? -7.797  -4.045  3.817   1.00 20.08 ? 66   ASP A OD1   1 
ATOM   462  O  OD2   . ASP A 1 84  ? -5.803  -4.717  3.149   1.00 20.68 ? 66   ASP A OD2   1 
ATOM   463  N  N     . THR A 1 85  ? -5.927  -7.492  2.212   1.00 17.66 ? 67   THR A N     1 
ATOM   464  C  CA    . THR A 1 85  ? -5.955  -8.799  2.889   1.00 16.35 ? 67   THR A CA    1 
ATOM   465  C  C     . THR A 1 85  ? -5.068  -8.767  4.151   1.00 15.81 ? 67   THR A C     1 
ATOM   466  O  O     . THR A 1 85  ? -4.287  -7.839  4.322   1.00 15.19 ? 67   THR A O     1 
ATOM   467  C  CB    . THR A 1 85  ? -5.479  -9.921  1.921   1.00 15.60 ? 67   THR A CB    1 
ATOM   468  O  OG1   . THR A 1 85  ? -5.857  -11.203 2.440   1.00 15.68 ? 67   THR A OG1   1 
ATOM   469  C  CG2   . THR A 1 85  ? -3.960  -9.868  1.734   1.00 13.08 ? 67   THR A CG2   1 
ATOM   470  N  N     . ALA A 1 86  ? -5.181  -9.765  5.029   1.00 17.58 ? 68   ALA A N     1 
ATOM   471  C  CA    . ALA A 1 86  ? -4.370  -9.785  6.259   1.00 16.29 ? 68   ALA A CA    1 
ATOM   472  C  C     . ALA A 1 86  ? -2.877  -9.933  5.976   1.00 15.90 ? 68   ALA A C     1 
ATOM   473  O  O     . ALA A 1 86  ? -2.472  -10.658 5.064   1.00 16.58 ? 68   ALA A O     1 
ATOM   474  C  CB    . ALA A 1 86  ? -4.827  -10.908 7.179   1.00 19.59 ? 68   ALA A CB    1 
ATOM   475  N  N     . GLY A 1 87  ? -2.062  -9.252  6.777   1.00 17.69 ? 69   GLY A N     1 
ATOM   476  C  CA    . GLY A 1 87  ? -0.623  -9.311  6.596   1.00 16.73 ? 69   GLY A CA    1 
ATOM   477  C  C     . GLY A 1 87  ? 0.005   -10.616 7.039   1.00 16.87 ? 69   GLY A C     1 
ATOM   478  O  O     . GLY A 1 87  ? 1.020   -11.021 6.482   1.00 17.75 ? 69   GLY A O     1 
ATOM   479  N  N     . LEU A 1 88  ? -0.597  -11.277 8.028   1.00 18.72 ? 70   LEU A N     1 
ATOM   480  C  CA    . LEU A 1 88  ? -0.076  -12.542 8.542   1.00 22.49 ? 70   LEU A CA    1 
ATOM   481  C  C     . LEU A 1 88  ? -0.342  -13.688 7.562   1.00 22.28 ? 70   LEU A C     1 
ATOM   482  O  O     . LEU A 1 88  ? -1.476  -13.876 7.123   1.00 23.52 ? 70   LEU A O     1 
ATOM   483  C  CB    . LEU A 1 88  ? -0.728  -12.853 9.891   1.00 24.68 ? 70   LEU A CB    1 
ATOM   484  C  CG    . LEU A 1 88  ? -0.241  -14.048 10.717  1.00 27.33 ? 70   LEU A CG    1 
ATOM   485  C  CD1   . LEU A 1 88  ? -0.846  -15.323 10.185  1.00 32.32 ? 70   LEU A CD1   1 
ATOM   486  C  CD2   . LEU A 1 88  ? 1.268   -14.114 10.704  1.00 26.77 ? 70   LEU A CD2   1 
ATOM   487  N  N     . GLU A 1 89  ? 0.699   -14.453 7.237   1.00 22.46 ? 71   GLU A N     1 
ATOM   488  C  CA    . GLU A 1 89  ? 0.571   -15.584 6.315   1.00 22.52 ? 71   GLU A CA    1 
ATOM   489  C  C     . GLU A 1 89  ? 0.967   -16.914 6.962   1.00 23.27 ? 71   GLU A C     1 
ATOM   490  O  O     . GLU A 1 89  ? 1.483   -17.807 6.291   1.00 26.15 ? 71   GLU A O     1 
ATOM   491  C  CB    . GLU A 1 89  ? 1.451   -15.352 5.091   1.00 22.06 ? 71   GLU A CB    1 
ATOM   492  C  CG    . GLU A 1 89  ? 1.021   -14.168 4.242   1.00 22.95 ? 71   GLU A CG    1 
ATOM   493  C  CD    . GLU A 1 89  ? 1.843   -14.057 2.984   1.00 22.93 ? 71   GLU A CD    1 
ATOM   494  O  OE1   . GLU A 1 89  ? 2.747   -13.194 2.932   1.00 24.32 ? 71   GLU A OE1   1 
ATOM   495  O  OE2   . GLU A 1 89  ? 1.597   -14.847 2.048   1.00 23.05 ? 71   GLU A OE2   1 
ATOM   496  N  N     . ARG A 1 90  ? 0.715   -17.043 8.256   1.00 21.95 ? 72   ARG A N     1 
ATOM   497  C  CA    . ARG A 1 90  ? 1.066   -18.247 9.007   1.00 22.04 ? 72   ARG A CA    1 
ATOM   498  C  C     . ARG A 1 90  ? 0.380   -19.513 8.486   1.00 20.08 ? 72   ARG A C     1 
ATOM   499  O  O     . ARG A 1 90  ? 1.034   -20.404 7.943   1.00 18.99 ? 72   ARG A O     1 
ATOM   500  C  CB    . ARG A 1 90  ? 0.719   -18.039 10.484  1.00 24.55 ? 72   ARG A CB    1 
ATOM   501  C  CG    . ARG A 1 90  ? 1.502   -18.897 11.463  1.00 30.89 ? 72   ARG A CG    1 
ATOM   502  C  CD    . ARG A 1 90  ? 1.587   -18.212 12.804  1.00 36.74 ? 72   ARG A CD    1 
ATOM   503  N  NE    . ARG A 1 90  ? 2.752   -17.336 12.853  1.00 40.35 ? 72   ARG A NE    1 
ATOM   504  C  CZ    . ARG A 1 90  ? 3.010   -16.455 13.814  1.00 42.79 ? 72   ARG A CZ    1 
ATOM   505  N  NH1   . ARG A 1 90  ? 2.185   -16.313 14.845  1.00 44.22 ? 72   ARG A NH1   1 
ATOM   506  N  NH2   . ARG A 1 90  ? 4.086   -15.689 13.719  1.00 44.13 ? 72   ARG A NH2   1 
ATOM   507  N  N     . TYR A 1 91  ? -0.939  -19.584 8.634   1.00 16.20 ? 73   TYR A N     1 
ATOM   508  C  CA    . TYR A 1 91  ? -1.673  -20.767 8.208   1.00 17.58 ? 73   TYR A CA    1 
ATOM   509  C  C     . TYR A 1 91  ? -2.216  -20.709 6.786   1.00 15.75 ? 73   TYR A C     1 
ATOM   510  O  O     . TYR A 1 91  ? -2.520  -21.738 6.185   1.00 15.19 ? 73   TYR A O     1 
ATOM   511  C  CB    . TYR A 1 91  ? -2.798  -21.045 9.196   1.00 18.17 ? 73   TYR A CB    1 
ATOM   512  C  CG    . TYR A 1 91  ? -2.313  -21.012 10.625  1.00 20.70 ? 73   TYR A CG    1 
ATOM   513  C  CD1   . TYR A 1 91  ? -2.570  -19.914 11.440  1.00 22.21 ? 73   TYR A CD1   1 
ATOM   514  C  CD2   . TYR A 1 91  ? -1.552  -22.054 11.147  1.00 21.77 ? 73   TYR A CD2   1 
ATOM   515  C  CE1   . TYR A 1 91  ? -2.085  -19.849 12.736  1.00 22.59 ? 73   TYR A CE1   1 
ATOM   516  C  CE2   . TYR A 1 91  ? -1.056  -21.998 12.454  1.00 22.53 ? 73   TYR A CE2   1 
ATOM   517  C  CZ    . TYR A 1 91  ? -1.330  -20.891 13.237  1.00 23.37 ? 73   TYR A CZ    1 
ATOM   518  O  OH    . TYR A 1 91  ? -0.855  -20.815 14.526  1.00 26.68 ? 73   TYR A OH    1 
ATOM   519  N  N     . ARG A 1 92  ? -2.336  -19.507 6.246   1.00 17.25 ? 74   ARG A N     1 
ATOM   520  C  CA    . ARG A 1 92  ? -2.831  -19.345 4.883   1.00 19.05 ? 74   ARG A CA    1 
ATOM   521  C  C     . ARG A 1 92  ? -2.000  -18.260 4.207   1.00 18.55 ? 74   ARG A C     1 
ATOM   522  O  O     . ARG A 1 92  ? -2.054  -17.095 4.597   1.00 20.43 ? 74   ARG A O     1 
ATOM   523  C  CB    . ARG A 1 92  ? -4.323  -18.978 4.909   1.00 20.66 ? 74   ARG A CB    1 
ATOM   524  C  CG    . ARG A 1 92  ? -5.165  -20.016 5.651   1.00 25.21 ? 74   ARG A CG    1 
ATOM   525  C  CD    . ARG A 1 92  ? -6.654  -19.872 5.404   1.00 28.42 ? 74   ARG A CD    1 
ATOM   526  N  NE    . ARG A 1 92  ? -6.976  -20.022 3.987   1.00 30.96 ? 74   ARG A NE    1 
ATOM   527  C  CZ    . ARG A 1 92  ? -7.836  -20.914 3.495   1.00 31.35 ? 74   ARG A CZ    1 
ATOM   528  N  NH1   . ARG A 1 92  ? -8.474  -21.757 4.302   1.00 28.07 ? 74   ARG A NH1   1 
ATOM   529  N  NH2   . ARG A 1 92  ? -8.065  -20.956 2.186   1.00 27.74 ? 74   ARG A NH2   1 
ATOM   530  N  N     . ALA A 1 93  ? -1.222  -18.661 3.205   1.00 20.08 ? 75   ALA A N     1 
ATOM   531  C  CA    . ALA A 1 93  ? -0.349  -17.747 2.479   1.00 16.95 ? 75   ALA A CA    1 
ATOM   532  C  C     . ALA A 1 93  ? -1.002  -17.153 1.230   1.00 18.29 ? 75   ALA A C     1 
ATOM   533  O  O     . ALA A 1 93  ? -1.793  -17.819 0.559   1.00 19.48 ? 75   ALA A O     1 
ATOM   534  C  CB    . ALA A 1 93  ? 0.927   -18.473 2.092   1.00 18.63 ? 75   ALA A CB    1 
ATOM   535  N  N     . ILE A 1 94  ? -0.653  -15.905 0.919   1.00 16.76 ? 76   ILE A N     1 
ATOM   536  C  CA    . ILE A 1 94  ? -1.200  -15.218 -0.252  1.00 17.59 ? 76   ILE A CA    1 
ATOM   537  C  C     . ILE A 1 94  ? -0.759  -15.877 -1.564  1.00 15.01 ? 76   ILE A C     1 
ATOM   538  O  O     . ILE A 1 94  ? 0.416   -16.181 -1.758  1.00 16.17 ? 76   ILE A O     1 
ATOM   539  C  CB    . ILE A 1 94  ? -0.765  -13.746 -0.284  1.00 17.41 ? 76   ILE A CB    1 
ATOM   540  C  CG1   . ILE A 1 94  ? -1.293  -13.027 0.951   1.00 19.50 ? 76   ILE A CG1   1 
ATOM   541  C  CG2   . ILE A 1 94  ? -1.309  -13.065 -1.545  1.00 18.92 ? 76   ILE A CG2   1 
ATOM   542  C  CD1   . ILE A 1 94  ? -0.575  -11.725 1.223   1.00 21.98 ? 76   ILE A CD1   1 
ATOM   543  N  N     . THR A 1 95  ? -1.699  -16.077 -2.477  1.00 16.21 ? 77   THR A N     1 
ATOM   544  C  CA    . THR A 1 95  ? -1.363  -16.717 -3.738  1.00 14.78 ? 77   THR A CA    1 
ATOM   545  C  C     . THR A 1 95  ? -1.210  -15.732 -4.891  1.00 14.83 ? 77   THR A C     1 
ATOM   546  O  O     . THR A 1 95  ? -1.482  -14.534 -4.756  1.00 13.64 ? 77   THR A O     1 
ATOM   547  C  CB    . THR A 1 95  ? -2.433  -17.751 -4.122  1.00 17.24 ? 77   THR A CB    1 
ATOM   548  O  OG1   . THR A 1 95  ? -3.599  -17.074 -4.604  1.00 16.62 ? 77   THR A OG1   1 
ATOM   549  C  CG2   . THR A 1 95  ? -2.822  -18.588 -2.906  1.00 17.46 ? 77   THR A CG2   1 
ATOM   550  N  N     . SER A 1 96  ? -0.764  -16.254 -6.030  1.00 15.51 ? 78   SER A N     1 
ATOM   551  C  CA    . SER A 1 96  ? -0.582  -15.442 -7.226  1.00 15.53 ? 78   SER A CA    1 
ATOM   552  C  C     . SER A 1 96  ? -1.925  -14.906 -7.708  1.00 15.16 ? 78   SER A C     1 
ATOM   553  O  O     . SER A 1 96  ? -1.970  -13.933 -8.444  1.00 15.50 ? 78   SER A O     1 
ATOM   554  C  CB    . SER A 1 96  ? 0.080   -16.269 -8.334  1.00 16.79 ? 78   SER A CB    1 
ATOM   555  O  OG    . SER A 1 96  ? 1.418   -16.594 -7.984  1.00 17.71 ? 78   SER A OG    1 
ATOM   556  N  N     . ALA A 1 97  ? -3.016  -15.541 -7.288  1.00 15.49 ? 79   ALA A N     1 
ATOM   557  C  CA    . ALA A 1 97  ? -4.357  -15.104 -7.679  1.00 15.39 ? 79   ALA A CA    1 
ATOM   558  C  C     . ALA A 1 97  ? -4.678  -13.735 -7.071  1.00 15.89 ? 79   ALA A C     1 
ATOM   559  O  O     . ALA A 1 97  ? -5.401  -12.926 -7.662  1.00 15.72 ? 79   ALA A O     1 
ATOM   560  C  CB    . ALA A 1 97  ? -5.386  -16.125 -7.229  1.00 15.34 ? 79   ALA A CB    1 
ATOM   561  N  N     . TYR A 1 98  ? -4.149  -13.485 -5.878  1.00 16.19 ? 80   TYR A N     1 
ATOM   562  C  CA    . TYR A 1 98  ? -4.360  -12.202 -5.209  1.00 15.45 ? 80   TYR A CA    1 
ATOM   563  C  C     . TYR A 1 98  ? -3.705  -11.107 -6.053  1.00 15.18 ? 80   TYR A C     1 
ATOM   564  O  O     . TYR A 1 98  ? -4.295  -10.068 -6.319  1.00 16.91 ? 80   TYR A O     1 
ATOM   565  C  CB    . TYR A 1 98  ? -3.717  -12.217 -3.814  1.00 13.40 ? 80   TYR A CB    1 
ATOM   566  C  CG    . TYR A 1 98  ? -3.817  -10.904 -3.062  1.00 13.76 ? 80   TYR A CG    1 
ATOM   567  C  CD1   . TYR A 1 98  ? -5.049  -10.445 -2.566  1.00 12.35 ? 80   TYR A CD1   1 
ATOM   568  C  CD2   . TYR A 1 98  ? -2.684  -10.107 -2.853  1.00 14.15 ? 80   TYR A CD2   1 
ATOM   569  C  CE1   . TYR A 1 98  ? -5.145  -9.225  -1.881  1.00 8.10  ? 80   TYR A CE1   1 
ATOM   570  C  CE2   . TYR A 1 98  ? -2.774  -8.884  -2.165  1.00 10.68 ? 80   TYR A CE2   1 
ATOM   571  C  CZ    . TYR A 1 98  ? -4.007  -8.456  -1.680  1.00 11.77 ? 80   TYR A CZ    1 
ATOM   572  O  OH    . TYR A 1 98  ? -4.087  -7.279  -0.950  1.00 12.97 ? 80   TYR A OH    1 
ATOM   573  N  N     . TYR A 1 99  ? -2.477  -11.370 -6.476  1.00 15.74 ? 81   TYR A N     1 
ATOM   574  C  CA    . TYR A 1 99  ? -1.684  -10.432 -7.267  1.00 17.74 ? 81   TYR A CA    1 
ATOM   575  C  C     . TYR A 1 99  ? -1.994  -10.400 -8.754  1.00 18.99 ? 81   TYR A C     1 
ATOM   576  O  O     . TYR A 1 99  ? -1.657  -9.432  -9.427  1.00 21.62 ? 81   TYR A O     1 
ATOM   577  C  CB    . TYR A 1 99  ? -0.193  -10.769 -7.133  1.00 16.92 ? 81   TYR A CB    1 
ATOM   578  C  CG    . TYR A 1 99  ? 0.354   -10.632 -5.745  1.00 17.57 ? 81   TYR A CG    1 
ATOM   579  C  CD1   . TYR A 1 99  ? 0.537   -11.750 -4.927  1.00 16.91 ? 81   TYR A CD1   1 
ATOM   580  C  CD2   . TYR A 1 99  ? 0.686   -9.381  -5.239  1.00 16.80 ? 81   TYR A CD2   1 
ATOM   581  C  CE1   . TYR A 1 99  ? 1.042   -11.617 -3.641  1.00 18.31 ? 81   TYR A CE1   1 
ATOM   582  C  CE2   . TYR A 1 99  ? 1.188   -9.233  -3.961  1.00 16.98 ? 81   TYR A CE2   1 
ATOM   583  C  CZ    . TYR A 1 99  ? 1.367   -10.349 -3.166  1.00 17.38 ? 81   TYR A CZ    1 
ATOM   584  O  OH    . TYR A 1 99  ? 1.889   -10.188 -1.904  1.00 17.58 ? 81   TYR A OH    1 
ATOM   585  N  N     . ARG A 1 100 ? -2.613  -11.459 -9.266  1.00 20.89 ? 82   ARG A N     1 
ATOM   586  C  CA    . ARG A 1 100 ? -2.897  -11.568 -10.697 1.00 22.77 ? 82   ARG A CA    1 
ATOM   587  C  C     . ARG A 1 100 ? -3.524  -10.346 -11.354 1.00 20.79 ? 82   ARG A C     1 
ATOM   588  O  O     . ARG A 1 100 ? -4.598  -9.892  -10.952 1.00 19.97 ? 82   ARG A O     1 
ATOM   589  C  CB    . ARG A 1 100 ? -3.781  -12.788 -10.983 1.00 27.55 ? 82   ARG A CB    1 
ATOM   590  C  CG    . ARG A 1 100 ? -3.994  -13.020 -12.480 1.00 32.63 ? 82   ARG A CG    1 
ATOM   591  C  CD    . ARG A 1 100 ? -5.448  -13.335 -12.822 1.00 41.22 ? 82   ARG A CD    1 
ATOM   592  N  NE    . ARG A 1 100 ? -5.760  -14.756 -12.697 1.00 46.66 ? 82   ARG A NE    1 
ATOM   593  C  CZ    . ARG A 1 100 ? -6.947  -15.290 -12.974 1.00 49.64 ? 82   ARG A CZ    1 
ATOM   594  N  NH1   . ARG A 1 100 ? -7.133  -16.596 -12.832 1.00 51.42 ? 82   ARG A NH1   1 
ATOM   595  N  NH2   . ARG A 1 100 ? -7.951  -14.521 -13.384 1.00 50.63 ? 82   ARG A NH2   1 
ATOM   596  N  N     . GLY A 1 101 ? -2.848  -9.831  -12.380 1.00 21.20 ? 83   GLY A N     1 
ATOM   597  C  CA    . GLY A 1 101 ? -3.353  -8.674  -13.102 1.00 19.68 ? 83   GLY A CA    1 
ATOM   598  C  C     . GLY A 1 101 ? -3.152  -7.338  -12.419 1.00 19.72 ? 83   GLY A C     1 
ATOM   599  O  O     . GLY A 1 101 ? -3.527  -6.299  -12.965 1.00 19.07 ? 83   GLY A O     1 
ATOM   600  N  N     . ALA A 1 102 ? -2.568  -7.342  -11.226 1.00 17.59 ? 84   ALA A N     1 
ATOM   601  C  CA    . ALA A 1 102 ? -2.349  -6.081  -10.531 1.00 18.14 ? 84   ALA A CA    1 
ATOM   602  C  C     . ALA A 1 102 ? -1.237  -5.298  -11.226 1.00 18.24 ? 84   ALA A C     1 
ATOM   603  O  O     . ALA A 1 102 ? -0.166  -5.839  -11.522 1.00 17.50 ? 84   ALA A O     1 
ATOM   604  C  CB    . ALA A 1 102 ? -1.992  -6.329  -9.080  1.00 18.25 ? 84   ALA A CB    1 
ATOM   605  N  N     . VAL A 1 103 ? -1.511  -4.026  -11.503 1.00 18.66 ? 85   VAL A N     1 
ATOM   606  C  CA    . VAL A 1 103 ? -0.541  -3.150  -12.153 1.00 16.68 ? 85   VAL A CA    1 
ATOM   607  C  C     . VAL A 1 103 ? 0.107   -2.248  -11.117 1.00 15.62 ? 85   VAL A C     1 
ATOM   608  O  O     . VAL A 1 103 ? 1.075   -1.539  -11.399 1.00 16.07 ? 85   VAL A O     1 
ATOM   609  C  CB    . VAL A 1 103 ? -1.207  -2.295  -13.255 1.00 17.72 ? 85   VAL A CB    1 
ATOM   610  C  CG1   . VAL A 1 103 ? -1.533  -3.190  -14.462 1.00 14.77 ? 85   VAL A CG1   1 
ATOM   611  C  CG2   . VAL A 1 103 ? -2.474  -1.641  -12.718 1.00 12.79 ? 85   VAL A CG2   1 
ATOM   612  N  N     . GLY A 1 104 ? -0.416  -2.307  -9.900  1.00 17.54 ? 86   GLY A N     1 
ATOM   613  C  CA    . GLY A 1 104 ? 0.143   -1.499  -8.838  1.00 18.18 ? 86   GLY A CA    1 
ATOM   614  C  C     . GLY A 1 104 ? 0.119   -2.221  -7.509  1.00 17.26 ? 86   GLY A C     1 
ATOM   615  O  O     . GLY A 1 104 ? -0.739  -3.081  -7.276  1.00 17.99 ? 86   GLY A O     1 
ATOM   616  N  N     . ALA A 1 105 ? 1.080   -1.884  -6.651  1.00 17.05 ? 87   ALA A N     1 
ATOM   617  C  CA    . ALA A 1 105 ? 1.175   -2.455  -5.315  1.00 17.09 ? 87   ALA A CA    1 
ATOM   618  C  C     . ALA A 1 105 ? 1.632   -1.412  -4.299  1.00 16.37 ? 87   ALA A C     1 
ATOM   619  O  O     . ALA A 1 105 ? 2.663   -0.756  -4.480  1.00 17.34 ? 87   ALA A O     1 
ATOM   620  C  CB    . ALA A 1 105 ? 2.136   -3.634  -5.299  1.00 19.42 ? 87   ALA A CB    1 
ATOM   621  N  N     . LEU A 1 106 ? 0.855   -1.258  -3.233  1.00 15.01 ? 88   LEU A N     1 
ATOM   622  C  CA    . LEU A 1 106 ? 1.197   -0.335  -2.159  1.00 16.70 ? 88   LEU A CA    1 
ATOM   623  C  C     . LEU A 1 106 ? 1.756   -1.194  -1.036  1.00 15.12 ? 88   LEU A C     1 
ATOM   624  O  O     . LEU A 1 106 ? 1.003   -1.882  -0.337  1.00 16.61 ? 88   LEU A O     1 
ATOM   625  C  CB    . LEU A 1 106 ? -0.049  0.426   -1.689  1.00 19.49 ? 88   LEU A CB    1 
ATOM   626  C  CG    . LEU A 1 106 ? -0.669  1.365   -2.738  1.00 20.62 ? 88   LEU A CG    1 
ATOM   627  C  CD1   . LEU A 1 106 ? -1.859  2.094   -2.151  1.00 23.05 ? 88   LEU A CD1   1 
ATOM   628  C  CD2   . LEU A 1 106 ? 0.356   2.370   -3.189  1.00 23.90 ? 88   LEU A CD2   1 
ATOM   629  N  N     . LEU A 1 107 ? 3.081   -1.174  -0.893  1.00 13.68 ? 89   LEU A N     1 
ATOM   630  C  CA    . LEU A 1 107 ? 3.787   -1.957  0.122   1.00 12.81 ? 89   LEU A CA    1 
ATOM   631  C  C     . LEU A 1 107 ? 3.951   -1.035  1.324   1.00 15.84 ? 89   LEU A C     1 
ATOM   632  O  O     . LEU A 1 107 ? 4.727   -0.078  1.292   1.00 13.69 ? 89   LEU A O     1 
ATOM   633  C  CB    . LEU A 1 107 ? 5.146   -2.413  -0.439  1.00 14.03 ? 89   LEU A CB    1 
ATOM   634  C  CG    . LEU A 1 107 ? 5.852   -3.627  0.179   1.00 16.26 ? 89   LEU A CG    1 
ATOM   635  C  CD1   . LEU A 1 107 ? 6.997   -4.073  -0.714  1.00 13.61 ? 89   LEU A CD1   1 
ATOM   636  C  CD2   . LEU A 1 107 ? 6.351   -3.288  1.562   1.00 17.68 ? 89   LEU A CD2   1 
ATOM   637  N  N     . VAL A 1 108 ? 3.207   -1.343  2.383   1.00 15.06 ? 90   VAL A N     1 
ATOM   638  C  CA    . VAL A 1 108 ? 3.163   -0.526  3.589   1.00 16.20 ? 90   VAL A CA    1 
ATOM   639  C  C     . VAL A 1 108 ? 3.922   -1.039  4.816   1.00 17.22 ? 90   VAL A C     1 
ATOM   640  O  O     . VAL A 1 108 ? 4.035   -2.248  5.033   1.00 19.69 ? 90   VAL A O     1 
ATOM   641  C  CB    . VAL A 1 108 ? 1.662   -0.310  3.997   1.00 15.19 ? 90   VAL A CB    1 
ATOM   642  C  CG1   . VAL A 1 108 ? 1.548   0.689   5.147   1.00 13.40 ? 90   VAL A CG1   1 
ATOM   643  C  CG2   . VAL A 1 108 ? 0.859   0.163   2.785   1.00 12.79 ? 90   VAL A CG2   1 
ATOM   644  N  N     . TYR A 1 109 ? 4.446   -0.104  5.608   1.00 17.34 ? 91   TYR A N     1 
ATOM   645  C  CA    . TYR A 1 109 ? 5.124   -0.421  6.863   1.00 18.58 ? 91   TYR A CA    1 
ATOM   646  C  C     . TYR A 1 109 ? 4.768   0.694   7.857   1.00 20.32 ? 91   TYR A C     1 
ATOM   647  O  O     . TYR A 1 109 ? 4.251   1.741   7.462   1.00 22.21 ? 91   TYR A O     1 
ATOM   648  C  CB    . TYR A 1 109 ? 6.646   -0.540  6.700   1.00 18.25 ? 91   TYR A CB    1 
ATOM   649  C  CG    . TYR A 1 109 ? 7.359   0.754   6.377   1.00 19.85 ? 91   TYR A CG    1 
ATOM   650  C  CD1   . TYR A 1 109 ? 7.578   1.142   5.056   1.00 18.61 ? 91   TYR A CD1   1 
ATOM   651  C  CD2   . TYR A 1 109 ? 7.809   1.592   7.396   1.00 20.60 ? 91   TYR A CD2   1 
ATOM   652  C  CE1   . TYR A 1 109 ? 8.232   2.330   4.757   1.00 21.01 ? 91   TYR A CE1   1 
ATOM   653  C  CE2   . TYR A 1 109 ? 8.457   2.788   7.111   1.00 20.68 ? 91   TYR A CE2   1 
ATOM   654  C  CZ    . TYR A 1 109 ? 8.665   3.152   5.793   1.00 21.43 ? 91   TYR A CZ    1 
ATOM   655  O  OH    . TYR A 1 109 ? 9.288   4.348   5.510   1.00 21.85 ? 91   TYR A OH    1 
ATOM   656  N  N     . ASP A 1 110 ? 5.033   0.454   9.137   1.00 21.67 ? 92   ASP A N     1 
ATOM   657  C  CA    . ASP A 1 110 ? 4.724   1.392   10.224  1.00 22.53 ? 92   ASP A CA    1 
ATOM   658  C  C     . ASP A 1 110 ? 6.013   2.085   10.655  1.00 21.41 ? 92   ASP A C     1 
ATOM   659  O  O     . ASP A 1 110 ? 6.902   1.448   11.204  1.00 21.96 ? 92   ASP A O     1 
ATOM   660  C  CB    . ASP A 1 110 ? 4.116   0.597   11.392  1.00 24.44 ? 92   ASP A CB    1 
ATOM   661  C  CG    . ASP A 1 110 ? 3.718   1.468   12.586  1.00 29.01 ? 92   ASP A CG    1 
ATOM   662  O  OD1   . ASP A 1 110 ? 2.992   0.953   13.469  1.00 28.24 ? 92   ASP A OD1   1 
ATOM   663  O  OD2   . ASP A 1 110 ? 4.123   2.649   12.655  1.00 27.44 ? 92   ASP A OD2   1 
ATOM   664  N  N     . ILE A 1 111 ? 6.113   3.387   10.409  1.00 21.58 ? 93   ILE A N     1 
ATOM   665  C  CA    . ILE A 1 111 ? 7.327   4.121   10.758  1.00 23.99 ? 93   ILE A CA    1 
ATOM   666  C  C     . ILE A 1 111 ? 7.731   3.969   12.217  1.00 24.31 ? 93   ILE A C     1 
ATOM   667  O  O     . ILE A 1 111 ? 8.904   4.145   12.554  1.00 24.07 ? 93   ILE A O     1 
ATOM   668  C  CB    . ILE A 1 111 ? 7.196   5.622   10.472  1.00 24.37 ? 93   ILE A CB    1 
ATOM   669  C  CG1   . ILE A 1 111 ? 6.187   6.243   11.439  1.00 25.31 ? 93   ILE A CG1   1 
ATOM   670  C  CG2   . ILE A 1 111 ? 6.786   5.846   9.030   1.00 22.93 ? 93   ILE A CG2   1 
ATOM   671  C  CD1   . ILE A 1 111 ? 6.165   7.761   11.416  1.00 26.51 ? 93   ILE A CD1   1 
ATOM   672  N  N     . ALA A 1 112 ? 6.761   3.643   13.070  1.00 23.20 ? 94   ALA A N     1 
ATOM   673  C  CA    . ALA A 1 112 ? 7.001   3.474   14.502  1.00 25.90 ? 94   ALA A CA    1 
ATOM   674  C  C     . ALA A 1 112 ? 7.466   2.076   14.900  1.00 27.23 ? 94   ALA A C     1 
ATOM   675  O  O     . ALA A 1 112 ? 7.887   1.870   16.038  1.00 27.88 ? 94   ALA A O     1 
ATOM   676  C  CB    . ALA A 1 112 ? 5.742   3.833   15.287  1.00 25.76 ? 94   ALA A CB    1 
ATOM   677  N  N     . LYS A 1 113 ? 7.379   1.118   13.978  1.00 27.73 ? 95   LYS A N     1 
ATOM   678  C  CA    . LYS A 1 113 ? 7.805   -0.253  14.248  1.00 27.96 ? 95   LYS A CA    1 
ATOM   679  C  C     . LYS A 1 113 ? 8.832   -0.693  13.217  1.00 27.87 ? 95   LYS A C     1 
ATOM   680  O  O     . LYS A 1 113 ? 8.485   -1.100  12.107  1.00 25.01 ? 95   LYS A O     1 
ATOM   681  C  CB    . LYS A 1 113 ? 6.609   -1.206  14.225  1.00 30.75 ? 95   LYS A CB    1 
ATOM   682  C  CG    . LYS A 1 113 ? 5.804   -1.215  15.512  1.00 33.22 ? 95   LYS A CG    1 
ATOM   683  C  CD    . LYS A 1 113 ? 4.711   -2.271  15.457  1.00 37.44 ? 95   LYS A CD    1 
ATOM   684  C  CE    . LYS A 1 113 ? 4.101   -2.508  16.832  1.00 37.21 ? 95   LYS A CE    1 
ATOM   685  N  NZ    . LYS A 1 113 ? 3.691   -1.232  17.485  1.00 38.82 ? 95   LYS A NZ    1 
ATOM   686  N  N     . HIS A 1 114 ? 10.101  -0.629  13.599  1.00 26.82 ? 96   HIS A N     1 
ATOM   687  C  CA    . HIS A 1 114 ? 11.185  -0.981  12.694  1.00 26.53 ? 96   HIS A CA    1 
ATOM   688  C  C     . HIS A 1 114 ? 11.058  -2.365  12.076  1.00 26.13 ? 96   HIS A C     1 
ATOM   689  O  O     . HIS A 1 114 ? 11.438  -2.561  10.914  1.00 24.71 ? 96   HIS A O     1 
ATOM   690  C  CB    . HIS A 1 114 ? 12.530  -0.840  13.414  1.00 29.77 ? 96   HIS A CB    1 
ATOM   691  C  CG    . HIS A 1 114 ? 13.709  -0.819  12.490  1.00 31.80 ? 96   HIS A CG    1 
ATOM   692  N  ND1   . HIS A 1 114 ? 14.359  -1.965  12.080  1.00 33.22 ? 96   HIS A ND1   1 
ATOM   693  C  CD2   . HIS A 1 114 ? 14.354  0.212   11.894  1.00 32.24 ? 96   HIS A CD2   1 
ATOM   694  C  CE1   . HIS A 1 114 ? 15.353  -1.640  11.274  1.00 33.09 ? 96   HIS A CE1   1 
ATOM   695  N  NE2   . HIS A 1 114 ? 15.372  -0.327  11.144  1.00 33.54 ? 96   HIS A NE2   1 
ATOM   696  N  N     . LEU A 1 115 ? 10.512  -3.316  12.835  1.00 23.07 ? 97   LEU A N     1 
ATOM   697  C  CA    . LEU A 1 115 ? 10.340  -4.682  12.343  1.00 23.42 ? 97   LEU A CA    1 
ATOM   698  C  C     . LEU A 1 115 ? 9.526   -4.737  11.050  1.00 22.67 ? 97   LEU A C     1 
ATOM   699  O  O     . LEU A 1 115 ? 9.851   -5.501  10.143  1.00 23.35 ? 97   LEU A O     1 
ATOM   700  C  CB    . LEU A 1 115 ? 9.643   -5.554  13.397  1.00 23.17 ? 97   LEU A CB    1 
ATOM   701  C  CG    . LEU A 1 115 ? 10.100  -7.015  13.494  1.00 25.69 ? 97   LEU A CG    1 
ATOM   702  C  CD1   . LEU A 1 115 ? 8.890   -7.897  13.777  1.00 24.50 ? 97   LEU A CD1   1 
ATOM   703  C  CD2   . LEU A 1 115 ? 10.791  -7.458  12.216  1.00 22.93 ? 97   LEU A CD2   1 
ATOM   704  N  N     . THR A 1 116 ? 8.463   -3.940  10.972  1.00 21.17 ? 98   THR A N     1 
ATOM   705  C  CA    . THR A 1 116 ? 7.628   -3.934  9.777   1.00 20.19 ? 98   THR A CA    1 
ATOM   706  C  C     . THR A 1 116 ? 8.399   -3.371  8.584   1.00 20.84 ? 98   THR A C     1 
ATOM   707  O  O     . THR A 1 116 ? 8.062   -3.660  7.438   1.00 19.06 ? 98   THR A O     1 
ATOM   708  C  CB    . THR A 1 116 ? 6.320   -3.100  9.960   1.00 18.82 ? 98   THR A CB    1 
ATOM   709  O  OG1   . THR A 1 116 ? 6.630   -1.703  10.005  1.00 17.80 ? 98   THR A OG1   1 
ATOM   710  C  CG2   . THR A 1 116 ? 5.600   -3.507  11.239  1.00 17.84 ? 98   THR A CG2   1 
ATOM   711  N  N     . TYR A 1 117 ? 9.422   -2.559  8.857   1.00 21.31 ? 99   TYR A N     1 
ATOM   712  C  CA    . TYR A 1 117 ? 10.245  -1.984  7.792   1.00 21.85 ? 99   TYR A CA    1 
ATOM   713  C  C     . TYR A 1 117 ? 11.260  -3.022  7.342   1.00 22.91 ? 99   TYR A C     1 
ATOM   714  O  O     . TYR A 1 117 ? 11.558  -3.147  6.156   1.00 21.47 ? 99   TYR A O     1 
ATOM   715  C  CB    . TYR A 1 117 ? 10.977  -0.732  8.280   1.00 24.05 ? 99   TYR A CB    1 
ATOM   716  C  CG    . TYR A 1 117 ? 11.960  -0.173  7.268   1.00 26.19 ? 99   TYR A CG    1 
ATOM   717  C  CD1   . TYR A 1 117 ? 11.519  0.421   6.082   1.00 25.37 ? 99   TYR A CD1   1 
ATOM   718  C  CD2   . TYR A 1 117 ? 13.338  -0.269  7.486   1.00 26.61 ? 99   TYR A CD2   1 
ATOM   719  C  CE1   . TYR A 1 117 ? 12.436  0.909   5.136   1.00 26.74 ? 99   TYR A CE1   1 
ATOM   720  C  CE2   . TYR A 1 117 ? 14.256  0.209   6.556   1.00 25.79 ? 99   TYR A CE2   1 
ATOM   721  C  CZ    . TYR A 1 117 ? 13.804  0.796   5.385   1.00 27.66 ? 99   TYR A CZ    1 
ATOM   722  O  OH    . TYR A 1 117 ? 14.726  1.261   4.472   1.00 28.41 ? 99   TYR A OH    1 
ATOM   723  N  N     . GLU A 1 118 ? 11.791  -3.769  8.305   1.00 25.37 ? 100  GLU A N     1 
ATOM   724  C  CA    . GLU A 1 118 ? 12.758  -4.813  8.013   1.00 27.48 ? 100  GLU A CA    1 
ATOM   725  C  C     . GLU A 1 118 ? 12.134  -5.881  7.127   1.00 26.74 ? 100  GLU A C     1 
ATOM   726  O  O     . GLU A 1 118 ? 12.800  -6.432  6.252   1.00 26.37 ? 100  GLU A O     1 
ATOM   727  C  CB    . GLU A 1 118 ? 13.241  -5.463  9.305   1.00 30.42 ? 100  GLU A CB    1 
ATOM   728  C  CG    . GLU A 1 118 ? 14.228  -4.637  10.101  1.00 35.33 ? 100  GLU A CG    1 
ATOM   729  C  CD    . GLU A 1 118 ? 14.458  -5.217  11.488  1.00 38.29 ? 100  GLU A CD    1 
ATOM   730  O  OE1   . GLU A 1 118 ? 14.657  -6.447  11.594  1.00 39.32 ? 100  GLU A OE1   1 
ATOM   731  O  OE2   . GLU A 1 118 ? 14.441  -4.446  12.472  1.00 39.66 ? 100  GLU A OE2   1 
ATOM   732  N  N     . ASN A 1 119 ? 10.855  -6.169  7.358   1.00 25.86 ? 101  ASN A N     1 
ATOM   733  C  CA    . ASN A 1 119 ? 10.149  -7.190  6.593   1.00 24.06 ? 101  ASN A CA    1 
ATOM   734  C  C     . ASN A 1 119 ? 9.790   -6.803  5.159   1.00 23.71 ? 101  ASN A C     1 
ATOM   735  O  O     . ASN A 1 119 ? 9.309   -7.642  4.385   1.00 22.56 ? 101  ASN A O     1 
ATOM   736  C  CB    . ASN A 1 119 ? 8.892   -7.628  7.343   1.00 26.18 ? 101  ASN A CB    1 
ATOM   737  C  CG    . ASN A 1 119 ? 9.218   -8.413  8.598   1.00 29.02 ? 101  ASN A CG    1 
ATOM   738  O  OD1   . ASN A 1 119 ? 10.263  -9.064  8.671   1.00 28.70 ? 101  ASN A OD1   1 
ATOM   739  N  ND2   . ASN A 1 119 ? 8.323   -8.374  9.584   1.00 27.64 ? 101  ASN A ND2   1 
ATOM   740  N  N     . VAL A 1 120 ? 10.022  -5.545  4.795   1.00 22.90 ? 102  VAL A N     1 
ATOM   741  C  CA    . VAL A 1 120 ? 9.719   -5.101  3.433   1.00 20.74 ? 102  VAL A CA    1 
ATOM   742  C  C     . VAL A 1 120 ? 10.442  -5.980  2.411   1.00 22.53 ? 102  VAL A C     1 
ATOM   743  O  O     . VAL A 1 120 ? 9.929   -6.245  1.324   1.00 21.45 ? 102  VAL A O     1 
ATOM   744  C  CB    . VAL A 1 120 ? 10.127  -3.628  3.217   1.00 19.75 ? 102  VAL A CB    1 
ATOM   745  C  CG1   . VAL A 1 120 ? 10.220  -3.326  1.718   1.00 15.32 ? 102  VAL A CG1   1 
ATOM   746  C  CG2   . VAL A 1 120 ? 9.097   -2.707  3.878   1.00 16.31 ? 102  VAL A CG2   1 
ATOM   747  N  N     . GLU A 1 121 ? 11.639  -6.428  2.765   1.00 24.20 ? 103  GLU A N     1 
ATOM   748  C  CA    . GLU A 1 121 ? 12.419  -7.281  1.876   1.00 27.34 ? 103  GLU A CA    1 
ATOM   749  C  C     . GLU A 1 121 ? 11.667  -8.567  1.568   1.00 25.75 ? 103  GLU A C     1 
ATOM   750  O  O     . GLU A 1 121 ? 11.683  -9.059  0.442   1.00 23.89 ? 103  GLU A O     1 
ATOM   751  C  CB    . GLU A 1 121 ? 13.764  -7.615  2.519   1.00 32.17 ? 103  GLU A CB    1 
ATOM   752  C  CG    . GLU A 1 121 ? 14.778  -6.503  2.394   1.00 39.14 ? 103  GLU A CG    1 
ATOM   753  C  CD    . GLU A 1 121 ? 15.244  -6.315  0.960   1.00 42.89 ? 103  GLU A CD    1 
ATOM   754  O  OE1   . GLU A 1 121 ? 14.394  -6.068  0.076   1.00 45.20 ? 103  GLU A OE1   1 
ATOM   755  O  OE2   . GLU A 1 121 ? 16.465  -6.419  0.717   1.00 45.50 ? 103  GLU A OE2   1 
ATOM   756  N  N     . ARG A 1 122 ? 11.010  -9.108  2.585   1.00 25.09 ? 104  ARG A N     1 
ATOM   757  C  CA    . ARG A 1 122 ? 10.248  -10.332 2.436   1.00 25.74 ? 104  ARG A CA    1 
ATOM   758  C  C     . ARG A 1 122 ? 9.038   -10.092 1.536   1.00 23.93 ? 104  ARG A C     1 
ATOM   759  O  O     . ARG A 1 122 ? 8.618   -10.973 0.786   1.00 20.82 ? 104  ARG A O     1 
ATOM   760  C  CB    . ARG A 1 122 ? 9.792   -10.828 3.811   1.00 29.63 ? 104  ARG A CB    1 
ATOM   761  C  CG    . ARG A 1 122 ? 9.094   -12.173 3.766   1.00 38.44 ? 104  ARG A CG    1 
ATOM   762  C  CD    . ARG A 1 122 ? 8.451   -12.604 5.030   1.00 44.09 ? 104  ARG A CD    1 
ATOM   763  N  NE    . ARG A 1 122 ? 8.647   -13.981 5.447   1.00 50.88 ? 104  ARG A NE    1 
ATOM   764  C  CZ    . ARG A 1 122 ? 7.907   -14.541 6.398   1.00 53.39 ? 104  ARG A CZ    1 
ATOM   765  N  NH1   . ARG A 1 122 ? 8.216   -15.750 6.757   1.00 53.64 ? 104  ARG A NH1   1 
ATOM   766  N  NH2   . ARG A 1 122 ? 6.606   -14.163 6.703   1.00 54.24 ? 104  ARG A NH2   1 
ATOM   767  N  N     . TRP A 1 123 ? 8.467   -8.896  1.603   1.00 23.18 ? 105  TRP A N     1 
ATOM   768  C  CA    . TRP A 1 123 ? 7.314   -8.608  0.765   1.00 20.58 ? 105  TRP A CA    1 
ATOM   769  C  C     . TRP A 1 123 ? 7.753   -8.416  -0.681  1.00 18.65 ? 105  TRP A C     1 
ATOM   770  O  O     . TRP A 1 123 ? 7.037   -8.795  -1.602  1.00 16.88 ? 105  TRP A O     1 
ATOM   771  C  CB    . TRP A 1 123 ? 6.548   -7.381  1.287   1.00 18.23 ? 105  TRP A CB    1 
ATOM   772  C  CG    . TRP A 1 123 ? 5.719   -7.712  2.506   1.00 19.93 ? 105  TRP A CG    1 
ATOM   773  C  CD1   . TRP A 1 123 ? 5.991   -7.382  3.807   1.00 19.85 ? 105  TRP A CD1   1 
ATOM   774  C  CD2   . TRP A 1 123 ? 4.493   -8.462  2.532   1.00 19.60 ? 105  TRP A CD2   1 
ATOM   775  N  NE1   . TRP A 1 123 ? 5.010   -7.879  4.639   1.00 18.35 ? 105  TRP A NE1   1 
ATOM   776  C  CE2   . TRP A 1 123 ? 4.081   -8.545  3.883   1.00 19.44 ? 105  TRP A CE2   1 
ATOM   777  C  CE3   . TRP A 1 123 ? 3.704   -9.075  1.544   1.00 19.07 ? 105  TRP A CE3   1 
ATOM   778  C  CZ2   . TRP A 1 123 ? 2.908   -9.214  4.272   1.00 20.01 ? 105  TRP A CZ2   1 
ATOM   779  C  CZ3   . TRP A 1 123 ? 2.543   -9.739  1.930   1.00 18.29 ? 105  TRP A CZ3   1 
ATOM   780  C  CH2   . TRP A 1 123 ? 2.157   -9.803  3.283   1.00 20.37 ? 105  TRP A CH2   1 
ATOM   781  N  N     . LEU A 1 124 ? 8.938   -7.845  -0.877  1.00 19.35 ? 106  LEU A N     1 
ATOM   782  C  CA    . LEU A 1 124 ? 9.454   -7.642  -2.226  1.00 20.55 ? 106  LEU A CA    1 
ATOM   783  C  C     . LEU A 1 124 ? 9.689   -9.007  -2.865  1.00 19.59 ? 106  LEU A C     1 
ATOM   784  O  O     . LEU A 1 124 ? 9.442   -9.198  -4.051  1.00 20.63 ? 106  LEU A O     1 
ATOM   785  C  CB    . LEU A 1 124 ? 10.756  -6.830  -2.190  1.00 20.74 ? 106  LEU A CB    1 
ATOM   786  C  CG    . LEU A 1 124 ? 10.578  -5.329  -1.912  1.00 20.80 ? 106  LEU A CG    1 
ATOM   787  C  CD1   . LEU A 1 124 ? 11.931  -4.641  -1.827  1.00 21.42 ? 106  LEU A CD1   1 
ATOM   788  C  CD2   . LEU A 1 124 ? 9.745   -4.706  -3.021  1.00 19.73 ? 106  LEU A CD2   1 
ATOM   789  N  N     . LYS A 1 125 ? 10.153  -9.958  -2.064  1.00 20.01 ? 107  LYS A N     1 
ATOM   790  C  CA    . LYS A 1 125 ? 10.394  -11.312 -2.549  1.00 21.86 ? 107  LYS A CA    1 
ATOM   791  C  C     . LYS A 1 125 ? 9.055   -11.945 -2.912  1.00 22.67 ? 107  LYS A C     1 
ATOM   792  O  O     . LYS A 1 125 ? 8.951   -12.692 -3.886  1.00 23.67 ? 107  LYS A O     1 
ATOM   793  C  CB    . LYS A 1 125 ? 11.084  -12.146 -1.470  1.00 25.46 ? 107  LYS A CB    1 
ATOM   794  C  CG    . LYS A 1 125 ? 11.176  -13.628 -1.803  1.00 30.23 ? 107  LYS A CG    1 
ATOM   795  C  CD    . LYS A 1 125 ? 11.708  -14.429 -0.626  1.00 35.78 ? 107  LYS A CD    1 
ATOM   796  C  CE    . LYS A 1 125 ? 10.668  -15.413 -0.101  1.00 38.87 ? 107  LYS A CE    1 
ATOM   797  N  NZ    . LYS A 1 125 ? 11.161  -16.150 1.106   1.00 41.44 ? 107  LYS A NZ    1 
ATOM   798  N  N     . GLU A 1 126 ? 8.023   -11.644 -2.129  1.00 21.93 ? 108  GLU A N     1 
ATOM   799  C  CA    . GLU A 1 126 ? 6.707   -12.188 -2.408  1.00 20.95 ? 108  GLU A CA    1 
ATOM   800  C  C     . GLU A 1 126 ? 6.160   -11.596 -3.717  1.00 19.88 ? 108  GLU A C     1 
ATOM   801  O  O     . GLU A 1 126 ? 5.515   -12.293 -4.498  1.00 19.49 ? 108  GLU A O     1 
ATOM   802  C  CB    . GLU A 1 126 ? 5.762   -11.908 -1.234  1.00 22.58 ? 108  GLU A CB    1 
ATOM   803  C  CG    . GLU A 1 126 ? 4.367   -12.471 -1.430  1.00 26.85 ? 108  GLU A CG    1 
ATOM   804  C  CD    . GLU A 1 126 ? 3.535   -12.458 -0.158  1.00 27.59 ? 108  GLU A CD    1 
ATOM   805  O  OE1   . GLU A 1 126 ? 2.332   -12.153 -0.242  1.00 29.67 ? 108  GLU A OE1   1 
ATOM   806  O  OE2   . GLU A 1 126 ? 4.076   -12.767 0.923   1.00 28.62 ? 108  GLU A OE2   1 
ATOM   807  N  N     . LEU A 1 127 ? 6.431   -10.319 -3.961  1.00 18.55 ? 109  LEU A N     1 
ATOM   808  C  CA    . LEU A 1 127 ? 5.975   -9.679  -5.193  1.00 19.02 ? 109  LEU A CA    1 
ATOM   809  C  C     . LEU A 1 127 ? 6.712   -10.272 -6.393  1.00 19.65 ? 109  LEU A C     1 
ATOM   810  O  O     . LEU A 1 127 ? 6.118   -10.524 -7.438  1.00 18.54 ? 109  LEU A O     1 
ATOM   811  C  CB    . LEU A 1 127 ? 6.223   -8.174  -5.132  1.00 17.33 ? 109  LEU A CB    1 
ATOM   812  C  CG    . LEU A 1 127 ? 5.196   -7.333  -4.370  1.00 21.30 ? 109  LEU A CG    1 
ATOM   813  C  CD1   . LEU A 1 127 ? 5.766   -5.937  -4.120  1.00 22.23 ? 109  LEU A CD1   1 
ATOM   814  C  CD2   . LEU A 1 127 ? 3.901   -7.241  -5.176  1.00 21.36 ? 109  LEU A CD2   1 
ATOM   815  N  N     . ARG A 1 128 ? 8.012   -10.486 -6.231  1.00 22.61 ? 110  ARG A N     1 
ATOM   816  C  CA    . ARG A 1 128 ? 8.840   -11.053 -7.283  1.00 26.14 ? 110  ARG A CA    1 
ATOM   817  C  C     . ARG A 1 128 ? 8.364   -12.435 -7.697  1.00 26.70 ? 110  ARG A C     1 
ATOM   818  O  O     . ARG A 1 128 ? 8.362   -12.770 -8.880  1.00 27.85 ? 110  ARG A O     1 
ATOM   819  C  CB    . ARG A 1 128 ? 10.287  -11.144 -6.817  1.00 30.59 ? 110  ARG A CB    1 
ATOM   820  C  CG    . ARG A 1 128 ? 11.058  -9.859  -6.994  1.00 37.54 ? 110  ARG A CG    1 
ATOM   821  C  CD    . ARG A 1 128 ? 12.439  -10.155 -6.679  1.00 42.95 ? 110  ARG A CD    1 
ATOM   822  N  NE    . ARG A 1 128 ? 13.174  -9.608  -5.552  1.00 47.80 ? 110  ARG A NE    1 
ATOM   823  C  CZ    . ARG A 1 128 ? 13.203  -8.334  -5.192  1.00 49.69 ? 110  ARG A CZ    1 
ATOM   824  N  NH1   . ARG A 1 128 ? 13.919  -7.960  -4.165  1.00 49.16 ? 110  ARG A NH1   1 
ATOM   825  N  NH2   . ARG A 1 128 ? 12.308  -7.446  -5.692  1.00 51.38 ? 110  ARG A NH2   1 
ATOM   826  N  N     . ASP A 1 129 ? 7.957   -13.232 -6.714  1.00 25.02 ? 111  ASP A N     1 
ATOM   827  C  CA    . ASP A 1 129 ? 7.492   -14.584 -6.979  1.00 23.90 ? 111  ASP A CA    1 
ATOM   828  C  C     . ASP A 1 129 ? 6.035   -14.724 -7.418  1.00 22.06 ? 111  ASP A C     1 
ATOM   829  O  O     . ASP A 1 129 ? 5.708   -15.656 -8.145  1.00 19.53 ? 111  ASP A O     1 
ATOM   830  C  CB    . ASP A 1 129 ? 7.721   -15.463 -5.753  1.00 27.05 ? 111  ASP A CB    1 
ATOM   831  C  CG    . ASP A 1 129 ? 9.195   -15.623 -5.417  1.00 32.62 ? 111  ASP A CG    1 
ATOM   832  O  OD1   . ASP A 1 129 ? 10.030  -15.627 -6.355  1.00 32.60 ? 111  ASP A OD1   1 
ATOM   833  O  OD2   . ASP A 1 129 ? 9.514   -15.760 -4.213  1.00 36.00 ? 111  ASP A OD2   1 
ATOM   834  N  N     . HIS A 1 130 ? 5.169   -13.807 -6.991  1.00 19.93 ? 112  HIS A N     1 
ATOM   835  C  CA    . HIS A 1 130 ? 3.743   -13.888 -7.324  1.00 17.19 ? 112  HIS A CA    1 
ATOM   836  C  C     . HIS A 1 130 ? 3.117   -12.770 -8.150  1.00 16.91 ? 112  HIS A C     1 
ATOM   837  O  O     . HIS A 1 130 ? 1.967   -12.889 -8.557  1.00 16.37 ? 112  HIS A O     1 
ATOM   838  C  CB    . HIS A 1 130 ? 2.913   -14.019 -6.044  1.00 18.84 ? 112  HIS A CB    1 
ATOM   839  C  CG    . HIS A 1 130 ? 3.249   -15.226 -5.227  1.00 22.20 ? 112  HIS A CG    1 
ATOM   840  N  ND1   . HIS A 1 130 ? 4.241   -15.224 -4.273  1.00 26.04 ? 112  HIS A ND1   1 
ATOM   841  C  CD2   . HIS A 1 130 ? 2.742   -16.478 -5.244  1.00 22.39 ? 112  HIS A CD2   1 
ATOM   842  C  CE1   . HIS A 1 130 ? 4.332   -16.429 -3.734  1.00 26.09 ? 112  HIS A CE1   1 
ATOM   843  N  NE2   . HIS A 1 130 ? 3.435   -17.208 -4.305  1.00 26.55 ? 112  HIS A NE2   1 
ATOM   844  N  N     . ALA A 1 131 ? 3.838   -11.685 -8.384  1.00 14.44 ? 113  ALA A N     1 
ATOM   845  C  CA    . ALA A 1 131 ? 3.267   -10.577 -9.147  1.00 16.24 ? 113  ALA A CA    1 
ATOM   846  C  C     . ALA A 1 131 ? 4.039   -10.309 -10.431 1.00 16.37 ? 113  ALA A C     1 
ATOM   847  O  O     . ALA A 1 131 ? 5.198   -10.673 -10.536 1.00 19.45 ? 113  ALA A O     1 
ATOM   848  C  CB    . ALA A 1 131 ? 3.243   -9.314  -8.277  1.00 11.37 ? 113  ALA A CB    1 
ATOM   849  N  N     . ASP A 1 132 ? 3.396   -9.674  -11.404 1.00 18.25 ? 114  ASP A N     1 
ATOM   850  C  CA    . ASP A 1 132 ? 4.061   -9.358  -12.668 1.00 20.68 ? 114  ASP A CA    1 
ATOM   851  C  C     . ASP A 1 132 ? 5.350   -8.584  -12.421 1.00 21.12 ? 114  ASP A C     1 
ATOM   852  O  O     . ASP A 1 132 ? 5.391   -7.674  -11.594 1.00 21.86 ? 114  ASP A O     1 
ATOM   853  C  CB    . ASP A 1 132 ? 3.130   -8.547  -13.582 1.00 21.63 ? 114  ASP A CB    1 
ATOM   854  C  CG    . ASP A 1 132 ? 1.951   -9.369  -14.083 1.00 23.80 ? 114  ASP A CG    1 
ATOM   855  O  OD1   . ASP A 1 132 ? 1.967   -10.610 -13.908 1.00 25.29 ? 114  ASP A OD1   1 
ATOM   856  O  OD2   . ASP A 1 132 ? 1.012   -8.782  -14.659 1.00 27.36 ? 114  ASP A OD2   1 
ATOM   857  N  N     . SER A 1 133 ? 6.399   -8.942  -13.156 1.00 21.76 ? 115  SER A N     1 
ATOM   858  C  CA    . SER A 1 133 ? 7.711   -8.312  -13.002 1.00 25.90 ? 115  SER A CA    1 
ATOM   859  C  C     . SER A 1 133 ? 7.746   -6.801  -13.220 1.00 26.18 ? 115  SER A C     1 
ATOM   860  O  O     . SER A 1 133 ? 8.685   -6.137  -12.786 1.00 26.80 ? 115  SER A O     1 
ATOM   861  C  CB    . SER A 1 133 ? 8.725   -8.977  -13.939 1.00 26.25 ? 115  SER A CB    1 
ATOM   862  O  OG    . SER A 1 133 ? 8.401   -8.720  -15.297 1.00 28.62 ? 115  SER A OG    1 
ATOM   863  N  N     . ASN A 1 134 ? 6.732   -6.254  -13.881 1.00 24.85 ? 116  ASN A N     1 
ATOM   864  C  CA    . ASN A 1 134 ? 6.698   -4.820  -14.133 1.00 25.07 ? 116  ASN A CA    1 
ATOM   865  C  C     . ASN A 1 134 ? 5.665   -4.064  -13.304 1.00 22.54 ? 116  ASN A C     1 
ATOM   866  O  O     . ASN A 1 134 ? 5.261   -2.963  -13.656 1.00 22.35 ? 116  ASN A O     1 
ATOM   867  C  CB    . ASN A 1 134 ? 6.445   -4.550  -15.621 1.00 30.56 ? 116  ASN A CB    1 
ATOM   868  C  CG    . ASN A 1 134 ? 7.611   -4.985  -16.499 1.00 35.32 ? 116  ASN A CG    1 
ATOM   869  O  OD1   . ASN A 1 134 ? 8.776   -4.833  -16.121 1.00 39.42 ? 116  ASN A OD1   1 
ATOM   870  N  ND2   . ASN A 1 134 ? 7.312   -5.498  -17.681 1.00 37.40 ? 116  ASN A ND2   1 
ATOM   871  N  N     . ILE A 1 135 ? 5.231   -4.648  -12.200 1.00 19.40 ? 117  ILE A N     1 
ATOM   872  C  CA    . ILE A 1 135 ? 4.242   -3.987  -11.365 1.00 17.60 ? 117  ILE A CA    1 
ATOM   873  C  C     . ILE A 1 135 ? 4.846   -2.708  -10.797 1.00 17.18 ? 117  ILE A C     1 
ATOM   874  O  O     . ILE A 1 135 ? 6.043   -2.647  -10.523 1.00 19.01 ? 117  ILE A O     1 
ATOM   875  C  CB    . ILE A 1 135 ? 3.808   -4.928  -10.218 1.00 15.25 ? 117  ILE A CB    1 
ATOM   876  C  CG1   . ILE A 1 135 ? 2.625   -4.345  -9.457  1.00 12.49 ? 117  ILE A CG1   1 
ATOM   877  C  CG2   . ILE A 1 135 ? 4.999   -5.195  -9.297  1.00 15.23 ? 117  ILE A CG2   1 
ATOM   878  C  CD1   . ILE A 1 135 ? 1.932   -5.384  -8.555  1.00 15.95 ? 117  ILE A CD1   1 
ATOM   879  N  N     . VAL A 1 136 ? 4.030   -1.673  -10.647 1.00 18.26 ? 118  VAL A N     1 
ATOM   880  C  CA    . VAL A 1 136 ? 4.513   -0.418  -10.078 1.00 19.63 ? 118  VAL A CA    1 
ATOM   881  C  C     . VAL A 1 136 ? 4.402   -0.549  -8.562  1.00 19.35 ? 118  VAL A C     1 
ATOM   882  O  O     . VAL A 1 136 ? 3.307   -0.678  -8.024  1.00 19.80 ? 118  VAL A O     1 
ATOM   883  C  CB    . VAL A 1 136 ? 3.670   0.785   -10.556 1.00 20.65 ? 118  VAL A CB    1 
ATOM   884  C  CG1   . VAL A 1 136 ? 4.054   2.049   -9.779  1.00 20.54 ? 118  VAL A CG1   1 
ATOM   885  C  CG2   . VAL A 1 136 ? 3.898   1.002   -12.047 1.00 22.55 ? 118  VAL A CG2   1 
ATOM   886  N  N     . ILE A 1 137 ? 5.536   -0.527  -7.876  1.00 20.72 ? 119  ILE A N     1 
ATOM   887  C  CA    . ILE A 1 137 ? 5.528   -0.668  -6.426  1.00 19.51 ? 119  ILE A CA    1 
ATOM   888  C  C     . ILE A 1 137 ? 5.823   0.632   -5.686  1.00 22.04 ? 119  ILE A C     1 
ATOM   889  O  O     . ILE A 1 137 ? 6.844   1.275   -5.920  1.00 21.94 ? 119  ILE A O     1 
ATOM   890  C  CB    . ILE A 1 137 ? 6.554   -1.709  -5.962  1.00 18.76 ? 119  ILE A CB    1 
ATOM   891  C  CG1   . ILE A 1 137 ? 6.382   -3.010  -6.752  1.00 18.40 ? 119  ILE A CG1   1 
ATOM   892  C  CG2   . ILE A 1 137 ? 6.362   -1.979  -4.472  1.00 19.38 ? 119  ILE A CG2   1 
ATOM   893  C  CD1   . ILE A 1 137 ? 7.591   -3.927  -6.684  1.00 17.69 ? 119  ILE A CD1   1 
ATOM   894  N  N     . MET A 1 138 ? 4.918   1.019   -4.793  1.00 22.54 ? 120  MET A N     1 
ATOM   895  C  CA    . MET A 1 138 ? 5.124   2.222   -4.009  1.00 24.46 ? 120  MET A CA    1 
ATOM   896  C  C     . MET A 1 138 ? 5.293   1.850   -2.551  1.00 23.06 ? 120  MET A C     1 
ATOM   897  O  O     . MET A 1 138 ? 4.402   1.241   -1.947  1.00 21.78 ? 120  MET A O     1 
ATOM   898  C  CB    . MET A 1 138 ? 3.949   3.189   -4.149  1.00 28.78 ? 120  MET A CB    1 
ATOM   899  C  CG    . MET A 1 138 ? 4.140   4.471   -3.340  1.00 33.74 ? 120  MET A CG    1 
ATOM   900  S  SD    . MET A 1 138 ? 2.826   5.672   -3.604  1.00 41.01 ? 120  MET A SD    1 
ATOM   901  C  CE    . MET A 1 138 ? 3.303   6.320   -5.203  1.00 37.00 ? 120  MET A CE    1 
ATOM   902  N  N     . LEU A 1 139 ? 6.446   2.203   -1.995  1.00 21.97 ? 121  LEU A N     1 
ATOM   903  C  CA    . LEU A 1 139 ? 6.730   1.927   -0.594  1.00 19.82 ? 121  LEU A CA    1 
ATOM   904  C  C     . LEU A 1 139 ? 6.038   3.013   0.208   1.00 19.76 ? 121  LEU A C     1 
ATOM   905  O  O     . LEU A 1 139 ? 6.238   4.202   -0.049  1.00 19.52 ? 121  LEU A O     1 
ATOM   906  C  CB    . LEU A 1 139 ? 8.234   1.963   -0.342  1.00 19.85 ? 121  LEU A CB    1 
ATOM   907  C  CG    . LEU A 1 139 ? 8.685   1.637   1.078   1.00 20.92 ? 121  LEU A CG    1 
ATOM   908  C  CD1   . LEU A 1 139 ? 8.228   0.230   1.481   1.00 19.15 ? 121  LEU A CD1   1 
ATOM   909  C  CD2   . LEU A 1 139 ? 10.197  1.739   1.140   1.00 22.20 ? 121  LEU A CD2   1 
ATOM   910  N  N     . VAL A 1 140 ? 5.227   2.603   1.177   1.00 17.95 ? 122  VAL A N     1 
ATOM   911  C  CA    . VAL A 1 140 ? 4.482   3.555   1.996   1.00 17.21 ? 122  VAL A CA    1 
ATOM   912  C  C     . VAL A 1 140 ? 4.780   3.486   3.490   1.00 18.14 ? 122  VAL A C     1 
ATOM   913  O  O     . VAL A 1 140 ? 4.451   2.496   4.160   1.00 19.12 ? 122  VAL A O     1 
ATOM   914  C  CB    . VAL A 1 140 ? 2.958   3.371   1.800   1.00 16.32 ? 122  VAL A CB    1 
ATOM   915  C  CG1   . VAL A 1 140 ? 2.185   4.339   2.699   1.00 18.20 ? 122  VAL A CG1   1 
ATOM   916  C  CG2   . VAL A 1 140 ? 2.591   3.591   0.336   1.00 17.44 ? 122  VAL A CG2   1 
ATOM   917  N  N     . GLY A 1 141 ? 5.413   4.535   4.004   1.00 17.97 ? 123  GLY A N     1 
ATOM   918  C  CA    . GLY A 1 141 ? 5.703   4.611   5.425   1.00 18.75 ? 123  GLY A CA    1 
ATOM   919  C  C     . GLY A 1 141 ? 4.485   5.259   6.055   1.00 19.85 ? 123  GLY A C     1 
ATOM   920  O  O     . GLY A 1 141 ? 4.308   6.473   5.993   1.00 19.55 ? 123  GLY A O     1 
ATOM   921  N  N     . ASN A 1 142 ? 3.623   4.450   6.655   1.00 19.47 ? 124  ASN A N     1 
ATOM   922  C  CA    . ASN A 1 142 ? 2.395   4.964   7.250   1.00 20.94 ? 124  ASN A CA    1 
ATOM   923  C  C     . ASN A 1 142 ? 2.547   5.303   8.730   1.00 21.23 ? 124  ASN A C     1 
ATOM   924  O  O     . ASN A 1 142 ? 3.556   4.971   9.350   1.00 21.20 ? 124  ASN A O     1 
ATOM   925  C  CB    . ASN A 1 142 ? 1.269   3.945   7.033   1.00 19.31 ? 124  ASN A CB    1 
ATOM   926  C  CG    . ASN A 1 142 ? -0.095  4.470   7.446   1.00 18.95 ? 124  ASN A CG    1 
ATOM   927  O  OD1   . ASN A 1 142 ? -0.476  5.584   7.103   1.00 18.80 ? 124  ASN A OD1   1 
ATOM   928  N  ND2   . ASN A 1 142 ? -0.843  3.654   8.167   1.00 20.02 ? 124  ASN A ND2   1 
ATOM   929  N  N     . LYS A 1 143 ? 1.533   5.965   9.281   1.00 21.63 ? 125  LYS A N     1 
ATOM   930  C  CA    . LYS A 1 143 ? 1.507   6.387   10.684  1.00 23.17 ? 125  LYS A CA    1 
ATOM   931  C  C     . LYS A 1 143 ? 2.452   7.557   10.901  1.00 25.81 ? 125  LYS A C     1 
ATOM   932  O  O     . LYS A 1 143 ? 3.143   7.662   11.916  1.00 23.65 ? 125  LYS A O     1 
ATOM   933  C  CB    . LYS A 1 143 ? 1.845   5.219   11.627  1.00 23.10 ? 125  LYS A CB    1 
ATOM   934  C  CG    . LYS A 1 143 ? 0.839   4.080   11.529  1.00 22.44 ? 125  LYS A CG    1 
ATOM   935  C  CD    . LYS A 1 143 ? 0.887   3.139   12.713  1.00 22.75 ? 125  LYS A CD    1 
ATOM   936  C  CE    . LYS A 1 143 ? -0.111  2.008   12.512  1.00 22.82 ? 125  LYS A CE    1 
ATOM   937  N  NZ    . LYS A 1 143 ? -0.063  0.992   13.605  1.00 25.56 ? 125  LYS A NZ    1 
ATOM   938  N  N     . SER A 1 144 ? 2.446   8.451   9.920   1.00 27.84 ? 126  SER A N     1 
ATOM   939  C  CA    . SER A 1 144 ? 3.259   9.661   9.928   1.00 32.62 ? 126  SER A CA    1 
ATOM   940  C  C     . SER A 1 144 ? 3.019   10.504  11.186  1.00 33.75 ? 126  SER A C     1 
ATOM   941  O  O     . SER A 1 144 ? 3.924   11.197  11.660  1.00 35.54 ? 126  SER A O     1 
ATOM   942  C  CB    . SER A 1 144 ? 2.925   10.511  8.696   1.00 31.74 ? 126  SER A CB    1 
ATOM   943  O  OG    . SER A 1 144 ? 1.758   11.274  8.923   1.00 36.58 ? 126  SER A OG    1 
ATOM   944  N  N     . ASP A 1 145 ? 1.800   10.446  11.718  1.00 34.04 ? 127  ASP A N     1 
ATOM   945  C  CA    . ASP A 1 145 ? 1.421   11.211  12.900  1.00 35.41 ? 127  ASP A CA    1 
ATOM   946  C  C     . ASP A 1 145 ? 2.156   10.810  14.183  1.00 37.55 ? 127  ASP A C     1 
ATOM   947  O  O     . ASP A 1 145 ? 2.063   11.502  15.205  1.00 38.42 ? 127  ASP A O     1 
ATOM   948  C  CB    . ASP A 1 145 ? -0.089  11.098  13.103  1.00 36.79 ? 127  ASP A CB    1 
ATOM   949  C  CG    . ASP A 1 145 ? -0.543  9.665   13.284  1.00 38.15 ? 127  ASP A CG    1 
ATOM   950  O  OD1   . ASP A 1 145 ? -0.534  9.183   14.434  1.00 39.58 ? 127  ASP A OD1   1 
ATOM   951  O  OD2   . ASP A 1 145 ? -0.896  9.014   12.275  1.00 38.67 ? 127  ASP A OD2   1 
ATOM   952  N  N     . LEU A 1 146 ? 2.883   9.696   14.129  1.00 38.38 ? 128  LEU A N     1 
ATOM   953  C  CA    . LEU A 1 146 ? 3.645   9.209   15.275  1.00 38.84 ? 128  LEU A CA    1 
ATOM   954  C  C     . LEU A 1 146 ? 5.114   9.545   15.036  1.00 41.72 ? 128  LEU A C     1 
ATOM   955  O  O     . LEU A 1 146 ? 6.018   8.860   15.525  1.00 39.51 ? 128  LEU A O     1 
ATOM   956  C  CB    . LEU A 1 146 ? 3.479   7.692   15.423  1.00 37.12 ? 128  LEU A CB    1 
ATOM   957  C  CG    . LEU A 1 146 ? 2.049   7.142   15.423  1.00 34.26 ? 128  LEU A CG    1 
ATOM   958  C  CD1   . LEU A 1 146 ? 2.102   5.643   15.594  1.00 33.54 ? 128  LEU A CD1   1 
ATOM   959  C  CD2   . LEU A 1 146 ? 1.228   7.780   16.528  1.00 33.64 ? 128  LEU A CD2   1 
ATOM   960  N  N     . ARG A 1 147 ? 5.328   10.608  14.266  1.00 45.17 ? 129  ARG A N     1 
ATOM   961  C  CA    . ARG A 1 147 ? 6.656   11.093  13.913  1.00 49.95 ? 129  ARG A CA    1 
ATOM   962  C  C     . ARG A 1 147 ? 7.571   11.191  15.130  1.00 50.69 ? 129  ARG A C     1 
ATOM   963  O  O     . ARG A 1 147 ? 8.794   11.082  15.018  1.00 50.65 ? 129  ARG A O     1 
ATOM   964  C  CB    . ARG A 1 147 ? 6.530   12.470  13.258  1.00 53.17 ? 129  ARG A CB    1 
ATOM   965  C  CG    . ARG A 1 147 ? 7.842   13.102  12.826  1.00 58.70 ? 129  ARG A CG    1 
ATOM   966  C  CD    . ARG A 1 147 ? 7.614   14.549  12.406  1.00 62.72 ? 129  ARG A CD    1 
ATOM   967  N  NE    . ARG A 1 147 ? 6.541   14.670  11.419  1.00 65.47 ? 129  ARG A NE    1 
ATOM   968  C  CZ    . ARG A 1 147 ? 6.576   14.133  10.203  1.00 67.41 ? 129  ARG A CZ    1 
ATOM   969  N  NH1   . ARG A 1 147 ? 5.552   14.294  9.374   1.00 67.84 ? 129  ARG A NH1   1 
ATOM   970  N  NH2   . ARG A 1 147 ? 7.636   13.439  9.811   1.00 68.36 ? 129  ARG A NH2   1 
ATOM   971  N  N     . HIS A 1 148 ? 6.967   11.396  16.293  1.00 51.29 ? 130  HIS A N     1 
ATOM   972  C  CA    . HIS A 1 148 ? 7.713   11.523  17.534  1.00 51.73 ? 130  HIS A CA    1 
ATOM   973  C  C     . HIS A 1 148 ? 8.131   10.164  18.091  1.00 50.17 ? 130  HIS A C     1 
ATOM   974  O  O     . HIS A 1 148 ? 8.946   10.085  19.009  1.00 50.77 ? 130  HIS A O     1 
ATOM   975  C  CB    . HIS A 1 148 ? 6.855   12.275  18.539  1.00 54.53 ? 130  HIS A CB    1 
ATOM   976  C  CG    . HIS A 1 148 ? 6.363   13.597  18.031  1.00 57.78 ? 130  HIS A CG    1 
ATOM   977  N  ND1   . HIS A 1 148 ? 7.173   14.713  17.952  1.00 59.41 ? 130  HIS A ND1   1 
ATOM   978  C  CD2   . HIS A 1 148 ? 5.144   13.986  17.596  1.00 59.50 ? 130  HIS A CD2   1 
ATOM   979  C  CE1   . HIS A 1 148 ? 6.468   15.732  17.497  1.00 59.77 ? 130  HIS A CE1   1 
ATOM   980  N  NE2   . HIS A 1 148 ? 5.235   15.322  17.273  1.00 60.50 ? 130  HIS A NE2   1 
ATOM   981  N  N     . LEU A 1 149 ? 7.571   9.100   17.523  1.00 48.87 ? 131  LEU A N     1 
ATOM   982  C  CA    . LEU A 1 149 ? 7.882   7.734   17.941  1.00 46.58 ? 131  LEU A CA    1 
ATOM   983  C  C     . LEU A 1 149 ? 8.628   7.003   16.827  1.00 44.09 ? 131  LEU A C     1 
ATOM   984  O  O     . LEU A 1 149 ? 8.908   5.809   16.923  1.00 43.00 ? 131  LEU A O     1 
ATOM   985  C  CB    . LEU A 1 149 ? 6.591   6.981   18.273  1.00 48.41 ? 131  LEU A CB    1 
ATOM   986  C  CG    . LEU A 1 149 ? 5.790   7.484   19.476  1.00 49.37 ? 131  LEU A CG    1 
ATOM   987  C  CD1   . LEU A 1 149 ? 4.491   6.699   19.582  1.00 49.69 ? 131  LEU A CD1   1 
ATOM   988  C  CD2   . LEU A 1 149 ? 6.614   7.325   20.748  1.00 49.77 ? 131  LEU A CD2   1 
ATOM   989  N  N     . ARG A 1 150 ? 8.948   7.749   15.777  1.00 41.75 ? 132  ARG A N     1 
ATOM   990  C  CA    . ARG A 1 150 ? 9.646   7.230   14.609  1.00 40.78 ? 132  ARG A CA    1 
ATOM   991  C  C     . ARG A 1 150 ? 10.794  6.262   14.900  1.00 40.77 ? 132  ARG A C     1 
ATOM   992  O  O     . ARG A 1 150 ? 11.686  6.553   15.694  1.00 40.89 ? 132  ARG A O     1 
ATOM   993  C  CB    . ARG A 1 150 ? 10.166  8.402   13.787  1.00 39.70 ? 132  ARG A CB    1 
ATOM   994  C  CG    . ARG A 1 150 ? 10.964  8.012   12.569  1.00 37.80 ? 132  ARG A CG    1 
ATOM   995  C  CD    . ARG A 1 150 ? 11.451  9.261   11.873  1.00 36.87 ? 132  ARG A CD    1 
ATOM   996  N  NE    . ARG A 1 150 ? 10.342  10.077  11.395  1.00 33.62 ? 132  ARG A NE    1 
ATOM   997  C  CZ    . ARG A 1 150 ? 9.550   9.740   10.385  1.00 35.56 ? 132  ARG A CZ    1 
ATOM   998  N  NH1   . ARG A 1 150 ? 9.742   8.596   9.741   1.00 35.40 ? 132  ARG A NH1   1 
ATOM   999  N  NH2   . ARG A 1 150 ? 8.565   10.551  10.012  1.00 37.33 ? 132  ARG A NH2   1 
ATOM   1000 N  N     . ALA A 1 151 ? 10.758  5.106   14.242  1.00 39.77 ? 133  ALA A N     1 
ATOM   1001 C  CA    . ALA A 1 151 ? 11.791  4.088   14.399  1.00 37.61 ? 133  ALA A CA    1 
ATOM   1002 C  C     . ALA A 1 151 ? 12.533  3.912   13.078  1.00 36.69 ? 133  ALA A C     1 
ATOM   1003 O  O     . ALA A 1 151 ? 13.629  3.362   13.035  1.00 34.20 ? 133  ALA A O     1 
ATOM   1004 C  CB    . ALA A 1 151 ? 11.166  2.771   14.828  1.00 38.79 ? 133  ALA A CB    1 
ATOM   1005 N  N     . VAL A 1 152 ? 11.920  4.390   11.999  1.00 36.40 ? 134  VAL A N     1 
ATOM   1006 C  CA    . VAL A 1 152 ? 12.509  4.297   10.667  1.00 35.20 ? 134  VAL A CA    1 
ATOM   1007 C  C     . VAL A 1 152 ? 12.736  5.698   10.095  1.00 34.56 ? 134  VAL A C     1 
ATOM   1008 O  O     . VAL A 1 152 ? 11.797  6.364   9.666   1.00 33.74 ? 134  VAL A O     1 
ATOM   1009 C  CB    . VAL A 1 152 ? 11.583  3.509   9.693   1.00 35.75 ? 134  VAL A CB    1 
ATOM   1010 C  CG1   . VAL A 1 152 ? 12.261  3.352   8.344   1.00 33.76 ? 134  VAL A CG1   1 
ATOM   1011 C  CG2   . VAL A 1 152 ? 11.235  2.146   10.280  1.00 35.02 ? 134  VAL A CG2   1 
ATOM   1012 N  N     . PRO A 1 153 ? 13.992  6.163   10.083  1.00 34.62 ? 135  PRO A N     1 
ATOM   1013 C  CA    . PRO A 1 153 ? 14.254  7.499   9.543   1.00 34.13 ? 135  PRO A CA    1 
ATOM   1014 C  C     . PRO A 1 153 ? 13.862  7.639   8.079   1.00 34.56 ? 135  PRO A C     1 
ATOM   1015 O  O     . PRO A 1 153 ? 14.165  6.775   7.256   1.00 34.20 ? 135  PRO A O     1 
ATOM   1016 C  CB    . PRO A 1 153 ? 15.755  7.686   9.783   1.00 34.59 ? 135  PRO A CB    1 
ATOM   1017 C  CG    . PRO A 1 153 ? 16.286  6.289   9.818   1.00 35.41 ? 135  PRO A CG    1 
ATOM   1018 C  CD    . PRO A 1 153 ? 15.227  5.546   10.592  1.00 34.22 ? 135  PRO A CD    1 
ATOM   1019 N  N     . THR A 1 154 ? 13.189  8.738   7.761   1.00 34.51 ? 136  THR A N     1 
ATOM   1020 C  CA    . THR A 1 154 ? 12.733  9.003   6.402   1.00 35.60 ? 136  THR A CA    1 
ATOM   1021 C  C     . THR A 1 154 ? 13.807  8.898   5.316   1.00 37.25 ? 136  THR A C     1 
ATOM   1022 O  O     . THR A 1 154 ? 13.584  8.276   4.277   1.00 36.57 ? 136  THR A O     1 
ATOM   1023 C  CB    . THR A 1 154 ? 12.094  10.394  6.310   1.00 34.81 ? 136  THR A CB    1 
ATOM   1024 O  OG1   . THR A 1 154 ? 10.971  10.455  7.200   1.00 34.75 ? 136  THR A OG1   1 
ATOM   1025 C  CG2   . THR A 1 154 ? 11.638  10.682  4.888   1.00 32.89 ? 136  THR A CG2   1 
ATOM   1026 N  N     . ASP A 1 155 ? 14.965  9.508   5.549   1.00 38.96 ? 137  ASP A N     1 
ATOM   1027 C  CA    . ASP A 1 155 ? 16.040  9.485   4.563   1.00 39.77 ? 137  ASP A CA    1 
ATOM   1028 C  C     . ASP A 1 155 ? 16.493  8.066   4.239   1.00 38.94 ? 137  ASP A C     1 
ATOM   1029 O  O     . ASP A 1 155 ? 16.801  7.752   3.090   1.00 38.30 ? 137  ASP A O     1 
ATOM   1030 C  CB    . ASP A 1 155 ? 17.237  10.298  5.062   1.00 42.96 ? 137  ASP A CB    1 
ATOM   1031 C  CG    . ASP A 1 155 ? 17.942  9.634   6.229   1.00 46.36 ? 137  ASP A CG    1 
ATOM   1032 O  OD1   . ASP A 1 155 ? 17.320  9.503   7.307   1.00 49.31 ? 137  ASP A OD1   1 
ATOM   1033 O  OD2   . ASP A 1 155 ? 19.117  9.236   6.066   1.00 48.10 ? 137  ASP A OD2   1 
ATOM   1034 N  N     . GLU A 1 156 ? 16.538  7.213   5.257   1.00 38.44 ? 138  GLU A N     1 
ATOM   1035 C  CA    . GLU A 1 156 ? 16.963  5.829   5.075   1.00 37.82 ? 138  GLU A CA    1 
ATOM   1036 C  C     . GLU A 1 156 ? 15.970  5.031   4.232   1.00 37.39 ? 138  GLU A C     1 
ATOM   1037 O  O     . GLU A 1 156 ? 16.363  4.231   3.378   1.00 36.76 ? 138  GLU A O     1 
ATOM   1038 C  CB    . GLU A 1 156 ? 17.127  5.145   6.430   1.00 39.28 ? 138  GLU A CB    1 
ATOM   1039 C  CG    . GLU A 1 156 ? 17.655  3.727   6.329   1.00 41.94 ? 138  GLU A CG    1 
ATOM   1040 C  CD    . GLU A 1 156 ? 17.383  2.909   7.574   1.00 43.18 ? 138  GLU A CD    1 
ATOM   1041 O  OE1   . GLU A 1 156 ? 17.825  1.742   7.628   1.00 43.61 ? 138  GLU A OE1   1 
ATOM   1042 O  OE2   . GLU A 1 156 ? 16.720  3.430   8.494   1.00 45.79 ? 138  GLU A OE2   1 
ATOM   1043 N  N     . ALA A 1 157 ? 14.682  5.246   4.481   1.00 35.83 ? 139  ALA A N     1 
ATOM   1044 C  CA    . ALA A 1 157 ? 13.633  4.542   3.752   1.00 35.13 ? 139  ALA A CA    1 
ATOM   1045 C  C     . ALA A 1 157 ? 13.603  5.026   2.309   1.00 34.25 ? 139  ALA A C     1 
ATOM   1046 O  O     . ALA A 1 157 ? 13.477  4.236   1.375   1.00 33.00 ? 139  ALA A O     1 
ATOM   1047 C  CB    . ALA A 1 157 ? 12.284  4.782   4.421   1.00 33.03 ? 139  ALA A CB    1 
ATOM   1048 N  N     . ARG A 1 158 ? 13.738  6.335   2.140   1.00 35.47 ? 140  ARG A N     1 
ATOM   1049 C  CA    . ARG A 1 158 ? 13.737  6.950   0.823   1.00 35.92 ? 140  ARG A CA    1 
ATOM   1050 C  C     . ARG A 1 158 ? 14.910  6.422   -0.002  1.00 35.38 ? 140  ARG A C     1 
ATOM   1051 O  O     . ARG A 1 158 ? 14.766  6.124   -1.188  1.00 34.84 ? 140  ARG A O     1 
ATOM   1052 C  CB    . ARG A 1 158 ? 13.827  8.466   0.980   1.00 39.90 ? 140  ARG A CB    1 
ATOM   1053 C  CG    . ARG A 1 158 ? 13.741  9.256   -0.308  1.00 44.80 ? 140  ARG A CG    1 
ATOM   1054 C  CD    . ARG A 1 158 ? 13.498  10.719  0.012   1.00 49.70 ? 140  ARG A CD    1 
ATOM   1055 N  NE    . ARG A 1 158 ? 12.151  10.930  0.536   1.00 53.37 ? 140  ARG A NE    1 
ATOM   1056 C  CZ    . ARG A 1 158 ? 11.772  12.001  1.226   1.00 54.93 ? 140  ARG A CZ    1 
ATOM   1057 N  NH1   . ARG A 1 158 ? 10.521  12.105  1.655   1.00 56.03 ? 140  ARG A NH1   1 
ATOM   1058 N  NH2   . ARG A 1 158 ? 12.648  12.959  1.501   1.00 56.77 ? 140  ARG A NH2   1 
ATOM   1059 N  N     . ALA A 1 159 ? 16.072  6.302   0.632   1.00 34.72 ? 141  ALA A N     1 
ATOM   1060 C  CA    . ALA A 1 159 ? 17.257  5.794   -0.048  1.00 34.30 ? 141  ALA A CA    1 
ATOM   1061 C  C     . ALA A 1 159 ? 17.000  4.346   -0.443  1.00 34.33 ? 141  ALA A C     1 
ATOM   1062 O  O     . ALA A 1 159 ? 17.329  3.919   -1.555  1.00 34.35 ? 141  ALA A O     1 
ATOM   1063 C  CB    . ALA A 1 159 ? 18.472  5.878   0.873   1.00 35.03 ? 141  ALA A CB    1 
ATOM   1064 N  N     . PHE A 1 160 ? 16.406  3.593   0.479   1.00 32.47 ? 142  PHE A N     1 
ATOM   1065 C  CA    . PHE A 1 160 ? 16.095  2.194   0.232   1.00 31.81 ? 142  PHE A CA    1 
ATOM   1066 C  C     . PHE A 1 160 ? 15.195  2.059   -0.994  1.00 30.87 ? 142  PHE A C     1 
ATOM   1067 O  O     . PHE A 1 160 ? 15.421  1.202   -1.848  1.00 30.86 ? 142  PHE A O     1 
ATOM   1068 C  CB    . PHE A 1 160 ? 15.394  1.590   1.447   1.00 30.54 ? 142  PHE A CB    1 
ATOM   1069 C  CG    . PHE A 1 160 ? 14.985  0.154   1.256   1.00 29.96 ? 142  PHE A CG    1 
ATOM   1070 C  CD1   . PHE A 1 160 ? 15.864  -0.881  1.554   1.00 28.49 ? 142  PHE A CD1   1 
ATOM   1071 C  CD2   . PHE A 1 160 ? 13.722  -0.161  0.761   1.00 28.37 ? 142  PHE A CD2   1 
ATOM   1072 C  CE1   . PHE A 1 160 ? 15.489  -2.204  1.367   1.00 27.19 ? 142  PHE A CE1   1 
ATOM   1073 C  CE2   . PHE A 1 160 ? 13.343  -1.482  0.571   1.00 27.55 ? 142  PHE A CE2   1 
ATOM   1074 C  CZ    . PHE A 1 160 ? 14.227  -2.504  0.872   1.00 25.60 ? 142  PHE A CZ    1 
ATOM   1075 N  N     . ALA A 1 161 ? 14.171  2.903   -1.072  1.00 32.54 ? 143  ALA A N     1 
ATOM   1076 C  CA    . ALA A 1 161 ? 13.240  2.881   -2.196  1.00 33.82 ? 143  ALA A CA    1 
ATOM   1077 C  C     . ALA A 1 161 ? 14.011  3.137   -3.479  1.00 35.83 ? 143  ALA A C     1 
ATOM   1078 O  O     . ALA A 1 161 ? 13.731  2.544   -4.521  1.00 35.64 ? 143  ALA A O     1 
ATOM   1079 C  CB    . ALA A 1 161 ? 12.174  3.946   -2.013  1.00 32.33 ? 143  ALA A CB    1 
ATOM   1080 N  N     . GLU A 1 162 ? 14.985  4.038   -3.385  1.00 38.07 ? 144  GLU A N     1 
ATOM   1081 C  CA    . GLU A 1 162 ? 15.828  4.403   -4.515  1.00 41.04 ? 144  GLU A CA    1 
ATOM   1082 C  C     . GLU A 1 162 ? 16.548  3.178   -5.061  1.00 40.17 ? 144  GLU A C     1 
ATOM   1083 O  O     . GLU A 1 162 ? 16.378  2.810   -6.220  1.00 40.53 ? 144  GLU A O     1 
ATOM   1084 C  CB    . GLU A 1 162 ? 16.866  5.432   -4.073  1.00 43.28 ? 144  GLU A CB    1 
ATOM   1085 C  CG    . GLU A 1 162 ? 17.712  5.989   -5.200  1.00 48.69 ? 144  GLU A CG    1 
ATOM   1086 C  CD    . GLU A 1 162 ? 16.920  6.905   -6.106  1.00 50.36 ? 144  GLU A CD    1 
ATOM   1087 O  OE1   . GLU A 1 162 ? 16.388  7.919   -5.601  1.00 52.33 ? 144  GLU A OE1   1 
ATOM   1088 O  OE2   . GLU A 1 162 ? 16.831  6.613   -7.319  1.00 53.60 ? 144  GLU A OE2   1 
ATOM   1089 N  N     . LYS A 1 163 ? 17.353  2.552   -4.208  1.00 41.16 ? 145  LYS A N     1 
ATOM   1090 C  CA    . LYS A 1 163 ? 18.129  1.377   -4.588  1.00 41.72 ? 145  LYS A CA    1 
ATOM   1091 C  C     . LYS A 1 163 ? 17.312  0.218   -5.138  1.00 41.10 ? 145  LYS A C     1 
ATOM   1092 O  O     . LYS A 1 163 ? 17.834  -0.598  -5.896  1.00 41.20 ? 145  LYS A O     1 
ATOM   1093 C  CB    . LYS A 1 163 ? 18.952  0.883   -3.398  1.00 42.72 ? 145  LYS A CB    1 
ATOM   1094 C  CG    . LYS A 1 163 ? 20.095  1.809   -3.014  1.00 46.10 ? 145  LYS A CG    1 
ATOM   1095 C  CD    . LYS A 1 163 ? 20.843  1.306   -1.779  1.00 47.65 ? 145  LYS A CD    1 
ATOM   1096 C  CE    . LYS A 1 163 ? 19.961  1.338   -0.539  1.00 48.55 ? 145  LYS A CE    1 
ATOM   1097 N  NZ    . LYS A 1 163 ? 20.716  0.946   0.682   1.00 50.22 ? 145  LYS A NZ    1 
ATOM   1098 N  N     . ASN A 1 164 ? 16.039  0.137   -4.760  1.00 40.56 ? 146  ASN A N     1 
ATOM   1099 C  CA    . ASN A 1 164 ? 15.191  -0.953  -5.224  1.00 39.86 ? 146  ASN A CA    1 
ATOM   1100 C  C     . ASN A 1 164 ? 14.179  -0.547  -6.288  1.00 39.38 ? 146  ASN A C     1 
ATOM   1101 O  O     . ASN A 1 164 ? 13.240  -1.295  -6.575  1.00 39.75 ? 146  ASN A O     1 
ATOM   1102 C  CB    . ASN A 1 164 ? 14.455  -1.596  -4.043  1.00 40.55 ? 146  ASN A CB    1 
ATOM   1103 C  CG    . ASN A 1 164 ? 15.402  -2.169  -3.007  1.00 42.49 ? 146  ASN A CG    1 
ATOM   1104 O  OD1   . ASN A 1 164 ? 15.939  -1.444  -2.168  1.00 44.38 ? 146  ASN A OD1   1 
ATOM   1105 N  ND2   . ASN A 1 164 ? 15.624  -3.476  -3.068  1.00 41.21 ? 146  ASN A ND2   1 
ATOM   1106 N  N     . GLY A 1 165 ? 14.366  0.634   -6.869  1.00 37.97 ? 147  GLY A N     1 
ATOM   1107 C  CA    . GLY A 1 165 ? 13.459  1.098   -7.905  1.00 36.11 ? 147  GLY A CA    1 
ATOM   1108 C  C     . GLY A 1 165 ? 11.997  1.113   -7.503  1.00 35.24 ? 147  GLY A C     1 
ATOM   1109 O  O     . GLY A 1 165 ? 11.146  0.538   -8.185  1.00 36.88 ? 147  GLY A O     1 
ATOM   1110 N  N     . LEU A 1 166 ? 11.700  1.775   -6.392  1.00 31.87 ? 148  LEU A N     1 
ATOM   1111 C  CA    . LEU A 1 166 ? 10.329  1.875   -5.909  1.00 29.36 ? 148  LEU A CA    1 
ATOM   1112 C  C     . LEU A 1 166 ? 10.012  3.335   -5.625  1.00 27.73 ? 148  LEU A C     1 
ATOM   1113 O  O     . LEU A 1 166 ? 10.912  4.124   -5.348  1.00 28.76 ? 148  LEU A O     1 
ATOM   1114 C  CB    . LEU A 1 166 ? 10.164  1.105   -4.598  1.00 27.94 ? 148  LEU A CB    1 
ATOM   1115 C  CG    . LEU A 1 166 ? 10.824  -0.260  -4.405  1.00 26.94 ? 148  LEU A CG    1 
ATOM   1116 C  CD1   . LEU A 1 166 ? 10.800  -0.610  -2.916  1.00 27.16 ? 148  LEU A CD1   1 
ATOM   1117 C  CD2   . LEU A 1 166 ? 10.109  -1.314  -5.233  1.00 25.35 ? 148  LEU A CD2   1 
ATOM   1118 N  N     . SER A 1 167 ? 8.737   3.691   -5.705  1.00 26.50 ? 149  SER A N     1 
ATOM   1119 C  CA    . SER A 1 167 ? 8.307   5.040   -5.371  1.00 27.32 ? 149  SER A CA    1 
ATOM   1120 C  C     . SER A 1 167 ? 8.260   5.039   -3.841  1.00 27.08 ? 149  SER A C     1 
ATOM   1121 O  O     . SER A 1 167 ? 8.232   3.977   -3.225  1.00 26.75 ? 149  SER A O     1 
ATOM   1122 C  CB    . SER A 1 167 ? 6.910   5.323   -5.923  1.00 28.67 ? 149  SER A CB    1 
ATOM   1123 O  OG    . SER A 1 167 ? 6.922   5.389   -7.338  1.00 32.50 ? 149  SER A OG    1 
ATOM   1124 N  N     . PHE A 1 168 ? 8.244   6.212   -3.227  1.00 26.84 ? 150  PHE A N     1 
ATOM   1125 C  CA    . PHE A 1 168 ? 8.214   6.282   -1.770  1.00 26.47 ? 150  PHE A CA    1 
ATOM   1126 C  C     . PHE A 1 168 ? 7.391   7.456   -1.268  1.00 27.29 ? 150  PHE A C     1 
ATOM   1127 O  O     . PHE A 1 168 ? 7.410   8.532   -1.859  1.00 26.06 ? 150  PHE A O     1 
ATOM   1128 C  CB    . PHE A 1 168 ? 9.641   6.398   -1.218  1.00 27.70 ? 150  PHE A CB    1 
ATOM   1129 C  CG    . PHE A 1 168 ? 9.704   6.648   0.269   1.00 29.96 ? 150  PHE A CG    1 
ATOM   1130 C  CD1   . PHE A 1 168 ? 9.418   5.633   1.177   1.00 31.45 ? 150  PHE A CD1   1 
ATOM   1131 C  CD2   . PHE A 1 168 ? 10.042  7.909   0.759   1.00 31.36 ? 150  PHE A CD2   1 
ATOM   1132 C  CE1   . PHE A 1 168 ? 9.468   5.869   2.562   1.00 33.20 ? 150  PHE A CE1   1 
ATOM   1133 C  CE2   . PHE A 1 168 ? 10.096  8.159   2.139   1.00 31.79 ? 150  PHE A CE2   1 
ATOM   1134 C  CZ    . PHE A 1 168 ? 9.807   7.137   3.041   1.00 32.25 ? 150  PHE A CZ    1 
ATOM   1135 N  N     . ILE A 1 169 ? 6.665   7.242   -0.176  1.00 25.95 ? 151  ILE A N     1 
ATOM   1136 C  CA    . ILE A 1 169 ? 5.874   8.306   0.410   1.00 26.21 ? 151  ILE A CA    1 
ATOM   1137 C  C     . ILE A 1 169 ? 5.481   7.949   1.838   1.00 27.94 ? 151  ILE A C     1 
ATOM   1138 O  O     . ILE A 1 169 ? 5.258   6.782   2.153   1.00 27.21 ? 151  ILE A O     1 
ATOM   1139 C  CB    . ILE A 1 169 ? 4.604   8.595   -0.428  1.00 28.03 ? 151  ILE A CB    1 
ATOM   1140 C  CG1   . ILE A 1 169 ? 4.050   9.978   -0.068  1.00 27.43 ? 151  ILE A CG1   1 
ATOM   1141 C  CG2   . ILE A 1 169 ? 3.543   7.534   -0.169  1.00 27.10 ? 151  ILE A CG2   1 
ATOM   1142 C  CD1   . ILE A 1 169 ? 2.940   10.459  -0.986  1.00 27.96 ? 151  ILE A CD1   1 
ATOM   1143 N  N     . GLU A 1 170 ? 5.443   8.948   2.713   1.00 27.62 ? 152  GLU A N     1 
ATOM   1144 C  CA    . GLU A 1 170 ? 5.034   8.710   4.092   1.00 28.01 ? 152  GLU A CA    1 
ATOM   1145 C  C     . GLU A 1 170 ? 3.612   9.231   4.214   1.00 27.08 ? 152  GLU A C     1 
ATOM   1146 O  O     . GLU A 1 170 ? 3.281   10.293  3.680   1.00 24.70 ? 152  GLU A O     1 
ATOM   1147 C  CB    . GLU A 1 170 ? 5.969   9.419   5.076   1.00 29.93 ? 152  GLU A CB    1 
ATOM   1148 C  CG    . GLU A 1 170 ? 7.388   8.860   5.050   1.00 33.90 ? 152  GLU A CG    1 
ATOM   1149 C  CD    . GLU A 1 170 ? 8.085   8.920   6.398   1.00 36.83 ? 152  GLU A CD    1 
ATOM   1150 O  OE1   . GLU A 1 170 ? 9.228   8.426   6.493   1.00 35.00 ? 152  GLU A OE1   1 
ATOM   1151 O  OE2   . GLU A 1 170 ? 7.494   9.456   7.364   1.00 41.19 ? 152  GLU A OE2   1 
ATOM   1152 N  N     . THR A 1 171 ? 2.766   8.475   4.901   1.00 24.45 ? 153  THR A N     1 
ATOM   1153 C  CA    . THR A 1 171 ? 1.372   8.859   5.052   1.00 25.20 ? 153  THR A CA    1 
ATOM   1154 C  C     . THR A 1 171 ? 0.875   8.712   6.474   1.00 23.86 ? 153  THR A C     1 
ATOM   1155 O  O     . THR A 1 171 ? 1.579   8.227   7.362   1.00 23.18 ? 153  THR A O     1 
ATOM   1156 C  CB    . THR A 1 171 ? 0.445   7.973   4.183   1.00 26.08 ? 153  THR A CB    1 
ATOM   1157 O  OG1   . THR A 1 171 ? 0.525   6.617   4.640   1.00 24.41 ? 153  THR A OG1   1 
ATOM   1158 C  CG2   . THR A 1 171 ? 0.858   8.022   2.720   1.00 27.29 ? 153  THR A CG2   1 
ATOM   1159 N  N     . SER A 1 172 ? -0.366  9.136   6.664   1.00 23.69 ? 154  SER A N     1 
ATOM   1160 C  CA    . SER A 1 172 ? -1.048  9.021   7.935   1.00 23.92 ? 154  SER A CA    1 
ATOM   1161 C  C     . SER A 1 172 ? -2.520  8.869   7.603   1.00 23.96 ? 154  SER A C     1 
ATOM   1162 O  O     . SER A 1 172 ? -3.182  9.831   7.203   1.00 25.89 ? 154  SER A O     1 
ATOM   1163 C  CB    . SER A 1 172 ? -0.852  10.259  8.804   1.00 25.49 ? 154  SER A CB    1 
ATOM   1164 O  OG    . SER A 1 172 ? -1.583  10.116  10.011  1.00 25.12 ? 154  SER A OG    1 
ATOM   1165 N  N     . ALA A 1 173 ? -3.031  7.655   7.748   1.00 23.06 ? 155  ALA A N     1 
ATOM   1166 C  CA    . ALA A 1 173 ? -4.436  7.409   7.462   1.00 24.47 ? 155  ALA A CA    1 
ATOM   1167 C  C     . ALA A 1 173 ? -5.271  8.090   8.535   1.00 25.13 ? 155  ALA A C     1 
ATOM   1168 O  O     . ALA A 1 173 ? -6.418  8.468   8.302   1.00 25.16 ? 155  ALA A O     1 
ATOM   1169 C  CB    . ALA A 1 173 ? -4.719  5.900   7.440   1.00 22.44 ? 155  ALA A CB    1 
ATOM   1170 N  N     . LEU A 1 174 ? -4.673  8.262   9.709   1.00 28.22 ? 156  LEU A N     1 
ATOM   1171 C  CA    . LEU A 1 174 ? -5.362  8.886   10.824  1.00 29.99 ? 156  LEU A CA    1 
ATOM   1172 C  C     . LEU A 1 174 ? -5.665  10.359  10.553  1.00 31.29 ? 156  LEU A C     1 
ATOM   1173 O  O     . LEU A 1 174 ? -6.831  10.748  10.492  1.00 30.98 ? 156  LEU A O     1 
ATOM   1174 C  CB    . LEU A 1 174 ? -4.537  8.720   12.104  1.00 30.45 ? 156  LEU A CB    1 
ATOM   1175 C  CG    . LEU A 1 174 ? -5.199  9.161   13.415  1.00 31.28 ? 156  LEU A CG    1 
ATOM   1176 C  CD1   . LEU A 1 174 ? -4.576  8.409   14.585  1.00 33.98 ? 156  LEU A CD1   1 
ATOM   1177 C  CD2   . LEU A 1 174 ? -5.048  10.659  13.584  1.00 32.01 ? 156  LEU A CD2   1 
ATOM   1178 N  N     . ASP A 1 175 ? -4.636  11.179  10.372  1.00 33.04 ? 157  ASP A N     1 
ATOM   1179 C  CA    . ASP A 1 175 ? -4.884  12.592  10.114  1.00 36.97 ? 157  ASP A CA    1 
ATOM   1180 C  C     . ASP A 1 175 ? -5.078  12.877  8.627   1.00 37.25 ? 157  ASP A C     1 
ATOM   1181 O  O     . ASP A 1 175 ? -5.285  14.022  8.223   1.00 37.71 ? 157  ASP A O     1 
ATOM   1182 C  CB    . ASP A 1 175 ? -3.763  13.462  10.694  1.00 38.05 ? 157  ASP A CB    1 
ATOM   1183 C  CG    . ASP A 1 175 ? -2.413  13.128  10.123  1.00 40.45 ? 157  ASP A CG    1 
ATOM   1184 O  OD1   . ASP A 1 175 ? -2.315  12.996  8.887   1.00 42.71 ? 157  ASP A OD1   1 
ATOM   1185 O  OD2   . ASP A 1 175 ? -1.448  13.011  10.908  1.00 42.18 ? 157  ASP A OD2   1 
ATOM   1186 N  N     . SER A 1 176 ? -5.000  11.819  7.821   1.00 38.08 ? 158  SER A N     1 
ATOM   1187 C  CA    . SER A 1 176 ? -5.221  11.896  6.379   1.00 37.88 ? 158  SER A CA    1 
ATOM   1188 C  C     . SER A 1 176 ? -4.071  12.403  5.500   1.00 36.11 ? 158  SER A C     1 
ATOM   1189 O  O     . SER A 1 176 ? -4.230  12.508  4.285   1.00 36.49 ? 158  SER A O     1 
ATOM   1190 C  CB    . SER A 1 176 ? -6.474  12.738  6.109   1.00 39.10 ? 158  SER A CB    1 
ATOM   1191 O  OG    . SER A 1 176 ? -7.086  12.358  4.893   1.00 42.13 ? 158  SER A OG    1 
ATOM   1192 N  N     . THR A 1 177 ? -2.921  12.689  6.101   1.00 33.81 ? 159  THR A N     1 
ATOM   1193 C  CA    . THR A 1 177 ? -1.757  13.198  5.369   1.00 32.28 ? 159  THR A CA    1 
ATOM   1194 C  C     . THR A 1 177 ? -1.202  12.312  4.245   1.00 31.08 ? 159  THR A C     1 
ATOM   1195 O  O     . THR A 1 177 ? -0.757  11.194  4.488   1.00 30.87 ? 159  THR A O     1 
ATOM   1196 C  CB    . THR A 1 177 ? -0.590  13.489  6.332   1.00 31.90 ? 159  THR A CB    1 
ATOM   1197 O  OG1   . THR A 1 177 ? -1.033  14.359  7.377   1.00 35.04 ? 159  THR A OG1   1 
ATOM   1198 C  CG2   . THR A 1 177 ? 0.561   14.159  5.593   1.00 32.66 ? 159  THR A CG2   1 
ATOM   1199 N  N     . ASN A 1 178 ? -1.211  12.841  3.021   1.00 29.44 ? 160  ASN A N     1 
ATOM   1200 C  CA    . ASN A 1 178 ? -0.689  12.152  1.834   1.00 28.80 ? 160  ASN A CA    1 
ATOM   1201 C  C     . ASN A 1 178 ? -1.440  10.922  1.326   1.00 27.47 ? 160  ASN A C     1 
ATOM   1202 O  O     . ASN A 1 178 ? -1.000  10.280  0.378   1.00 26.51 ? 160  ASN A O     1 
ATOM   1203 C  CB    . ASN A 1 178 ? 0.780   11.759  2.041   1.00 29.81 ? 160  ASN A CB    1 
ATOM   1204 C  CG    . ASN A 1 178 ? 1.734   12.934  1.888   1.00 31.89 ? 160  ASN A CG    1 
ATOM   1205 O  OD1   . ASN A 1 178 ? 1.420   13.925  1.221   1.00 32.29 ? 160  ASN A OD1   1 
ATOM   1206 N  ND2   . ASN A 1 178 ? 2.918   12.818  2.487   1.00 31.09 ? 160  ASN A ND2   1 
ATOM   1207 N  N     . VAL A 1 179 ? -2.565  10.587  1.935   1.00 26.64 ? 161  VAL A N     1 
ATOM   1208 C  CA    . VAL A 1 179 ? -3.305  9.418   1.498   1.00 27.93 ? 161  VAL A CA    1 
ATOM   1209 C  C     . VAL A 1 179 ? -3.736  9.545   0.033   1.00 28.46 ? 161  VAL A C     1 
ATOM   1210 O  O     . VAL A 1 179 ? -3.423  8.681   -0.787  1.00 27.86 ? 161  VAL A O     1 
ATOM   1211 C  CB    . VAL A 1 179 ? -4.526  9.181   2.408   1.00 28.31 ? 161  VAL A CB    1 
ATOM   1212 C  CG1   . VAL A 1 179 ? -5.297  7.956   1.945   1.00 28.04 ? 161  VAL A CG1   1 
ATOM   1213 C  CG2   . VAL A 1 179 ? -4.053  9.006   3.851   1.00 27.06 ? 161  VAL A CG2   1 
ATOM   1214 N  N     . GLU A 1 180 ? -4.438  10.623  -0.298  1.00 29.00 ? 162  GLU A N     1 
ATOM   1215 C  CA    . GLU A 1 180 ? -4.883  10.844  -1.673  1.00 30.23 ? 162  GLU A CA    1 
ATOM   1216 C  C     . GLU A 1 180 ? -3.701  10.946  -2.634  1.00 27.94 ? 162  GLU A C     1 
ATOM   1217 O  O     . GLU A 1 180 ? -3.765  10.462  -3.762  1.00 28.71 ? 162  GLU A O     1 
ATOM   1218 C  CB    . GLU A 1 180 ? -5.708  12.127  -1.767  1.00 34.17 ? 162  GLU A CB    1 
ATOM   1219 C  CG    . GLU A 1 180 ? -7.008  12.080  -0.994  1.00 41.25 ? 162  GLU A CG    1 
ATOM   1220 C  CD    . GLU A 1 180 ? -7.958  11.040  -1.547  1.00 45.33 ? 162  GLU A CD    1 
ATOM   1221 O  OE1   . GLU A 1 180 ? -8.401  11.205  -2.706  1.00 47.52 ? 162  GLU A OE1   1 
ATOM   1222 O  OE2   . GLU A 1 180 ? -8.255  10.061  -0.826  1.00 47.17 ? 162  GLU A OE2   1 
ATOM   1223 N  N     . ALA A 1 181 ? -2.626  11.581  -2.180  1.00 26.71 ? 163  ALA A N     1 
ATOM   1224 C  CA    . ALA A 1 181 ? -1.428  11.763  -2.994  1.00 25.75 ? 163  ALA A CA    1 
ATOM   1225 C  C     . ALA A 1 181 ? -0.749  10.436  -3.313  1.00 25.53 ? 163  ALA A C     1 
ATOM   1226 O  O     . ALA A 1 181 ? -0.207  10.251  -4.403  1.00 25.00 ? 163  ALA A O     1 
ATOM   1227 C  CB    . ALA A 1 181 ? -0.445  12.689  -2.279  1.00 25.07 ? 163  ALA A CB    1 
ATOM   1228 N  N     . ALA A 1 182 ? -0.768  9.515   -2.353  1.00 24.10 ? 164  ALA A N     1 
ATOM   1229 C  CA    . ALA A 1 182 ? -0.153  8.211   -2.551  1.00 24.18 ? 164  ALA A CA    1 
ATOM   1230 C  C     . ALA A 1 182 ? -0.883  7.437   -3.646  1.00 23.71 ? 164  ALA A C     1 
ATOM   1231 O  O     . ALA A 1 182 ? -0.261  6.952   -4.586  1.00 23.73 ? 164  ALA A O     1 
ATOM   1232 C  CB    . ALA A 1 182 ? -0.164  7.415   -1.239  1.00 23.09 ? 164  ALA A CB    1 
ATOM   1233 N  N     . PHE A 1 183 ? -2.202  7.326   -3.526  1.00 24.00 ? 165  PHE A N     1 
ATOM   1234 C  CA    . PHE A 1 183 ? -2.987  6.590   -4.515  1.00 26.09 ? 165  PHE A CA    1 
ATOM   1235 C  C     . PHE A 1 183 ? -2.987  7.283   -5.872  1.00 26.29 ? 165  PHE A C     1 
ATOM   1236 O  O     . PHE A 1 183 ? -2.830  6.643   -6.912  1.00 26.05 ? 165  PHE A O     1 
ATOM   1237 C  CB    . PHE A 1 183 ? -4.426  6.413   -4.036  1.00 25.89 ? 165  PHE A CB    1 
ATOM   1238 C  CG    . PHE A 1 183 ? -4.590  5.349   -2.992  1.00 26.11 ? 165  PHE A CG    1 
ATOM   1239 C  CD1   . PHE A 1 183 ? -4.471  5.654   -1.640  1.00 24.55 ? 165  PHE A CD1   1 
ATOM   1240 C  CD2   . PHE A 1 183 ? -4.871  4.036   -3.367  1.00 26.07 ? 165  PHE A CD2   1 
ATOM   1241 C  CE1   . PHE A 1 183 ? -4.634  4.659   -0.669  1.00 27.50 ? 165  PHE A CE1   1 
ATOM   1242 C  CE2   . PHE A 1 183 ? -5.035  3.029   -2.403  1.00 27.10 ? 165  PHE A CE2   1 
ATOM   1243 C  CZ    . PHE A 1 183 ? -4.916  3.343   -1.052  1.00 27.55 ? 165  PHE A CZ    1 
ATOM   1244 N  N     . GLN A 1 184 ? -3.166  8.596   -5.840  1.00 27.94 ? 166  GLN A N     1 
ATOM   1245 C  CA    . GLN A 1 184 ? -3.178  9.416   -7.044  1.00 28.72 ? 166  GLN A CA    1 
ATOM   1246 C  C     . GLN A 1 184 ? -1.866  9.215   -7.795  1.00 26.67 ? 166  GLN A C     1 
ATOM   1247 O  O     . GLN A 1 184 ? -1.856  8.993   -9.006  1.00 27.24 ? 166  GLN A O     1 
ATOM   1248 C  CB    . GLN A 1 184 ? -3.325  10.888  -6.651  1.00 33.02 ? 166  GLN A CB    1 
ATOM   1249 C  CG    . GLN A 1 184 ? -4.599  11.572  -7.122  1.00 40.35 ? 166  GLN A CG    1 
ATOM   1250 C  CD    . GLN A 1 184 ? -4.316  12.672  -8.121  1.00 44.31 ? 166  GLN A CD    1 
ATOM   1251 O  OE1   . GLN A 1 184 ? -5.183  13.490  -8.427  1.00 48.82 ? 166  GLN A OE1   1 
ATOM   1252 N  NE2   . GLN A 1 184 ? -3.093  12.692  -8.646  1.00 46.70 ? 166  GLN A NE2   1 
ATOM   1253 N  N     . THR A 1 185 ? -0.759  9.281   -7.065  1.00 26.66 ? 167  THR A N     1 
ATOM   1254 C  CA    . THR A 1 185 ? 0.554   9.121   -7.674  1.00 25.63 ? 167  THR A CA    1 
ATOM   1255 C  C     . THR A 1 185 ? 0.783   7.757   -8.301  1.00 25.77 ? 167  THR A C     1 
ATOM   1256 O  O     . THR A 1 185 ? 1.289   7.666   -9.418  1.00 24.41 ? 167  THR A O     1 
ATOM   1257 C  CB    . THR A 1 185 ? 1.679   9.365   -6.659  1.00 27.10 ? 167  THR A CB    1 
ATOM   1258 O  OG1   . THR A 1 185 ? 1.635   10.727  -6.216  1.00 30.45 ? 167  THR A OG1   1 
ATOM   1259 C  CG2   . THR A 1 185 ? 3.037   9.087   -7.293  1.00 27.77 ? 167  THR A CG2   1 
ATOM   1260 N  N     . ILE A 1 186 ? 0.416   6.692   -7.593  1.00 24.03 ? 168  ILE A N     1 
ATOM   1261 C  CA    . ILE A 1 186 ? 0.640   5.362   -8.138  1.00 22.60 ? 168  ILE A CA    1 
ATOM   1262 C  C     . ILE A 1 186 ? -0.187  5.129   -9.391  1.00 21.49 ? 168  ILE A C     1 
ATOM   1263 O  O     . ILE A 1 186 ? 0.311   4.581   -10.374 1.00 20.18 ? 168  ILE A O     1 
ATOM   1264 C  CB    . ILE A 1 186 ? 0.350   4.247   -7.102  1.00 22.04 ? 168  ILE A CB    1 
ATOM   1265 C  CG1   . ILE A 1 186 ? 1.064   2.960   -7.537  1.00 22.81 ? 168  ILE A CG1   1 
ATOM   1266 C  CG2   . ILE A 1 186 ? -1.156  3.997   -6.977  1.00 19.84 ? 168  ILE A CG2   1 
ATOM   1267 C  CD1   . ILE A 1 186 ? 0.892   1.784   -6.568  1.00 23.91 ? 168  ILE A CD1   1 
ATOM   1268 N  N     . LEU A 1 187 ? -1.447  5.553   -9.365  1.00 21.23 ? 169  LEU A N     1 
ATOM   1269 C  CA    . LEU A 1 187 ? -2.310  5.379   -10.527 1.00 24.07 ? 169  LEU A CA    1 
ATOM   1270 C  C     . LEU A 1 187 ? -1.748  6.165   -11.713 1.00 25.22 ? 169  LEU A C     1 
ATOM   1271 O  O     . LEU A 1 187 ? -1.707  5.653   -12.834 1.00 25.53 ? 169  LEU A O     1 
ATOM   1272 C  CB    . LEU A 1 187 ? -3.742  5.836   -10.209 1.00 23.67 ? 169  LEU A CB    1 
ATOM   1273 C  CG    . LEU A 1 187 ? -4.459  5.008   -9.128  1.00 24.83 ? 169  LEU A CG    1 
ATOM   1274 C  CD1   . LEU A 1 187 ? -5.813  5.621   -8.800  1.00 23.83 ? 169  LEU A CD1   1 
ATOM   1275 C  CD2   . LEU A 1 187 ? -4.622  3.576   -9.612  1.00 23.94 ? 169  LEU A CD2   1 
ATOM   1276 N  N     . THR A 1 188 ? -1.299  7.396   -11.463 1.00 25.36 ? 170  THR A N     1 
ATOM   1277 C  CA    . THR A 1 188 ? -0.737  8.226   -12.529 1.00 26.28 ? 170  THR A CA    1 
ATOM   1278 C  C     . THR A 1 188 ? 0.523   7.582   -13.085 1.00 27.54 ? 170  THR A C     1 
ATOM   1279 O  O     . THR A 1 188 ? 0.740   7.571   -14.297 1.00 24.69 ? 170  THR A O     1 
ATOM   1280 C  CB    . THR A 1 188 ? -0.388  9.640   -12.035 1.00 26.20 ? 170  THR A CB    1 
ATOM   1281 O  OG1   . THR A 1 188 ? -1.549  10.238  -11.451 1.00 24.06 ? 170  THR A OG1   1 
ATOM   1282 C  CG2   . THR A 1 188 ? 0.073   10.510  -13.201 1.00 27.77 ? 170  THR A CG2   1 
ATOM   1283 N  N     . GLU A 1 189 ? 1.357   7.052   -12.195 1.00 26.81 ? 171  GLU A N     1 
ATOM   1284 C  CA    . GLU A 1 189 ? 2.575   6.378   -12.624 1.00 29.44 ? 171  GLU A CA    1 
ATOM   1285 C  C     . GLU A 1 189 ? 2.178   5.209   -13.517 1.00 28.47 ? 171  GLU A C     1 
ATOM   1286 O  O     . GLU A 1 189 ? 2.813   4.959   -14.538 1.00 29.18 ? 171  GLU A O     1 
ATOM   1287 C  CB    . GLU A 1 189 ? 3.360   5.859   -11.421 1.00 31.01 ? 171  GLU A CB    1 
ATOM   1288 C  CG    . GLU A 1 189 ? 4.141   6.923   -10.674 1.00 32.39 ? 171  GLU A CG    1 
ATOM   1289 C  CD    . GLU A 1 189 ? 4.764   6.387   -9.400  1.00 32.96 ? 171  GLU A CD    1 
ATOM   1290 O  OE1   . GLU A 1 189 ? 5.630   7.075   -8.822  1.00 35.01 ? 171  GLU A OE1   1 
ATOM   1291 O  OE2   . GLU A 1 189 ? 4.380   5.282   -8.970  1.00 34.28 ? 171  GLU A OE2   1 
ATOM   1292 N  N     . ILE A 1 190 ? 1.118   4.506   -13.122 1.00 27.80 ? 172  ILE A N     1 
ATOM   1293 C  CA    . ILE A 1 190 ? 0.602   3.364   -13.878 1.00 27.99 ? 172  ILE A CA    1 
ATOM   1294 C  C     . ILE A 1 190 ? 0.064   3.772   -15.257 1.00 30.04 ? 172  ILE A C     1 
ATOM   1295 O  O     . ILE A 1 190 ? 0.302   3.089   -16.250 1.00 28.17 ? 172  ILE A O     1 
ATOM   1296 C  CB    . ILE A 1 190 ? -0.532  2.656   -13.094 1.00 27.37 ? 172  ILE A CB    1 
ATOM   1297 C  CG1   . ILE A 1 190 ? 0.046   1.941   -11.864 1.00 26.56 ? 172  ILE A CG1   1 
ATOM   1298 C  CG2   . ILE A 1 190 ? -1.253  1.672   -13.997 1.00 27.06 ? 172  ILE A CG2   1 
ATOM   1299 C  CD1   . ILE A 1 190 ? -1.023  1.428   -10.893 1.00 24.10 ? 172  ILE A CD1   1 
ATOM   1300 N  N     . TYR A 1 191 ? -0.673  4.881   -15.300 1.00 31.46 ? 173  TYR A N     1 
ATOM   1301 C  CA    . TYR A 1 191 ? -1.245  5.390   -16.544 1.00 34.08 ? 173  TYR A CA    1 
ATOM   1302 C  C     . TYR A 1 191 ? -0.192  5.432   -17.662 1.00 35.50 ? 173  TYR A C     1 
ATOM   1303 O  O     . TYR A 1 191 ? 0.985   5.711   -17.361 1.00 35.25 ? 173  TYR A O     1 
ATOM   1304 C  CB    . TYR A 1 191 ? -1.808  6.796   -16.305 1.00 35.53 ? 173  TYR A CB    1 
ATOM   1305 C  CG    . TYR A 1 191 ? -2.455  7.426   -17.523 1.00 37.90 ? 173  TYR A CG    1 
ATOM   1306 C  CD1   . TYR A 1 191 ? -3.603  6.875   -18.087 1.00 37.63 ? 173  TYR A CD1   1 
ATOM   1307 C  CD2   . TYR A 1 191 ? -1.910  8.569   -18.119 1.00 37.77 ? 173  TYR A CD2   1 
ATOM   1308 C  CE1   . TYR A 1 191 ? -4.194  7.442   -19.217 1.00 39.63 ? 173  TYR A CE1   1 
ATOM   1309 C  CE2   . TYR A 1 191 ? -2.491  9.144   -19.246 1.00 38.13 ? 173  TYR A CE2   1 
ATOM   1310 C  CZ    . TYR A 1 191 ? -3.633  8.575   -19.790 1.00 39.45 ? 173  TYR A CZ    1 
ATOM   1311 O  OH    . TYR A 1 191 ? -4.214  9.124   -20.911 1.00 41.51 ? 173  TYR A OH    1 
ATOM   1312 O  OXT   . TYR A 1 191 ? -0.549  5.194   -18.837 1.00 39.25 ? 173  TYR A OXT   1 
HETATM 1313 P  PG    . GSP B 2 .   ? -4.130  -6.532  9.080   1.00 26.14 ? 1174 GSP A PG    1 
HETATM 1314 O  O3B   . GSP B 2 .   ? -3.848  -4.982  9.491   1.00 18.39 ? 1174 GSP A O3B   1 
HETATM 1315 S  S1G   . GSP B 2 .   ? -4.003  -7.265  10.422  1.00 20.70 ? 1174 GSP A S1G   1 
HETATM 1316 O  O2G   . GSP B 2 .   ? -5.478  -6.680  8.463   1.00 20.86 ? 1174 GSP A O2G   1 
HETATM 1317 O  O3G   . GSP B 2 .   ? -3.059  -6.959  8.193   1.00 16.66 ? 1174 GSP A O3G   1 
HETATM 1318 P  PB    . GSP B 2 .   ? -3.775  -3.587  8.704   1.00 24.85 ? 1174 GSP A PB    1 
HETATM 1319 O  O1B   . GSP B 2 .   ? -2.410  -3.428  8.034   1.00 16.40 ? 1174 GSP A O1B   1 
HETATM 1320 O  O2B   . GSP B 2 .   ? -4.919  -3.530  7.810   1.00 12.22 ? 1174 GSP A O2B   1 
HETATM 1321 P  PA    . GSP B 2 .   ? -5.222  -1.581  10.213  1.00 20.57 ? 1174 GSP A PA    1 
HETATM 1322 O  O1A   . GSP B 2 .   ? -5.640  -0.696  9.146   1.00 20.03 ? 1174 GSP A O1A   1 
HETATM 1323 O  O2A   . GSP B 2 .   ? -6.267  -2.546  10.770  1.00 20.32 ? 1174 GSP A O2A   1 
HETATM 1324 O  O3A   . GSP B 2 .   ? -3.978  -2.573  9.864   1.00 19.21 ? 1174 GSP A O3A   1 
HETATM 1325 O  "O5'" . GSP B 2 .   ? -4.552  -0.625  11.389  1.00 20.16 ? 1174 GSP A "O5'" 1 
HETATM 1326 C  "C5'" . GSP B 2 .   ? -4.069  -1.431  12.552  1.00 19.81 ? 1174 GSP A "C5'" 1 
HETATM 1327 C  "C4'" . GSP B 2 .   ? -4.107  -0.258  13.652  1.00 20.71 ? 1174 GSP A "C4'" 1 
HETATM 1328 O  "O4'" . GSP B 2 .   ? -3.305  0.899   13.333  1.00 18.02 ? 1174 GSP A "O4'" 1 
HETATM 1329 C  "C3'" . GSP B 2 .   ? -5.434  0.269   13.984  1.00 22.84 ? 1174 GSP A "C3'" 1 
HETATM 1330 O  "O3'" . GSP B 2 .   ? -5.660  0.322   15.372  1.00 27.26 ? 1174 GSP A "O3'" 1 
HETATM 1331 C  "C2'" . GSP B 2 .   ? -5.617  1.647   13.286  1.00 22.74 ? 1174 GSP A "C2'" 1 
HETATM 1332 O  "O2'" . GSP B 2 .   ? -6.475  2.439   13.884  1.00 23.51 ? 1174 GSP A "O2'" 1 
HETATM 1333 C  "C1'" . GSP B 2 .   ? -4.014  2.130   13.433  1.00 18.98 ? 1174 GSP A "C1'" 1 
HETATM 1334 N  N9    . GSP B 2 .   ? -3.628  3.020   12.261  1.00 20.63 ? 1174 GSP A N9    1 
HETATM 1335 C  C8    . GSP B 2 .   ? -3.867  2.712   10.920  1.00 20.42 ? 1174 GSP A C8    1 
HETATM 1336 N  N7    . GSP B 2 .   ? -3.327  3.824   10.365  1.00 19.78 ? 1174 GSP A N7    1 
HETATM 1337 C  C5    . GSP B 2 .   ? -2.797  4.753   11.261  1.00 21.45 ? 1174 GSP A C5    1 
HETATM 1338 C  C6    . GSP B 2 .   ? -2.221  5.881   11.025  1.00 22.31 ? 1174 GSP A C6    1 
HETATM 1339 O  O6    . GSP B 2 .   ? -1.904  6.613   10.030  1.00 24.01 ? 1174 GSP A O6    1 
HETATM 1340 N  N1    . GSP B 2 .   ? -1.788  6.571   12.341  1.00 23.25 ? 1174 GSP A N1    1 
HETATM 1341 C  C2    . GSP B 2 .   ? -2.062  5.908   13.439  1.00 21.53 ? 1174 GSP A C2    1 
HETATM 1342 N  N2    . GSP B 2 .   ? -1.643  6.567   14.708  1.00 22.35 ? 1174 GSP A N2    1 
HETATM 1343 N  N3    . GSP B 2 .   ? -2.657  4.734   13.670  1.00 21.02 ? 1174 GSP A N3    1 
HETATM 1344 C  C4    . GSP B 2 .   ? -2.996  4.207   12.452  1.00 19.85 ? 1174 GSP A C4    1 
HETATM 1345 MG MG    . MG  C 3 .   ? -6.398  -5.058  7.327   1.00 22.24 ? 1175 MG  A MG    1 
HETATM 1346 O  O     . HOH D 4 .   ? -8.488  -1.890  -18.487 1.00 44.87 ? 2001 HOH A O     1 
HETATM 1347 O  O     . HOH D 4 .   ? 6.216   -5.719  14.128  1.00 27.51 ? 2002 HOH A O     1 
HETATM 1348 O  O     . HOH D 4 .   ? 5.851   -7.339  12.052  1.00 24.47 ? 2003 HOH A O     1 
HETATM 1349 O  O     . HOH D 4 .   ? 3.150   -7.435  12.235  1.00 34.83 ? 2004 HOH A O     1 
HETATM 1350 O  O     . HOH D 4 .   ? 2.668   -9.773  9.687   1.00 31.00 ? 2005 HOH A O     1 
HETATM 1351 O  O     . HOH D 4 .   ? -2.493  -3.036  15.235  1.00 30.88 ? 2006 HOH A O     1 
HETATM 1352 O  O     . HOH D 4 .   ? -9.007  -14.000 9.387   1.00 39.88 ? 2007 HOH A O     1 
HETATM 1353 O  O     . HOH D 4 .   ? -10.923 -0.969  4.813   1.00 30.44 ? 2008 HOH A O     1 
HETATM 1354 O  O     . HOH D 4 .   ? -11.430 1.851   8.953   1.00 43.44 ? 2009 HOH A O     1 
HETATM 1355 O  O     . HOH D 4 .   ? -18.930 8.128   -5.558  1.00 32.61 ? 2010 HOH A O     1 
HETATM 1356 O  O     . HOH D 4 .   ? -14.149 0.951   7.459   1.00 47.27 ? 2011 HOH A O     1 
HETATM 1357 O  O     . HOH D 4 .   ? 4.293   -17.955 -0.023  1.00 34.85 ? 2012 HOH A O     1 
HETATM 1358 O  O     . HOH D 4 .   ? -5.552  -17.799 8.528   1.00 27.41 ? 2013 HOH A O     1 
HETATM 1359 O  O     . HOH D 4 .   ? -14.225 7.623   11.243  1.00 39.31 ? 2014 HOH A O     1 
HETATM 1360 O  O     . HOH D 4 .   ? -14.082 3.011   15.786  1.00 40.99 ? 2015 HOH A O     1 
HETATM 1361 O  O     . HOH D 4 .   ? 7.596   -5.273  16.411  0.50 56.91 ? 2016 HOH A O     1 
HETATM 1362 O  O     . HOH D 4 .   ? -7.022  -11.813 9.716   1.00 31.36 ? 2017 HOH A O     1 
HETATM 1363 O  O     . HOH D 4 .   ? -10.529 -5.299  6.630   1.00 20.84 ? 2018 HOH A O     1 
HETATM 1364 O  O     . HOH D 4 .   ? -12.626 -7.614  7.215   1.00 32.76 ? 2019 HOH A O     1 
HETATM 1365 O  O     . HOH D 4 .   ? -10.206 -15.278 6.522   0.50 43.82 ? 2020 HOH A O     1 
HETATM 1366 O  O     . HOH D 4 .   ? -7.269  -11.805 5.378   1.00 26.24 ? 2021 HOH A O     1 
HETATM 1367 O  O     . HOH D 4 .   ? -14.830 -9.087  0.562   1.00 20.16 ? 2022 HOH A O     1 
HETATM 1368 O  O     . HOH D 4 .   ? -15.023 -6.776  -0.160  1.00 21.55 ? 2023 HOH A O     1 
HETATM 1369 O  O     . HOH D 4 .   ? 8.674   -6.983  -8.785  1.00 39.89 ? 2024 HOH A O     1 
HETATM 1370 O  O     . HOH D 4 .   ? -15.467 7.201   -7.348  1.00 28.18 ? 2025 HOH A O     1 
HETATM 1371 O  O     . HOH D 4 .   ? -8.424  13.143  -9.667  1.00 40.36 ? 2026 HOH A O     1 
HETATM 1372 O  O     . HOH D 4 .   ? -3.661  14.278  -22.919 1.00 19.88 ? 2027 HOH A O     1 
HETATM 1373 O  O     . HOH D 4 .   ? -14.822 -2.807  -9.495  1.00 27.17 ? 2028 HOH A O     1 
HETATM 1374 O  O     . HOH D 4 .   ? -10.425 -3.811  4.082   1.00 23.90 ? 2029 HOH A O     1 
HETATM 1375 O  O     . HOH D 4 .   ? -5.274  -5.772  5.366   1.00 15.66 ? 2030 HOH A O     1 
HETATM 1376 O  O     . HOH D 4 .   ? 1.606   12.861  -9.837  0.50 30.86 ? 2031 HOH A O     1 
HETATM 1377 O  O     . HOH D 4 .   ? 3.723   -11.922 6.136   1.00 50.25 ? 2032 HOH A O     1 
HETATM 1378 O  O     . HOH D 4 .   ? -2.827  -10.303 10.052  1.00 23.82 ? 2033 HOH A O     1 
HETATM 1379 O  O     . HOH D 4 .   ? 3.544   -14.085 8.122   1.00 20.01 ? 2034 HOH A O     1 
HETATM 1380 O  O     . HOH D 4 .   ? 2.594   -15.673 -0.248  1.00 25.04 ? 2035 HOH A O     1 
HETATM 1381 O  O     . HOH D 4 .   ? 3.621   -18.671 4.703   1.00 40.16 ? 2036 HOH A O     1 
HETATM 1382 O  O     . HOH D 4 .   ? 4.523   -16.666 10.936  1.00 35.48 ? 2037 HOH A O     1 
HETATM 1383 O  O     . HOH D 4 .   ? 2.762   -13.640 14.747  1.00 32.30 ? 2038 HOH A O     1 
HETATM 1384 O  O     . HOH D 4 .   ? 0.128   -17.622 14.739  1.00 36.02 ? 2039 HOH A O     1 
HETATM 1385 O  O     . HOH D 4 .   ? 1.066   -22.457 15.548  1.00 41.70 ? 2040 HOH A O     1 
HETATM 1386 O  O     . HOH D 4 .   ? -2.685  -17.132 8.603   1.00 8.70  ? 2041 HOH A O     1 
HETATM 1387 O  O     . HOH D 4 .   ? -9.836  -17.991 4.479   1.00 54.17 ? 2042 HOH A O     1 
HETATM 1388 O  O     . HOH D 4 .   ? 1.273   -19.328 -1.722  1.00 36.31 ? 2043 HOH A O     1 
HETATM 1389 O  O     . HOH D 4 .   ? 0.327   -19.129 -5.850  1.00 20.68 ? 2044 HOH A O     1 
HETATM 1390 O  O     . HOH D 4 .   ? -7.218  -13.400 -9.714  1.00 34.15 ? 2045 HOH A O     1 
HETATM 1391 O  O     . HOH D 4 .   ? -8.749  -16.436 -9.851  1.00 39.70 ? 2046 HOH A O     1 
HETATM 1392 O  O     . HOH D 4 .   ? -4.099  -14.342 -16.283 1.00 40.50 ? 2047 HOH A O     1 
HETATM 1393 O  O     . HOH D 4 .   ? -4.976  -7.259  -15.076 1.00 51.45 ? 2048 HOH A O     1 
HETATM 1394 O  O     . HOH D 4 .   ? -5.087  -4.086  -13.625 1.00 19.18 ? 2049 HOH A O     1 
HETATM 1395 O  O     . HOH D 4 .   ? 0.831   -8.344  -10.846 1.00 17.38 ? 2050 HOH A O     1 
HETATM 1396 O  O     . HOH D 4 .   ? 2.237   -1.304  -13.940 1.00 45.15 ? 2051 HOH A O     1 
HETATM 1397 O  O     . HOH D 4 .   ? 5.428   -4.284  6.480   1.00 13.65 ? 2052 HOH A O     1 
HETATM 1398 O  O     . HOH D 4 .   ? 10.156  6.032   7.434   1.00 30.23 ? 2053 HOH A O     1 
HETATM 1399 O  O     . HOH D 4 .   ? 2.330   -1.777  13.021  1.00 32.19 ? 2054 HOH A O     1 
HETATM 1400 O  O     . HOH D 4 .   ? 10.673  -0.537  16.644  1.00 13.71 ? 2055 HOH A O     1 
HETATM 1401 O  O     . HOH D 4 .   ? 9.855   -3.163  15.645  1.00 24.38 ? 2056 HOH A O     1 
HETATM 1402 O  O     . HOH D 4 .   ? 13.611  -4.650  4.349   1.00 47.64 ? 2057 HOH A O     1 
HETATM 1403 O  O     . HOH D 4 .   ? 6.884   -8.683  -9.329  1.00 29.60 ? 2058 HOH A O     1 
HETATM 1404 O  O     . HOH D 4 .   ? 8.540   -10.969 -10.939 1.00 50.80 ? 2059 HOH A O     1 
HETATM 1405 O  O     . HOH D 4 .   ? 10.071  -7.058  -5.931  1.00 29.45 ? 2060 HOH A O     1 
HETATM 1406 O  O     . HOH D 4 .   ? 0.086   -13.006 -10.490 1.00 28.17 ? 2061 HOH A O     1 
HETATM 1407 O  O     . HOH D 4 .   ? 6.175   -13.390 -10.971 1.00 39.48 ? 2062 HOH A O     1 
HETATM 1408 O  O     . HOH D 4 .   ? 3.701   -8.090  -16.830 0.50 63.94 ? 2063 HOH A O     1 
HETATM 1409 O  O     . HOH D 4 .   ? 11.663  -8.214  -16.109 1.00 37.77 ? 2064 HOH A O     1 
HETATM 1410 O  O     . HOH D 4 .   ? 5.584   -6.778  -17.671 1.00 60.47 ? 2065 HOH A O     1 
HETATM 1411 O  O     . HOH D 4 .   ? 8.232   -3.883  -10.020 1.00 37.79 ? 2066 HOH A O     1 
HETATM 1412 O  O     . HOH D 4 .   ? 0.823   13.470  9.784   1.00 42.37 ? 2067 HOH A O     1 
HETATM 1413 O  O     . HOH D 4 .   ? 17.258  0.586   5.285   1.00 37.43 ? 2068 HOH A O     1 
HETATM 1414 O  O     . HOH D 4 .   ? 7.607   12.260  7.200   1.00 49.68 ? 2069 HOH A O     1 
HETATM 1415 O  O     . HOH D 4 .   ? 1.453   16.992  2.845   1.00 33.75 ? 2070 HOH A O     1 
HETATM 1416 O  O     . HOH D 4 .   ? -2.975  13.744  -0.184  1.00 27.83 ? 2071 HOH A O     1 
HETATM 1417 O  O     . HOH D 4 .   ? 3.105   12.288  -7.946  1.00 50.16 ? 2072 HOH A O     1 
HETATM 1418 O  O     . HOH D 4 .   ? 2.297   7.223   -16.017 0.50 1.10  ? 2073 HOH A O     1 
HETATM 1419 O  O     . HOH D 4 .   ? 3.341   3.511   -16.710 1.00 28.56 ? 2074 HOH A O     1 
HETATM 1420 O  O     . HOH D 4 .   ? 7.675   8.425   -8.183  1.00 37.98 ? 2075 HOH A O     1 
HETATM 1421 O  O     . HOH D 4 .   ? 1.550   4.545   -21.447 1.00 45.94 ? 2076 HOH A O     1 
HETATM 1422 O  O     . HOH D 4 .   ? -7.356  -4.445  9.421   1.00 12.14 ? 2077 HOH A O     1 
HETATM 1423 O  O     . HOH D 4 .   ? -3.510  1.250   16.906  1.00 35.18 ? 2078 HOH A O     1 
HETATM 1424 O  O     . HOH D 4 .   ? -4.940  -4.578  12.627  1.00 40.65 ? 2079 HOH A O     1 
# 
loop_
_pdbx_poly_seq_scheme.asym_id 
_pdbx_poly_seq_scheme.entity_id 
_pdbx_poly_seq_scheme.seq_id 
_pdbx_poly_seq_scheme.mon_id 
_pdbx_poly_seq_scheme.ndb_seq_num 
_pdbx_poly_seq_scheme.pdb_seq_num 
_pdbx_poly_seq_scheme.auth_seq_num 
_pdbx_poly_seq_scheme.pdb_mon_id 
_pdbx_poly_seq_scheme.auth_mon_id 
_pdbx_poly_seq_scheme.pdb_strand_id 
_pdbx_poly_seq_scheme.pdb_ins_code 
_pdbx_poly_seq_scheme.hetero 
A 1 1   MET 1   -18 ?   ?   ?   A . n 
A 1 2   ARG 2   -17 ?   ?   ?   A . n 
A 1 3   GLY 3   -16 ?   ?   ?   A . n 
A 1 4   SER 4   -15 ?   ?   ?   A . n 
A 1 5   HIS 5   -14 ?   ?   ?   A . n 
A 1 6   HIS 6   -13 ?   ?   ?   A . n 
A 1 7   HIS 7   -12 ?   ?   ?   A . n 
A 1 8   HIS 8   -11 ?   ?   ?   A . n 
A 1 9   HIS 9   -10 ?   ?   ?   A . n 
A 1 10  HIS 10  -9  ?   ?   ?   A . n 
A 1 11  GLY 11  -8  ?   ?   ?   A . n 
A 1 12  ILE 12  -7  ?   ?   ?   A . n 
A 1 13  PRO 13  -6  ?   ?   ?   A . n 
A 1 14  LEU 14  -5  ?   ?   ?   A . n 
A 1 15  PRO 15  -4  ?   ?   ?   A . n 
A 1 16  GLY 16  -3  ?   ?   ?   A . n 
A 1 17  ARG 17  -2  ?   ?   ?   A . n 
A 1 18  ALA 18  -1  ?   ?   ?   A . n 
A 1 19  MET 19  1   ?   ?   ?   A . n 
A 1 20  GLY 20  2   ?   ?   ?   A . n 
A 1 21  THR 21  3   ?   ?   ?   A . n 
A 1 22  ARG 22  4   ?   ?   ?   A . n 
A 1 23  ASP 23  5   ?   ?   ?   A . n 
A 1 24  ASP 24  6   ?   ?   ?   A . n 
A 1 25  GLU 25  7   ?   ?   ?   A . n 
A 1 26  TYR 26  8   8   TYR TYR A . n 
A 1 27  ASP 27  9   9   ASP ASP A . n 
A 1 28  TYR 28  10  10  TYR TYR A . n 
A 1 29  LEU 29  11  11  LEU LEU A . n 
A 1 30  PHE 30  12  12  PHE PHE A . n 
A 1 31  LYS 31  13  13  LYS LYS A . n 
A 1 32  VAL 32  14  14  VAL VAL A . n 
A 1 33  VAL 33  15  15  VAL VAL A . n 
A 1 34  LEU 34  16  16  LEU LEU A . n 
A 1 35  ILE 35  17  17  ILE ILE A . n 
A 1 36  GLY 36  18  18  GLY GLY A . n 
A 1 37  ASP 37  19  19  ASP ASP A . n 
A 1 38  SER 38  20  20  SER SER A . n 
A 1 39  GLY 39  21  21  GLY GLY A . n 
A 1 40  VAL 40  22  22  VAL VAL A . n 
A 1 41  GLY 41  23  23  GLY GLY A . n 
A 1 42  LYS 42  24  24  LYS LYS A . n 
A 1 43  SER 43  25  25  SER SER A . n 
A 1 44  ASN 44  26  26  ASN ASN A . n 
A 1 45  LEU 45  27  27  LEU LEU A . n 
A 1 46  LEU 46  28  28  LEU LEU A . n 
A 1 47  SER 47  29  29  SER SER A . n 
A 1 48  ARG 48  30  30  ARG ARG A . n 
A 1 49  PHE 49  31  31  PHE PHE A . n 
A 1 50  THR 50  32  32  THR THR A . n 
A 1 51  ARG 51  33  33  ARG ARG A . n 
A 1 52  ASN 52  34  34  ASN ASN A . n 
A 1 53  GLU 53  35  35  GLU GLU A . n 
A 1 54  PHE 54  36  36  PHE PHE A . n 
A 1 55  ASN 55  37  37  ASN ASN A . n 
A 1 56  LEU 56  38  38  LEU LEU A . n 
A 1 57  GLU 57  39  39  GLU GLU A . n 
A 1 58  SER 58  40  40  SER SER A . n 
A 1 59  LYS 59  41  41  LYS LYS A . n 
A 1 60  SER 60  42  42  SER SER A . n 
A 1 61  THR 61  43  43  THR THR A . n 
A 1 62  ILE 62  44  44  ILE ILE A . n 
A 1 63  GLY 63  45  45  GLY GLY A . n 
A 1 64  VAL 64  46  46  VAL VAL A . n 
A 1 65  GLU 65  47  47  GLU GLU A . n 
A 1 66  PHE 66  48  48  PHE PHE A . n 
A 1 67  ALA 67  49  49  ALA ALA A . n 
A 1 68  THR 68  50  50  THR THR A . n 
A 1 69  ARG 69  51  51  ARG ARG A . n 
A 1 70  SER 70  52  52  SER SER A . n 
A 1 71  ILE 71  53  53  ILE ILE A . n 
A 1 72  GLN 72  54  54  GLN GLN A . n 
A 1 73  VAL 73  55  55  VAL VAL A . n 
A 1 74  ASP 74  56  56  ASP ASP A . n 
A 1 75  GLY 75  57  57  GLY GLY A . n 
A 1 76  LYS 76  58  58  LYS LYS A . n 
A 1 77  THR 77  59  59  THR THR A . n 
A 1 78  ILE 78  60  60  ILE ILE A . n 
A 1 79  LYS 79  61  61  LYS LYS A . n 
A 1 80  ALA 80  62  62  ALA ALA A . n 
A 1 81  GLN 81  63  63  GLN GLN A . n 
A 1 82  ILE 82  64  64  ILE ILE A . n 
A 1 83  TRP 83  65  65  TRP TRP A . n 
A 1 84  ASP 84  66  66  ASP ASP A . n 
A 1 85  THR 85  67  67  THR THR A . n 
A 1 86  ALA 86  68  68  ALA ALA A . n 
A 1 87  GLY 87  69  69  GLY GLY A . n 
A 1 88  LEU 88  70  70  LEU LEU A . n 
A 1 89  GLU 89  71  71  GLU GLU A . n 
A 1 90  ARG 90  72  72  ARG ARG A . n 
A 1 91  TYR 91  73  73  TYR TYR A . n 
A 1 92  ARG 92  74  74  ARG ARG A . n 
A 1 93  ALA 93  75  75  ALA ALA A . n 
A 1 94  ILE 94  76  76  ILE ILE A . n 
A 1 95  THR 95  77  77  THR THR A . n 
A 1 96  SER 96  78  78  SER SER A . n 
A 1 97  ALA 97  79  79  ALA ALA A . n 
A 1 98  TYR 98  80  80  TYR TYR A . n 
A 1 99  TYR 99  81  81  TYR TYR A . n 
A 1 100 ARG 100 82  82  ARG ARG A . n 
A 1 101 GLY 101 83  83  GLY GLY A . n 
A 1 102 ALA 102 84  84  ALA ALA A . n 
A 1 103 VAL 103 85  85  VAL VAL A . n 
A 1 104 GLY 104 86  86  GLY GLY A . n 
A 1 105 ALA 105 87  87  ALA ALA A . n 
A 1 106 LEU 106 88  88  LEU LEU A . n 
A 1 107 LEU 107 89  89  LEU LEU A . n 
A 1 108 VAL 108 90  90  VAL VAL A . n 
A 1 109 TYR 109 91  91  TYR TYR A . n 
A 1 110 ASP 110 92  92  ASP ASP A . n 
A 1 111 ILE 111 93  93  ILE ILE A . n 
A 1 112 ALA 112 94  94  ALA ALA A . n 
A 1 113 LYS 113 95  95  LYS LYS A . n 
A 1 114 HIS 114 96  96  HIS HIS A . n 
A 1 115 LEU 115 97  97  LEU LEU A . n 
A 1 116 THR 116 98  98  THR THR A . n 
A 1 117 TYR 117 99  99  TYR TYR A . n 
A 1 118 GLU 118 100 100 GLU GLU A . n 
A 1 119 ASN 119 101 101 ASN ASN A . n 
A 1 120 VAL 120 102 102 VAL VAL A . n 
A 1 121 GLU 121 103 103 GLU GLU A . n 
A 1 122 ARG 122 104 104 ARG ARG A . n 
A 1 123 TRP 123 105 105 TRP TRP A . n 
A 1 124 LEU 124 106 106 LEU LEU A . n 
A 1 125 LYS 125 107 107 LYS LYS A . n 
A 1 126 GLU 126 108 108 GLU GLU A . n 
A 1 127 LEU 127 109 109 LEU LEU A . n 
A 1 128 ARG 128 110 110 ARG ARG A . n 
A 1 129 ASP 129 111 111 ASP ASP A . n 
A 1 130 HIS 130 112 112 HIS HIS A . n 
A 1 131 ALA 131 113 113 ALA ALA A . n 
A 1 132 ASP 132 114 114 ASP ASP A . n 
A 1 133 SER 133 115 115 SER SER A . n 
A 1 134 ASN 134 116 116 ASN ASN A . n 
A 1 135 ILE 135 117 117 ILE ILE A . n 
A 1 136 VAL 136 118 118 VAL VAL A . n 
A 1 137 ILE 137 119 119 ILE ILE A . n 
A 1 138 MET 138 120 120 MET MET A . n 
A 1 139 LEU 139 121 121 LEU LEU A . n 
A 1 140 VAL 140 122 122 VAL VAL A . n 
A 1 141 GLY 141 123 123 GLY GLY A . n 
A 1 142 ASN 142 124 124 ASN ASN A . n 
A 1 143 LYS 143 125 125 LYS LYS A . n 
A 1 144 SER 144 126 126 SER SER A . n 
A 1 145 ASP 145 127 127 ASP ASP A . n 
A 1 146 LEU 146 128 128 LEU LEU A . n 
A 1 147 ARG 147 129 129 ARG ARG A . n 
A 1 148 HIS 148 130 130 HIS HIS A . n 
A 1 149 LEU 149 131 131 LEU LEU A . n 
A 1 150 ARG 150 132 132 ARG ARG A . n 
A 1 151 ALA 151 133 133 ALA ALA A . n 
A 1 152 VAL 152 134 134 VAL VAL A . n 
A 1 153 PRO 153 135 135 PRO PRO A . n 
A 1 154 THR 154 136 136 THR THR A . n 
A 1 155 ASP 155 137 137 ASP ASP A . n 
A 1 156 GLU 156 138 138 GLU GLU A . n 
A 1 157 ALA 157 139 139 ALA ALA A . n 
A 1 158 ARG 158 140 140 ARG ARG A . n 
A 1 159 ALA 159 141 141 ALA ALA A . n 
A 1 160 PHE 160 142 142 PHE PHE A . n 
A 1 161 ALA 161 143 143 ALA ALA A . n 
A 1 162 GLU 162 144 144 GLU GLU A . n 
A 1 163 LYS 163 145 145 LYS LYS A . n 
A 1 164 ASN 164 146 146 ASN ASN A . n 
A 1 165 GLY 165 147 147 GLY GLY A . n 
A 1 166 LEU 166 148 148 LEU LEU A . n 
A 1 167 SER 167 149 149 SER SER A . n 
A 1 168 PHE 168 150 150 PHE PHE A . n 
A 1 169 ILE 169 151 151 ILE ILE A . n 
A 1 170 GLU 170 152 152 GLU GLU A . n 
A 1 171 THR 171 153 153 THR THR A . n 
A 1 172 SER 172 154 154 SER SER A . n 
A 1 173 ALA 173 155 155 ALA ALA A . n 
A 1 174 LEU 174 156 156 LEU LEU A . n 
A 1 175 ASP 175 157 157 ASP ASP A . n 
A 1 176 SER 176 158 158 SER SER A . n 
A 1 177 THR 177 159 159 THR THR A . n 
A 1 178 ASN 178 160 160 ASN ASN A . n 
A 1 179 VAL 179 161 161 VAL VAL A . n 
A 1 180 GLU 180 162 162 GLU GLU A . n 
A 1 181 ALA 181 163 163 ALA ALA A . n 
A 1 182 ALA 182 164 164 ALA ALA A . n 
A 1 183 PHE 183 165 165 PHE PHE A . n 
A 1 184 GLN 184 166 166 GLN GLN A . n 
A 1 185 THR 185 167 167 THR THR A . n 
A 1 186 ILE 186 168 168 ILE ILE A . n 
A 1 187 LEU 187 169 169 LEU LEU A . n 
A 1 188 THR 188 170 170 THR THR A . n 
A 1 189 GLU 189 171 171 GLU GLU A . n 
A 1 190 ILE 190 172 172 ILE ILE A . n 
A 1 191 TYR 191 173 173 TYR TYR A . n 
# 
loop_
_pdbx_nonpoly_scheme.asym_id 
_pdbx_nonpoly_scheme.entity_id 
_pdbx_nonpoly_scheme.mon_id 
_pdbx_nonpoly_scheme.ndb_seq_num 
_pdbx_nonpoly_scheme.pdb_seq_num 
_pdbx_nonpoly_scheme.auth_seq_num 
_pdbx_nonpoly_scheme.pdb_mon_id 
_pdbx_nonpoly_scheme.auth_mon_id 
_pdbx_nonpoly_scheme.pdb_strand_id 
_pdbx_nonpoly_scheme.pdb_ins_code 
B 2 GSP 1  1174 1174 GSP GSP A . 
C 3 MG  1  1175 1175 MG  MG  A . 
D 4 HOH 1  2001 2001 HOH HOH A . 
D 4 HOH 2  2002 2002 HOH HOH A . 
D 4 HOH 3  2003 2003 HOH HOH A . 
D 4 HOH 4  2004 2004 HOH HOH A . 
D 4 HOH 5  2005 2005 HOH HOH A . 
D 4 HOH 6  2006 2006 HOH HOH A . 
D 4 HOH 7  2007 2007 HOH HOH A . 
D 4 HOH 8  2008 2008 HOH HOH A . 
D 4 HOH 9  2009 2009 HOH HOH A . 
D 4 HOH 10 2010 2010 HOH HOH A . 
D 4 HOH 11 2011 2011 HOH HOH A . 
D 4 HOH 12 2012 2012 HOH HOH A . 
D 4 HOH 13 2013 2013 HOH HOH A . 
D 4 HOH 14 2014 2014 HOH HOH A . 
D 4 HOH 15 2015 2015 HOH HOH A . 
D 4 HOH 16 2016 2016 HOH HOH A . 
D 4 HOH 17 2017 2017 HOH HOH A . 
D 4 HOH 18 2018 2018 HOH HOH A . 
D 4 HOH 19 2019 2019 HOH HOH A . 
D 4 HOH 20 2020 2020 HOH HOH A . 
D 4 HOH 21 2021 2021 HOH HOH A . 
D 4 HOH 22 2022 2022 HOH HOH A . 
D 4 HOH 23 2023 2023 HOH HOH A . 
D 4 HOH 24 2024 2024 HOH HOH A . 
D 4 HOH 25 2025 2025 HOH HOH A . 
D 4 HOH 26 2026 2026 HOH HOH A . 
D 4 HOH 27 2027 2027 HOH HOH A . 
D 4 HOH 28 2028 2028 HOH HOH A . 
D 4 HOH 29 2029 2029 HOH HOH A . 
D 4 HOH 30 2030 2030 HOH HOH A . 
D 4 HOH 31 2031 2031 HOH HOH A . 
D 4 HOH 32 2032 2032 HOH HOH A . 
D 4 HOH 33 2033 2033 HOH HOH A . 
D 4 HOH 34 2034 2034 HOH HOH A . 
D 4 HOH 35 2035 2035 HOH HOH A . 
D 4 HOH 36 2036 2036 HOH HOH A . 
D 4 HOH 37 2037 2037 HOH HOH A . 
D 4 HOH 38 2038 2038 HOH HOH A . 
D 4 HOH 39 2039 2039 HOH HOH A . 
D 4 HOH 40 2040 2040 HOH HOH A . 
D 4 HOH 41 2041 2041 HOH HOH A . 
D 4 HOH 42 2042 2042 HOH HOH A . 
D 4 HOH 43 2043 2043 HOH HOH A . 
D 4 HOH 44 2044 2044 HOH HOH A . 
D 4 HOH 45 2045 2045 HOH HOH A . 
D 4 HOH 46 2046 2046 HOH HOH A . 
D 4 HOH 47 2047 2047 HOH HOH A . 
D 4 HOH 48 2048 2048 HOH HOH A . 
D 4 HOH 49 2049 2049 HOH HOH A . 
D 4 HOH 50 2050 2050 HOH HOH A . 
D 4 HOH 51 2051 2051 HOH HOH A . 
D 4 HOH 52 2052 2052 HOH HOH A . 
D 4 HOH 53 2053 2053 HOH HOH A . 
D 4 HOH 54 2054 2054 HOH HOH A . 
D 4 HOH 55 2055 2055 HOH HOH A . 
D 4 HOH 56 2056 2056 HOH HOH A . 
D 4 HOH 57 2057 2057 HOH HOH A . 
D 4 HOH 58 2058 2058 HOH HOH A . 
D 4 HOH 59 2059 2059 HOH HOH A . 
D 4 HOH 60 2060 2060 HOH HOH A . 
D 4 HOH 61 2061 2061 HOH HOH A . 
D 4 HOH 62 2062 2062 HOH HOH A . 
D 4 HOH 63 2063 2063 HOH HOH A . 
D 4 HOH 64 2064 2064 HOH HOH A . 
D 4 HOH 65 2065 2065 HOH HOH A . 
D 4 HOH 66 2066 2066 HOH HOH A . 
D 4 HOH 67 2067 2067 HOH HOH A . 
D 4 HOH 68 2068 2068 HOH HOH A . 
D 4 HOH 69 2069 2069 HOH HOH A . 
D 4 HOH 70 2070 2070 HOH HOH A . 
D 4 HOH 71 2071 2071 HOH HOH A . 
D 4 HOH 72 2072 2072 HOH HOH A . 
D 4 HOH 73 2073 2073 HOH HOH A . 
D 4 HOH 74 2074 2074 HOH HOH A . 
D 4 HOH 75 2075 2075 HOH HOH A . 
D 4 HOH 76 2076 2076 HOH HOH A . 
D 4 HOH 77 2077 2077 HOH HOH A . 
D 4 HOH 78 2078 2078 HOH HOH A . 
D 4 HOH 79 2079 2079 HOH HOH A . 
# 
_pdbx_struct_assembly.id                   1 
_pdbx_struct_assembly.details              author_and_software_defined_assembly 
_pdbx_struct_assembly.method_details       PQS 
_pdbx_struct_assembly.oligomeric_details   monomeric 
_pdbx_struct_assembly.oligomeric_count     1 
# 
_pdbx_struct_assembly_gen.assembly_id       1 
_pdbx_struct_assembly_gen.oper_expression   1 
_pdbx_struct_assembly_gen.asym_id_list      A,B,C,D 
# 
_pdbx_struct_oper_list.id                   1 
_pdbx_struct_oper_list.type                 'identity operation' 
_pdbx_struct_oper_list.name                 1_555 
_pdbx_struct_oper_list.symmetry_operation   x,y,z 
_pdbx_struct_oper_list.matrix[1][1]         1.0000000000 
_pdbx_struct_oper_list.matrix[1][2]         0.0000000000 
_pdbx_struct_oper_list.matrix[1][3]         0.0000000000 
_pdbx_struct_oper_list.vector[1]            0.0000000000 
_pdbx_struct_oper_list.matrix[2][1]         0.0000000000 
_pdbx_struct_oper_list.matrix[2][2]         1.0000000000 
_pdbx_struct_oper_list.matrix[2][3]         0.0000000000 
_pdbx_struct_oper_list.vector[2]            0.0000000000 
_pdbx_struct_oper_list.matrix[3][1]         0.0000000000 
_pdbx_struct_oper_list.matrix[3][2]         0.0000000000 
_pdbx_struct_oper_list.matrix[3][3]         1.0000000000 
_pdbx_struct_oper_list.vector[3]            0.0000000000 
# 
loop_
_pdbx_struct_special_symmetry.id 
_pdbx_struct_special_symmetry.PDB_model_num 
_pdbx_struct_special_symmetry.auth_asym_id 
_pdbx_struct_special_symmetry.auth_comp_id 
_pdbx_struct_special_symmetry.auth_seq_id 
_pdbx_struct_special_symmetry.PDB_ins_code 
_pdbx_struct_special_symmetry.label_asym_id 
_pdbx_struct_special_symmetry.label_comp_id 
_pdbx_struct_special_symmetry.label_seq_id 
1 1 A HOH 2016 ? D HOH . 
2 1 A HOH 2020 ? D HOH . 
3 1 A HOH 2031 ? D HOH . 
4 1 A HOH 2063 ? D HOH . 
5 1 A HOH 2073 ? D HOH . 
# 
loop_
_pdbx_struct_conn_angle.id 
_pdbx_struct_conn_angle.ptnr1_label_atom_id 
_pdbx_struct_conn_angle.ptnr1_label_alt_id 
_pdbx_struct_conn_angle.ptnr1_label_asym_id 
_pdbx_struct_conn_angle.ptnr1_label_comp_id 
_pdbx_struct_conn_angle.ptnr1_label_seq_id 
_pdbx_struct_conn_angle.ptnr1_auth_atom_id 
_pdbx_struct_conn_angle.ptnr1_auth_asym_id 
_pdbx_struct_conn_angle.ptnr1_auth_comp_id 
_pdbx_struct_conn_angle.ptnr1_auth_seq_id 
_pdbx_struct_conn_angle.ptnr1_PDB_ins_code 
_pdbx_struct_conn_angle.ptnr1_symmetry 
_pdbx_struct_conn_angle.ptnr2_label_atom_id 
_pdbx_struct_conn_angle.ptnr2_label_alt_id 
_pdbx_struct_conn_angle.ptnr2_label_asym_id 
_pdbx_struct_conn_angle.ptnr2_label_comp_id 
_pdbx_struct_conn_angle.ptnr2_label_seq_id 
_pdbx_struct_conn_angle.ptnr2_auth_atom_id 
_pdbx_struct_conn_angle.ptnr2_auth_asym_id 
_pdbx_struct_conn_angle.ptnr2_auth_comp_id 
_pdbx_struct_conn_angle.ptnr2_auth_seq_id 
_pdbx_struct_conn_angle.ptnr2_PDB_ins_code 
_pdbx_struct_conn_angle.ptnr2_symmetry 
_pdbx_struct_conn_angle.ptnr3_label_atom_id 
_pdbx_struct_conn_angle.ptnr3_label_alt_id 
_pdbx_struct_conn_angle.ptnr3_label_asym_id 
_pdbx_struct_conn_angle.ptnr3_label_comp_id 
_pdbx_struct_conn_angle.ptnr3_label_seq_id 
_pdbx_struct_conn_angle.ptnr3_auth_atom_id 
_pdbx_struct_conn_angle.ptnr3_auth_asym_id 
_pdbx_struct_conn_angle.ptnr3_auth_comp_id 
_pdbx_struct_conn_angle.ptnr3_auth_seq_id 
_pdbx_struct_conn_angle.ptnr3_PDB_ins_code 
_pdbx_struct_conn_angle.ptnr3_symmetry 
_pdbx_struct_conn_angle.value 
_pdbx_struct_conn_angle.value_esd 
1  OG  ? A SER 43 ? A SER 25   ? 1_555 MG ? C MG . ? A MG 1175 ? 1_555 OG1 ? A THR 61 ? A THR 43   ? 1_555 80.2  ? 
2  OG  ? A SER 43 ? A SER 25   ? 1_555 MG ? C MG . ? A MG 1175 ? 1_555 O2G ? B GSP .  ? A GSP 1174 ? 1_555 170.8 ? 
3  OG1 ? A THR 61 ? A THR 43   ? 1_555 MG ? C MG . ? A MG 1175 ? 1_555 O2G ? B GSP .  ? A GSP 1174 ? 1_555 93.9  ? 
4  OG  ? A SER 43 ? A SER 25   ? 1_555 MG ? C MG . ? A MG 1175 ? 1_555 O2B ? B GSP .  ? A GSP 1174 ? 1_555 88.7  ? 
5  OG1 ? A THR 61 ? A THR 43   ? 1_555 MG ? C MG . ? A MG 1175 ? 1_555 O2B ? B GSP .  ? A GSP 1174 ? 1_555 168.7 ? 
6  O2G ? B GSP .  ? A GSP 1174 ? 1_555 MG ? C MG . ? A MG 1175 ? 1_555 O2B ? B GSP .  ? A GSP 1174 ? 1_555 96.9  ? 
7  OG  ? A SER 43 ? A SER 25   ? 1_555 MG ? C MG . ? A MG 1175 ? 1_555 O   ? D HOH .  ? A HOH 2030 ? 1_555 96.5  ? 
8  OG1 ? A THR 61 ? A THR 43   ? 1_555 MG ? C MG . ? A MG 1175 ? 1_555 O   ? D HOH .  ? A HOH 2030 ? 1_555 88.8  ? 
9  O2G ? B GSP .  ? A GSP 1174 ? 1_555 MG ? C MG . ? A MG 1175 ? 1_555 O   ? D HOH .  ? A HOH 2030 ? 1_555 90.4  ? 
10 O2B ? B GSP .  ? A GSP 1174 ? 1_555 MG ? C MG . ? A MG 1175 ? 1_555 O   ? D HOH .  ? A HOH 2030 ? 1_555 94.2  ? 
11 OG  ? A SER 43 ? A SER 25   ? 1_555 MG ? C MG . ? A MG 1175 ? 1_555 O   ? D HOH .  ? A HOH 2077 ? 1_555 88.8  ? 
12 OG1 ? A THR 61 ? A THR 43   ? 1_555 MG ? C MG . ? A MG 1175 ? 1_555 O   ? D HOH .  ? A HOH 2077 ? 1_555 93.9  ? 
13 O2G ? B GSP .  ? A GSP 1174 ? 1_555 MG ? C MG . ? A MG 1175 ? 1_555 O   ? D HOH .  ? A HOH 2077 ? 1_555 84.5  ? 
14 O2B ? B GSP .  ? A GSP 1174 ? 1_555 MG ? C MG . ? A MG 1175 ? 1_555 O   ? D HOH .  ? A HOH 2077 ? 1_555 84.1  ? 
15 O   ? D HOH .  ? A HOH 2030 ? 1_555 MG ? C MG . ? A MG 1175 ? 1_555 O   ? D HOH .  ? A HOH 2077 ? 1_555 174.4 ? 
# 
loop_
_pdbx_audit_revision_history.ordinal 
_pdbx_audit_revision_history.data_content_type 
_pdbx_audit_revision_history.major_revision 
_pdbx_audit_revision_history.minor_revision 
_pdbx_audit_revision_history.revision_date 
1 'Structure model' 1 0 2004-01-08 
2 'Structure model' 1 1 2011-05-08 
3 'Structure model' 1 2 2011-07-13 
4 'Structure model' 1 3 2023-12-13 
# 
_pdbx_audit_revision_details.ordinal             1 
_pdbx_audit_revision_details.revision_ordinal    1 
_pdbx_audit_revision_details.data_content_type   'Structure model' 
_pdbx_audit_revision_details.provider            repository 
_pdbx_audit_revision_details.type                'Initial release' 
_pdbx_audit_revision_details.description         ? 
_pdbx_audit_revision_details.details             ? 
# 
loop_
_pdbx_audit_revision_group.ordinal 
_pdbx_audit_revision_group.revision_ordinal 
_pdbx_audit_revision_group.data_content_type 
_pdbx_audit_revision_group.group 
1 2 'Structure model' 'Version format compliance' 
2 3 'Structure model' 'Version format compliance' 
3 4 'Structure model' 'Data collection'           
4 4 'Structure model' 'Database references'       
5 4 'Structure model' 'Derived calculations'      
6 4 'Structure model' Other                       
7 4 'Structure model' 'Refinement description'    
# 
loop_
_pdbx_audit_revision_category.ordinal 
_pdbx_audit_revision_category.revision_ordinal 
_pdbx_audit_revision_category.data_content_type 
_pdbx_audit_revision_category.category 
1 4 'Structure model' chem_comp_atom                
2 4 'Structure model' chem_comp_bond                
3 4 'Structure model' database_2                    
4 4 'Structure model' pdbx_database_status          
5 4 'Structure model' pdbx_initial_refinement_model 
6 4 'Structure model' pdbx_struct_conn_angle        
7 4 'Structure model' struct_conn                   
# 
loop_
_pdbx_audit_revision_item.ordinal 
_pdbx_audit_revision_item.revision_ordinal 
_pdbx_audit_revision_item.data_content_type 
_pdbx_audit_revision_item.item 
1  4 'Structure model' '_database_2.pdbx_DOI'                        
2  4 'Structure model' '_database_2.pdbx_database_accession'         
3  4 'Structure model' '_pdbx_database_status.status_code_sf'        
4  4 'Structure model' '_pdbx_struct_conn_angle.ptnr1_auth_comp_id'  
5  4 'Structure model' '_pdbx_struct_conn_angle.ptnr1_auth_seq_id'   
6  4 'Structure model' '_pdbx_struct_conn_angle.ptnr1_label_asym_id' 
7  4 'Structure model' '_pdbx_struct_conn_angle.ptnr1_label_atom_id' 
8  4 'Structure model' '_pdbx_struct_conn_angle.ptnr1_label_comp_id' 
9  4 'Structure model' '_pdbx_struct_conn_angle.ptnr1_label_seq_id'  
10 4 'Structure model' '_pdbx_struct_conn_angle.ptnr3_auth_comp_id'  
11 4 'Structure model' '_pdbx_struct_conn_angle.ptnr3_auth_seq_id'   
12 4 'Structure model' '_pdbx_struct_conn_angle.ptnr3_label_asym_id' 
13 4 'Structure model' '_pdbx_struct_conn_angle.ptnr3_label_atom_id' 
14 4 'Structure model' '_pdbx_struct_conn_angle.ptnr3_label_comp_id' 
15 4 'Structure model' '_pdbx_struct_conn_angle.ptnr3_label_seq_id'  
16 4 'Structure model' '_pdbx_struct_conn_angle.value'               
17 4 'Structure model' '_struct_conn.pdbx_dist_value'                
18 4 'Structure model' '_struct_conn.ptnr1_auth_comp_id'             
19 4 'Structure model' '_struct_conn.ptnr1_auth_seq_id'              
20 4 'Structure model' '_struct_conn.ptnr1_label_asym_id'            
21 4 'Structure model' '_struct_conn.ptnr1_label_atom_id'            
22 4 'Structure model' '_struct_conn.ptnr1_label_comp_id'            
23 4 'Structure model' '_struct_conn.ptnr1_label_seq_id'             
24 4 'Structure model' '_struct_conn.ptnr2_auth_comp_id'             
25 4 'Structure model' '_struct_conn.ptnr2_auth_seq_id'              
26 4 'Structure model' '_struct_conn.ptnr2_label_asym_id'            
27 4 'Structure model' '_struct_conn.ptnr2_label_atom_id'            
28 4 'Structure model' '_struct_conn.ptnr2_label_comp_id'            
29 4 'Structure model' '_struct_conn.ptnr2_label_seq_id'             
# 
loop_
_software.name 
_software.classification 
_software.version 
_software.citation_id 
_software.pdbx_ordinal 
CNS    refinement       1.1 ? 1 
XDS    'data reduction' .   ? 2 
XSCALE 'data scaling'   .   ? 3 
AMoRE  phasing          .   ? 4 
# 
_pdbx_entry_details.entry_id                 1OIW 
_pdbx_entry_details.compound_details         'ENGINEERED MUTATION GLN 70 LEU IN CHAIN A' 
_pdbx_entry_details.source_details           ? 
_pdbx_entry_details.nonpolymer_details       ? 
_pdbx_entry_details.sequence_details         ? 
_pdbx_entry_details.has_ligand_of_interest   ? 
# 
_pdbx_validate_close_contact.id               1 
_pdbx_validate_close_contact.PDB_model_num    1 
_pdbx_validate_close_contact.auth_atom_id_1   ND2 
_pdbx_validate_close_contact.auth_asym_id_1   A 
_pdbx_validate_close_contact.auth_comp_id_1   ASN 
_pdbx_validate_close_contact.auth_seq_id_1    116 
_pdbx_validate_close_contact.PDB_ins_code_1   ? 
_pdbx_validate_close_contact.label_alt_id_1   ? 
_pdbx_validate_close_contact.auth_atom_id_2   O 
_pdbx_validate_close_contact.auth_asym_id_2   A 
_pdbx_validate_close_contact.auth_comp_id_2   HOH 
_pdbx_validate_close_contact.auth_seq_id_2    2065 
_pdbx_validate_close_contact.PDB_ins_code_2   ? 
_pdbx_validate_close_contact.label_alt_id_2   ? 
_pdbx_validate_close_contact.dist             2.15 
# 
loop_
_pdbx_validate_rmsd_angle.id 
_pdbx_validate_rmsd_angle.PDB_model_num 
_pdbx_validate_rmsd_angle.auth_atom_id_1 
_pdbx_validate_rmsd_angle.auth_asym_id_1 
_pdbx_validate_rmsd_angle.auth_comp_id_1 
_pdbx_validate_rmsd_angle.auth_seq_id_1 
_pdbx_validate_rmsd_angle.PDB_ins_code_1 
_pdbx_validate_rmsd_angle.label_alt_id_1 
_pdbx_validate_rmsd_angle.auth_atom_id_2 
_pdbx_validate_rmsd_angle.auth_asym_id_2 
_pdbx_validate_rmsd_angle.auth_comp_id_2 
_pdbx_validate_rmsd_angle.auth_seq_id_2 
_pdbx_validate_rmsd_angle.PDB_ins_code_2 
_pdbx_validate_rmsd_angle.label_alt_id_2 
_pdbx_validate_rmsd_angle.auth_atom_id_3 
_pdbx_validate_rmsd_angle.auth_asym_id_3 
_pdbx_validate_rmsd_angle.auth_comp_id_3 
_pdbx_validate_rmsd_angle.auth_seq_id_3 
_pdbx_validate_rmsd_angle.PDB_ins_code_3 
_pdbx_validate_rmsd_angle.label_alt_id_3 
_pdbx_validate_rmsd_angle.angle_value 
_pdbx_validate_rmsd_angle.angle_target_value 
_pdbx_validate_rmsd_angle.angle_deviation 
_pdbx_validate_rmsd_angle.angle_standard_deviation 
_pdbx_validate_rmsd_angle.linker_flag 
1 1 CG A ARG 33  ? ? CD A ARG 33  ? ? NE  A ARG 33  ? ? 124.73 111.80 12.93 2.10 N 
2 1 NE A ARG 33  ? ? CZ A ARG 33  ? ? NH1 A ARG 33  ? ? 125.09 120.30 4.79  0.50 N 
3 1 NE A ARG 33  ? ? CZ A ARG 33  ? ? NH2 A ARG 33  ? ? 115.31 120.30 -4.99 0.50 N 
4 1 NE A ARG 104 ? ? CZ A ARG 104 ? ? NH1 A ARG 104 ? ? 117.27 120.30 -3.03 0.50 N 
5 1 NE A ARG 104 ? ? CZ A ARG 104 ? ? NH2 A ARG 104 ? ? 124.35 120.30 4.05  0.50 N 
6 1 CG A ARG 110 ? ? CD A ARG 110 ? ? NE  A ARG 110 ? ? 125.05 111.80 13.25 2.10 N 
# 
_pdbx_validate_torsion.id              1 
_pdbx_validate_torsion.PDB_model_num   1 
_pdbx_validate_torsion.auth_comp_id    LYS 
_pdbx_validate_torsion.auth_asym_id    A 
_pdbx_validate_torsion.auth_seq_id     125 
_pdbx_validate_torsion.PDB_ins_code    ? 
_pdbx_validate_torsion.label_alt_id    ? 
_pdbx_validate_torsion.phi             73.34 
_pdbx_validate_torsion.psi             39.89 
# 
_pdbx_validate_planes.id              1 
_pdbx_validate_planes.PDB_model_num   1 
_pdbx_validate_planes.auth_comp_id    ARG 
_pdbx_validate_planes.auth_asym_id    A 
_pdbx_validate_planes.auth_seq_id     33 
_pdbx_validate_planes.PDB_ins_code    ? 
_pdbx_validate_planes.label_alt_id    ? 
_pdbx_validate_planes.rmsd            0.243 
_pdbx_validate_planes.type            'SIDE CHAIN' 
# 
_pdbx_distant_solvent_atoms.id                                1 
_pdbx_distant_solvent_atoms.PDB_model_num                     1 
_pdbx_distant_solvent_atoms.auth_atom_id                      O 
_pdbx_distant_solvent_atoms.label_alt_id                      ? 
_pdbx_distant_solvent_atoms.auth_asym_id                      A 
_pdbx_distant_solvent_atoms.auth_comp_id                      HOH 
_pdbx_distant_solvent_atoms.auth_seq_id                       2010 
_pdbx_distant_solvent_atoms.PDB_ins_code                      ? 
_pdbx_distant_solvent_atoms.neighbor_macromolecule_distance   6.84 
_pdbx_distant_solvent_atoms.neighbor_ligand_distance          . 
# 
loop_
_pdbx_unobs_or_zero_occ_atoms.id 
_pdbx_unobs_or_zero_occ_atoms.PDB_model_num 
_pdbx_unobs_or_zero_occ_atoms.polymer_flag 
_pdbx_unobs_or_zero_occ_atoms.occupancy_flag 
_pdbx_unobs_or_zero_occ_atoms.auth_asym_id 
_pdbx_unobs_or_zero_occ_atoms.auth_comp_id 
_pdbx_unobs_or_zero_occ_atoms.auth_seq_id 
_pdbx_unobs_or_zero_occ_atoms.PDB_ins_code 
_pdbx_unobs_or_zero_occ_atoms.auth_atom_id 
_pdbx_unobs_or_zero_occ_atoms.label_alt_id 
_pdbx_unobs_or_zero_occ_atoms.label_asym_id 
_pdbx_unobs_or_zero_occ_atoms.label_comp_id 
_pdbx_unobs_or_zero_occ_atoms.label_seq_id 
_pdbx_unobs_or_zero_occ_atoms.label_atom_id 
1 1 Y 1 A GLU 39 ? CG  ? A GLU 57 CG  
2 1 Y 1 A GLU 39 ? CD  ? A GLU 57 CD  
3 1 Y 1 A GLU 39 ? OE1 ? A GLU 57 OE1 
4 1 Y 1 A GLU 39 ? OE2 ? A GLU 57 OE2 
5 1 Y 1 A LYS 41 ? CG  ? A LYS 59 CG  
6 1 Y 1 A LYS 41 ? CD  ? A LYS 59 CD  
7 1 Y 1 A LYS 41 ? CE  ? A LYS 59 CE  
8 1 Y 1 A LYS 41 ? NZ  ? A LYS 59 NZ  
# 
loop_
_pdbx_unobs_or_zero_occ_residues.id 
_pdbx_unobs_or_zero_occ_residues.PDB_model_num 
_pdbx_unobs_or_zero_occ_residues.polymer_flag 
_pdbx_unobs_or_zero_occ_residues.occupancy_flag 
_pdbx_unobs_or_zero_occ_residues.auth_asym_id 
_pdbx_unobs_or_zero_occ_residues.auth_comp_id 
_pdbx_unobs_or_zero_occ_residues.auth_seq_id 
_pdbx_unobs_or_zero_occ_residues.PDB_ins_code 
_pdbx_unobs_or_zero_occ_residues.label_asym_id 
_pdbx_unobs_or_zero_occ_residues.label_comp_id 
_pdbx_unobs_or_zero_occ_residues.label_seq_id 
1  1 Y 1 A MET -18 ? A MET 1  
2  1 Y 1 A ARG -17 ? A ARG 2  
3  1 Y 1 A GLY -16 ? A GLY 3  
4  1 Y 1 A SER -15 ? A SER 4  
5  1 Y 1 A HIS -14 ? A HIS 5  
6  1 Y 1 A HIS -13 ? A HIS 6  
7  1 Y 1 A HIS -12 ? A HIS 7  
8  1 Y 1 A HIS -11 ? A HIS 8  
9  1 Y 1 A HIS -10 ? A HIS 9  
10 1 Y 1 A HIS -9  ? A HIS 10 
11 1 Y 1 A GLY -8  ? A GLY 11 
12 1 Y 1 A ILE -7  ? A ILE 12 
13 1 Y 1 A PRO -6  ? A PRO 13 
14 1 Y 1 A LEU -5  ? A LEU 14 
15 1 Y 1 A PRO -4  ? A PRO 15 
16 1 Y 1 A GLY -3  ? A GLY 16 
17 1 Y 1 A ARG -2  ? A ARG 17 
18 1 Y 1 A ALA -1  ? A ALA 18 
19 1 Y 1 A MET 1   ? A MET 19 
20 1 Y 1 A GLY 2   ? A GLY 20 
21 1 Y 1 A THR 3   ? A THR 21 
22 1 Y 1 A ARG 4   ? A ARG 22 
23 1 Y 1 A ASP 5   ? A ASP 23 
24 1 Y 1 A ASP 6   ? A ASP 24 
25 1 Y 1 A GLU 7   ? A GLU 25 
# 
loop_
_chem_comp_atom.comp_id 
_chem_comp_atom.atom_id 
_chem_comp_atom.type_symbol 
_chem_comp_atom.pdbx_aromatic_flag 
_chem_comp_atom.pdbx_stereo_config 
_chem_comp_atom.pdbx_ordinal 
ALA N      N  N N 1   
ALA CA     C  N S 2   
ALA C      C  N N 3   
ALA O      O  N N 4   
ALA CB     C  N N 5   
ALA OXT    O  N N 6   
ALA H      H  N N 7   
ALA H2     H  N N 8   
ALA HA     H  N N 9   
ALA HB1    H  N N 10  
ALA HB2    H  N N 11  
ALA HB3    H  N N 12  
ALA HXT    H  N N 13  
ARG N      N  N N 14  
ARG CA     C  N S 15  
ARG C      C  N N 16  
ARG O      O  N N 17  
ARG CB     C  N N 18  
ARG CG     C  N N 19  
ARG CD     C  N N 20  
ARG NE     N  N N 21  
ARG CZ     C  N N 22  
ARG NH1    N  N N 23  
ARG NH2    N  N N 24  
ARG OXT    O  N N 25  
ARG H      H  N N 26  
ARG H2     H  N N 27  
ARG HA     H  N N 28  
ARG HB2    H  N N 29  
ARG HB3    H  N N 30  
ARG HG2    H  N N 31  
ARG HG3    H  N N 32  
ARG HD2    H  N N 33  
ARG HD3    H  N N 34  
ARG HE     H  N N 35  
ARG HH11   H  N N 36  
ARG HH12   H  N N 37  
ARG HH21   H  N N 38  
ARG HH22   H  N N 39  
ARG HXT    H  N N 40  
ASN N      N  N N 41  
ASN CA     C  N S 42  
ASN C      C  N N 43  
ASN O      O  N N 44  
ASN CB     C  N N 45  
ASN CG     C  N N 46  
ASN OD1    O  N N 47  
ASN ND2    N  N N 48  
ASN OXT    O  N N 49  
ASN H      H  N N 50  
ASN H2     H  N N 51  
ASN HA     H  N N 52  
ASN HB2    H  N N 53  
ASN HB3    H  N N 54  
ASN HD21   H  N N 55  
ASN HD22   H  N N 56  
ASN HXT    H  N N 57  
ASP N      N  N N 58  
ASP CA     C  N S 59  
ASP C      C  N N 60  
ASP O      O  N N 61  
ASP CB     C  N N 62  
ASP CG     C  N N 63  
ASP OD1    O  N N 64  
ASP OD2    O  N N 65  
ASP OXT    O  N N 66  
ASP H      H  N N 67  
ASP H2     H  N N 68  
ASP HA     H  N N 69  
ASP HB2    H  N N 70  
ASP HB3    H  N N 71  
ASP HD2    H  N N 72  
ASP HXT    H  N N 73  
GLN N      N  N N 74  
GLN CA     C  N S 75  
GLN C      C  N N 76  
GLN O      O  N N 77  
GLN CB     C  N N 78  
GLN CG     C  N N 79  
GLN CD     C  N N 80  
GLN OE1    O  N N 81  
GLN NE2    N  N N 82  
GLN OXT    O  N N 83  
GLN H      H  N N 84  
GLN H2     H  N N 85  
GLN HA     H  N N 86  
GLN HB2    H  N N 87  
GLN HB3    H  N N 88  
GLN HG2    H  N N 89  
GLN HG3    H  N N 90  
GLN HE21   H  N N 91  
GLN HE22   H  N N 92  
GLN HXT    H  N N 93  
GLU N      N  N N 94  
GLU CA     C  N S 95  
GLU C      C  N N 96  
GLU O      O  N N 97  
GLU CB     C  N N 98  
GLU CG     C  N N 99  
GLU CD     C  N N 100 
GLU OE1    O  N N 101 
GLU OE2    O  N N 102 
GLU OXT    O  N N 103 
GLU H      H  N N 104 
GLU H2     H  N N 105 
GLU HA     H  N N 106 
GLU HB2    H  N N 107 
GLU HB3    H  N N 108 
GLU HG2    H  N N 109 
GLU HG3    H  N N 110 
GLU HE2    H  N N 111 
GLU HXT    H  N N 112 
GLY N      N  N N 113 
GLY CA     C  N N 114 
GLY C      C  N N 115 
GLY O      O  N N 116 
GLY OXT    O  N N 117 
GLY H      H  N N 118 
GLY H2     H  N N 119 
GLY HA2    H  N N 120 
GLY HA3    H  N N 121 
GLY HXT    H  N N 122 
GSP PG     P  N N 123 
GSP O3B    O  N N 124 
GSP S1G    S  N N 125 
GSP O2G    O  N N 126 
GSP O3G    O  N N 127 
GSP PB     P  N S 128 
GSP O1B    O  N N 129 
GSP O2B    O  N N 130 
GSP PA     P  N S 131 
GSP O1A    O  N N 132 
GSP O2A    O  N N 133 
GSP O3A    O  N N 134 
GSP "O5'"  O  N N 135 
GSP "C5'"  C  N N 136 
GSP "C4'"  C  N R 137 
GSP "O4'"  O  N N 138 
GSP "C3'"  C  N S 139 
GSP "O3'"  O  N N 140 
GSP "C2'"  C  N R 141 
GSP "O2'"  O  N N 142 
GSP "C1'"  C  N R 143 
GSP N9     N  Y N 144 
GSP C8     C  Y N 145 
GSP N7     N  Y N 146 
GSP C5     C  Y N 147 
GSP C6     C  N N 148 
GSP O6     O  N N 149 
GSP N1     N  N N 150 
GSP C2     C  N N 151 
GSP N2     N  N N 152 
GSP N3     N  N N 153 
GSP C4     C  Y N 154 
GSP HOG2   H  N N 155 
GSP HOG3   H  N N 156 
GSP HOB2   H  N N 157 
GSP HOA2   H  N N 158 
GSP "H5'1" H  N N 159 
GSP "H5'2" H  N N 160 
GSP "H4'"  H  N N 161 
GSP "H3'"  H  N N 162 
GSP "HO3'" H  N N 163 
GSP "H2'"  H  N N 164 
GSP "HO2'" H  N N 165 
GSP "H1'"  H  N N 166 
GSP H8     H  N N 167 
GSP HN1    H  N N 168 
GSP HN21   H  N N 169 
GSP HN22   H  N N 170 
HIS N      N  N N 171 
HIS CA     C  N S 172 
HIS C      C  N N 173 
HIS O      O  N N 174 
HIS CB     C  N N 175 
HIS CG     C  Y N 176 
HIS ND1    N  Y N 177 
HIS CD2    C  Y N 178 
HIS CE1    C  Y N 179 
HIS NE2    N  Y N 180 
HIS OXT    O  N N 181 
HIS H      H  N N 182 
HIS H2     H  N N 183 
HIS HA     H  N N 184 
HIS HB2    H  N N 185 
HIS HB3    H  N N 186 
HIS HD1    H  N N 187 
HIS HD2    H  N N 188 
HIS HE1    H  N N 189 
HIS HE2    H  N N 190 
HIS HXT    H  N N 191 
HOH O      O  N N 192 
HOH H1     H  N N 193 
HOH H2     H  N N 194 
ILE N      N  N N 195 
ILE CA     C  N S 196 
ILE C      C  N N 197 
ILE O      O  N N 198 
ILE CB     C  N S 199 
ILE CG1    C  N N 200 
ILE CG2    C  N N 201 
ILE CD1    C  N N 202 
ILE OXT    O  N N 203 
ILE H      H  N N 204 
ILE H2     H  N N 205 
ILE HA     H  N N 206 
ILE HB     H  N N 207 
ILE HG12   H  N N 208 
ILE HG13   H  N N 209 
ILE HG21   H  N N 210 
ILE HG22   H  N N 211 
ILE HG23   H  N N 212 
ILE HD11   H  N N 213 
ILE HD12   H  N N 214 
ILE HD13   H  N N 215 
ILE HXT    H  N N 216 
LEU N      N  N N 217 
LEU CA     C  N S 218 
LEU C      C  N N 219 
LEU O      O  N N 220 
LEU CB     C  N N 221 
LEU CG     C  N N 222 
LEU CD1    C  N N 223 
LEU CD2    C  N N 224 
LEU OXT    O  N N 225 
LEU H      H  N N 226 
LEU H2     H  N N 227 
LEU HA     H  N N 228 
LEU HB2    H  N N 229 
LEU HB3    H  N N 230 
LEU HG     H  N N 231 
LEU HD11   H  N N 232 
LEU HD12   H  N N 233 
LEU HD13   H  N N 234 
LEU HD21   H  N N 235 
LEU HD22   H  N N 236 
LEU HD23   H  N N 237 
LEU HXT    H  N N 238 
LYS N      N  N N 239 
LYS CA     C  N S 240 
LYS C      C  N N 241 
LYS O      O  N N 242 
LYS CB     C  N N 243 
LYS CG     C  N N 244 
LYS CD     C  N N 245 
LYS CE     C  N N 246 
LYS NZ     N  N N 247 
LYS OXT    O  N N 248 
LYS H      H  N N 249 
LYS H2     H  N N 250 
LYS HA     H  N N 251 
LYS HB2    H  N N 252 
LYS HB3    H  N N 253 
LYS HG2    H  N N 254 
LYS HG3    H  N N 255 
LYS HD2    H  N N 256 
LYS HD3    H  N N 257 
LYS HE2    H  N N 258 
LYS HE3    H  N N 259 
LYS HZ1    H  N N 260 
LYS HZ2    H  N N 261 
LYS HZ3    H  N N 262 
LYS HXT    H  N N 263 
MET N      N  N N 264 
MET CA     C  N S 265 
MET C      C  N N 266 
MET O      O  N N 267 
MET CB     C  N N 268 
MET CG     C  N N 269 
MET SD     S  N N 270 
MET CE     C  N N 271 
MET OXT    O  N N 272 
MET H      H  N N 273 
MET H2     H  N N 274 
MET HA     H  N N 275 
MET HB2    H  N N 276 
MET HB3    H  N N 277 
MET HG2    H  N N 278 
MET HG3    H  N N 279 
MET HE1    H  N N 280 
MET HE2    H  N N 281 
MET HE3    H  N N 282 
MET HXT    H  N N 283 
MG  MG     MG N N 284 
PHE N      N  N N 285 
PHE CA     C  N S 286 
PHE C      C  N N 287 
PHE O      O  N N 288 
PHE CB     C  N N 289 
PHE CG     C  Y N 290 
PHE CD1    C  Y N 291 
PHE CD2    C  Y N 292 
PHE CE1    C  Y N 293 
PHE CE2    C  Y N 294 
PHE CZ     C  Y N 295 
PHE OXT    O  N N 296 
PHE H      H  N N 297 
PHE H2     H  N N 298 
PHE HA     H  N N 299 
PHE HB2    H  N N 300 
PHE HB3    H  N N 301 
PHE HD1    H  N N 302 
PHE HD2    H  N N 303 
PHE HE1    H  N N 304 
PHE HE2    H  N N 305 
PHE HZ     H  N N 306 
PHE HXT    H  N N 307 
PRO N      N  N N 308 
PRO CA     C  N S 309 
PRO C      C  N N 310 
PRO O      O  N N 311 
PRO CB     C  N N 312 
PRO CG     C  N N 313 
PRO CD     C  N N 314 
PRO OXT    O  N N 315 
PRO H      H  N N 316 
PRO HA     H  N N 317 
PRO HB2    H  N N 318 
PRO HB3    H  N N 319 
PRO HG2    H  N N 320 
PRO HG3    H  N N 321 
PRO HD2    H  N N 322 
PRO HD3    H  N N 323 
PRO HXT    H  N N 324 
SER N      N  N N 325 
SER CA     C  N S 326 
SER C      C  N N 327 
SER O      O  N N 328 
SER CB     C  N N 329 
SER OG     O  N N 330 
SER OXT    O  N N 331 
SER H      H  N N 332 
SER H2     H  N N 333 
SER HA     H  N N 334 
SER HB2    H  N N 335 
SER HB3    H  N N 336 
SER HG     H  N N 337 
SER HXT    H  N N 338 
THR N      N  N N 339 
THR CA     C  N S 340 
THR C      C  N N 341 
THR O      O  N N 342 
THR CB     C  N R 343 
THR OG1    O  N N 344 
THR CG2    C  N N 345 
THR OXT    O  N N 346 
THR H      H  N N 347 
THR H2     H  N N 348 
THR HA     H  N N 349 
THR HB     H  N N 350 
THR HG1    H  N N 351 
THR HG21   H  N N 352 
THR HG22   H  N N 353 
THR HG23   H  N N 354 
THR HXT    H  N N 355 
TRP N      N  N N 356 
TRP CA     C  N S 357 
TRP C      C  N N 358 
TRP O      O  N N 359 
TRP CB     C  N N 360 
TRP CG     C  Y N 361 
TRP CD1    C  Y N 362 
TRP CD2    C  Y N 363 
TRP NE1    N  Y N 364 
TRP CE2    C  Y N 365 
TRP CE3    C  Y N 366 
TRP CZ2    C  Y N 367 
TRP CZ3    C  Y N 368 
TRP CH2    C  Y N 369 
TRP OXT    O  N N 370 
TRP H      H  N N 371 
TRP H2     H  N N 372 
TRP HA     H  N N 373 
TRP HB2    H  N N 374 
TRP HB3    H  N N 375 
TRP HD1    H  N N 376 
TRP HE1    H  N N 377 
TRP HE3    H  N N 378 
TRP HZ2    H  N N 379 
TRP HZ3    H  N N 380 
TRP HH2    H  N N 381 
TRP HXT    H  N N 382 
TYR N      N  N N 383 
TYR CA     C  N S 384 
TYR C      C  N N 385 
TYR O      O  N N 386 
TYR CB     C  N N 387 
TYR CG     C  Y N 388 
TYR CD1    C  Y N 389 
TYR CD2    C  Y N 390 
TYR CE1    C  Y N 391 
TYR CE2    C  Y N 392 
TYR CZ     C  Y N 393 
TYR OH     O  N N 394 
TYR OXT    O  N N 395 
TYR H      H  N N 396 
TYR H2     H  N N 397 
TYR HA     H  N N 398 
TYR HB2    H  N N 399 
TYR HB3    H  N N 400 
TYR HD1    H  N N 401 
TYR HD2    H  N N 402 
TYR HE1    H  N N 403 
TYR HE2    H  N N 404 
TYR HH     H  N N 405 
TYR HXT    H  N N 406 
VAL N      N  N N 407 
VAL CA     C  N S 408 
VAL C      C  N N 409 
VAL O      O  N N 410 
VAL CB     C  N N 411 
VAL CG1    C  N N 412 
VAL CG2    C  N N 413 
VAL OXT    O  N N 414 
VAL H      H  N N 415 
VAL H2     H  N N 416 
VAL HA     H  N N 417 
VAL HB     H  N N 418 
VAL HG11   H  N N 419 
VAL HG12   H  N N 420 
VAL HG13   H  N N 421 
VAL HG21   H  N N 422 
VAL HG22   H  N N 423 
VAL HG23   H  N N 424 
VAL HXT    H  N N 425 
# 
loop_
_chem_comp_bond.comp_id 
_chem_comp_bond.atom_id_1 
_chem_comp_bond.atom_id_2 
_chem_comp_bond.value_order 
_chem_comp_bond.pdbx_aromatic_flag 
_chem_comp_bond.pdbx_stereo_config 
_chem_comp_bond.pdbx_ordinal 
ALA N     CA     sing N N 1   
ALA N     H      sing N N 2   
ALA N     H2     sing N N 3   
ALA CA    C      sing N N 4   
ALA CA    CB     sing N N 5   
ALA CA    HA     sing N N 6   
ALA C     O      doub N N 7   
ALA C     OXT    sing N N 8   
ALA CB    HB1    sing N N 9   
ALA CB    HB2    sing N N 10  
ALA CB    HB3    sing N N 11  
ALA OXT   HXT    sing N N 12  
ARG N     CA     sing N N 13  
ARG N     H      sing N N 14  
ARG N     H2     sing N N 15  
ARG CA    C      sing N N 16  
ARG CA    CB     sing N N 17  
ARG CA    HA     sing N N 18  
ARG C     O      doub N N 19  
ARG C     OXT    sing N N 20  
ARG CB    CG     sing N N 21  
ARG CB    HB2    sing N N 22  
ARG CB    HB3    sing N N 23  
ARG CG    CD     sing N N 24  
ARG CG    HG2    sing N N 25  
ARG CG    HG3    sing N N 26  
ARG CD    NE     sing N N 27  
ARG CD    HD2    sing N N 28  
ARG CD    HD3    sing N N 29  
ARG NE    CZ     sing N N 30  
ARG NE    HE     sing N N 31  
ARG CZ    NH1    sing N N 32  
ARG CZ    NH2    doub N N 33  
ARG NH1   HH11   sing N N 34  
ARG NH1   HH12   sing N N 35  
ARG NH2   HH21   sing N N 36  
ARG NH2   HH22   sing N N 37  
ARG OXT   HXT    sing N N 38  
ASN N     CA     sing N N 39  
ASN N     H      sing N N 40  
ASN N     H2     sing N N 41  
ASN CA    C      sing N N 42  
ASN CA    CB     sing N N 43  
ASN CA    HA     sing N N 44  
ASN C     O      doub N N 45  
ASN C     OXT    sing N N 46  
ASN CB    CG     sing N N 47  
ASN CB    HB2    sing N N 48  
ASN CB    HB3    sing N N 49  
ASN CG    OD1    doub N N 50  
ASN CG    ND2    sing N N 51  
ASN ND2   HD21   sing N N 52  
ASN ND2   HD22   sing N N 53  
ASN OXT   HXT    sing N N 54  
ASP N     CA     sing N N 55  
ASP N     H      sing N N 56  
ASP N     H2     sing N N 57  
ASP CA    C      sing N N 58  
ASP CA    CB     sing N N 59  
ASP CA    HA     sing N N 60  
ASP C     O      doub N N 61  
ASP C     OXT    sing N N 62  
ASP CB    CG     sing N N 63  
ASP CB    HB2    sing N N 64  
ASP CB    HB3    sing N N 65  
ASP CG    OD1    doub N N 66  
ASP CG    OD2    sing N N 67  
ASP OD2   HD2    sing N N 68  
ASP OXT   HXT    sing N N 69  
GLN N     CA     sing N N 70  
GLN N     H      sing N N 71  
GLN N     H2     sing N N 72  
GLN CA    C      sing N N 73  
GLN CA    CB     sing N N 74  
GLN CA    HA     sing N N 75  
GLN C     O      doub N N 76  
GLN C     OXT    sing N N 77  
GLN CB    CG     sing N N 78  
GLN CB    HB2    sing N N 79  
GLN CB    HB3    sing N N 80  
GLN CG    CD     sing N N 81  
GLN CG    HG2    sing N N 82  
GLN CG    HG3    sing N N 83  
GLN CD    OE1    doub N N 84  
GLN CD    NE2    sing N N 85  
GLN NE2   HE21   sing N N 86  
GLN NE2   HE22   sing N N 87  
GLN OXT   HXT    sing N N 88  
GLU N     CA     sing N N 89  
GLU N     H      sing N N 90  
GLU N     H2     sing N N 91  
GLU CA    C      sing N N 92  
GLU CA    CB     sing N N 93  
GLU CA    HA     sing N N 94  
GLU C     O      doub N N 95  
GLU C     OXT    sing N N 96  
GLU CB    CG     sing N N 97  
GLU CB    HB2    sing N N 98  
GLU CB    HB3    sing N N 99  
GLU CG    CD     sing N N 100 
GLU CG    HG2    sing N N 101 
GLU CG    HG3    sing N N 102 
GLU CD    OE1    doub N N 103 
GLU CD    OE2    sing N N 104 
GLU OE2   HE2    sing N N 105 
GLU OXT   HXT    sing N N 106 
GLY N     CA     sing N N 107 
GLY N     H      sing N N 108 
GLY N     H2     sing N N 109 
GLY CA    C      sing N N 110 
GLY CA    HA2    sing N N 111 
GLY CA    HA3    sing N N 112 
GLY C     O      doub N N 113 
GLY C     OXT    sing N N 114 
GLY OXT   HXT    sing N N 115 
GSP PG    O3B    sing N N 116 
GSP PG    S1G    doub N N 117 
GSP PG    O2G    sing N N 118 
GSP PG    O3G    sing N N 119 
GSP O3B   PB     sing N N 120 
GSP O2G   HOG2   sing N N 121 
GSP O3G   HOG3   sing N N 122 
GSP PB    O1B    doub N N 123 
GSP PB    O2B    sing N N 124 
GSP PB    O3A    sing N N 125 
GSP O2B   HOB2   sing N N 126 
GSP PA    O1A    doub N N 127 
GSP PA    O2A    sing N N 128 
GSP PA    O3A    sing N N 129 
GSP PA    "O5'"  sing N N 130 
GSP O2A   HOA2   sing N N 131 
GSP "O5'" "C5'"  sing N N 132 
GSP "C5'" "C4'"  sing N N 133 
GSP "C5'" "H5'1" sing N N 134 
GSP "C5'" "H5'2" sing N N 135 
GSP "C4'" "O4'"  sing N N 136 
GSP "C4'" "C3'"  sing N N 137 
GSP "C4'" "H4'"  sing N N 138 
GSP "O4'" "C1'"  sing N N 139 
GSP "C3'" "O3'"  sing N N 140 
GSP "C3'" "C2'"  sing N N 141 
GSP "C3'" "H3'"  sing N N 142 
GSP "O3'" "HO3'" sing N N 143 
GSP "C2'" "O2'"  sing N N 144 
GSP "C2'" "C1'"  sing N N 145 
GSP "C2'" "H2'"  sing N N 146 
GSP "O2'" "HO2'" sing N N 147 
GSP "C1'" N9     sing N N 148 
GSP "C1'" "H1'"  sing N N 149 
GSP N9    C8     sing Y N 150 
GSP N9    C4     sing Y N 151 
GSP C8    N7     doub Y N 152 
GSP C8    H8     sing N N 153 
GSP N7    C5     sing Y N 154 
GSP C5    C6     sing N N 155 
GSP C5    C4     doub Y N 156 
GSP C6    O6     doub N N 157 
GSP C6    N1     sing N N 158 
GSP N1    C2     sing N N 159 
GSP N1    HN1    sing N N 160 
GSP C2    N2     sing N N 161 
GSP C2    N3     doub N N 162 
GSP N2    HN21   sing N N 163 
GSP N2    HN22   sing N N 164 
GSP N3    C4     sing N N 165 
HIS N     CA     sing N N 166 
HIS N     H      sing N N 167 
HIS N     H2     sing N N 168 
HIS CA    C      sing N N 169 
HIS CA    CB     sing N N 170 
HIS CA    HA     sing N N 171 
HIS C     O      doub N N 172 
HIS C     OXT    sing N N 173 
HIS CB    CG     sing N N 174 
HIS CB    HB2    sing N N 175 
HIS CB    HB3    sing N N 176 
HIS CG    ND1    sing Y N 177 
HIS CG    CD2    doub Y N 178 
HIS ND1   CE1    doub Y N 179 
HIS ND1   HD1    sing N N 180 
HIS CD2   NE2    sing Y N 181 
HIS CD2   HD2    sing N N 182 
HIS CE1   NE2    sing Y N 183 
HIS CE1   HE1    sing N N 184 
HIS NE2   HE2    sing N N 185 
HIS OXT   HXT    sing N N 186 
HOH O     H1     sing N N 187 
HOH O     H2     sing N N 188 
ILE N     CA     sing N N 189 
ILE N     H      sing N N 190 
ILE N     H2     sing N N 191 
ILE CA    C      sing N N 192 
ILE CA    CB     sing N N 193 
ILE CA    HA     sing N N 194 
ILE C     O      doub N N 195 
ILE C     OXT    sing N N 196 
ILE CB    CG1    sing N N 197 
ILE CB    CG2    sing N N 198 
ILE CB    HB     sing N N 199 
ILE CG1   CD1    sing N N 200 
ILE CG1   HG12   sing N N 201 
ILE CG1   HG13   sing N N 202 
ILE CG2   HG21   sing N N 203 
ILE CG2   HG22   sing N N 204 
ILE CG2   HG23   sing N N 205 
ILE CD1   HD11   sing N N 206 
ILE CD1   HD12   sing N N 207 
ILE CD1   HD13   sing N N 208 
ILE OXT   HXT    sing N N 209 
LEU N     CA     sing N N 210 
LEU N     H      sing N N 211 
LEU N     H2     sing N N 212 
LEU CA    C      sing N N 213 
LEU CA    CB     sing N N 214 
LEU CA    HA     sing N N 215 
LEU C     O      doub N N 216 
LEU C     OXT    sing N N 217 
LEU CB    CG     sing N N 218 
LEU CB    HB2    sing N N 219 
LEU CB    HB3    sing N N 220 
LEU CG    CD1    sing N N 221 
LEU CG    CD2    sing N N 222 
LEU CG    HG     sing N N 223 
LEU CD1   HD11   sing N N 224 
LEU CD1   HD12   sing N N 225 
LEU CD1   HD13   sing N N 226 
LEU CD2   HD21   sing N N 227 
LEU CD2   HD22   sing N N 228 
LEU CD2   HD23   sing N N 229 
LEU OXT   HXT    sing N N 230 
LYS N     CA     sing N N 231 
LYS N     H      sing N N 232 
LYS N     H2     sing N N 233 
LYS CA    C      sing N N 234 
LYS CA    CB     sing N N 235 
LYS CA    HA     sing N N 236 
LYS C     O      doub N N 237 
LYS C     OXT    sing N N 238 
LYS CB    CG     sing N N 239 
LYS CB    HB2    sing N N 240 
LYS CB    HB3    sing N N 241 
LYS CG    CD     sing N N 242 
LYS CG    HG2    sing N N 243 
LYS CG    HG3    sing N N 244 
LYS CD    CE     sing N N 245 
LYS CD    HD2    sing N N 246 
LYS CD    HD3    sing N N 247 
LYS CE    NZ     sing N N 248 
LYS CE    HE2    sing N N 249 
LYS CE    HE3    sing N N 250 
LYS NZ    HZ1    sing N N 251 
LYS NZ    HZ2    sing N N 252 
LYS NZ    HZ3    sing N N 253 
LYS OXT   HXT    sing N N 254 
MET N     CA     sing N N 255 
MET N     H      sing N N 256 
MET N     H2     sing N N 257 
MET CA    C      sing N N 258 
MET CA    CB     sing N N 259 
MET CA    HA     sing N N 260 
MET C     O      doub N N 261 
MET C     OXT    sing N N 262 
MET CB    CG     sing N N 263 
MET CB    HB2    sing N N 264 
MET CB    HB3    sing N N 265 
MET CG    SD     sing N N 266 
MET CG    HG2    sing N N 267 
MET CG    HG3    sing N N 268 
MET SD    CE     sing N N 269 
MET CE    HE1    sing N N 270 
MET CE    HE2    sing N N 271 
MET CE    HE3    sing N N 272 
MET OXT   HXT    sing N N 273 
PHE N     CA     sing N N 274 
PHE N     H      sing N N 275 
PHE N     H2     sing N N 276 
PHE CA    C      sing N N 277 
PHE CA    CB     sing N N 278 
PHE CA    HA     sing N N 279 
PHE C     O      doub N N 280 
PHE C     OXT    sing N N 281 
PHE CB    CG     sing N N 282 
PHE CB    HB2    sing N N 283 
PHE CB    HB3    sing N N 284 
PHE CG    CD1    doub Y N 285 
PHE CG    CD2    sing Y N 286 
PHE CD1   CE1    sing Y N 287 
PHE CD1   HD1    sing N N 288 
PHE CD2   CE2    doub Y N 289 
PHE CD2   HD2    sing N N 290 
PHE CE1   CZ     doub Y N 291 
PHE CE1   HE1    sing N N 292 
PHE CE2   CZ     sing Y N 293 
PHE CE2   HE2    sing N N 294 
PHE CZ    HZ     sing N N 295 
PHE OXT   HXT    sing N N 296 
PRO N     CA     sing N N 297 
PRO N     CD     sing N N 298 
PRO N     H      sing N N 299 
PRO CA    C      sing N N 300 
PRO CA    CB     sing N N 301 
PRO CA    HA     sing N N 302 
PRO C     O      doub N N 303 
PRO C     OXT    sing N N 304 
PRO CB    CG     sing N N 305 
PRO CB    HB2    sing N N 306 
PRO CB    HB3    sing N N 307 
PRO CG    CD     sing N N 308 
PRO CG    HG2    sing N N 309 
PRO CG    HG3    sing N N 310 
PRO CD    HD2    sing N N 311 
PRO CD    HD3    sing N N 312 
PRO OXT   HXT    sing N N 313 
SER N     CA     sing N N 314 
SER N     H      sing N N 315 
SER N     H2     sing N N 316 
SER CA    C      sing N N 317 
SER CA    CB     sing N N 318 
SER CA    HA     sing N N 319 
SER C     O      doub N N 320 
SER C     OXT    sing N N 321 
SER CB    OG     sing N N 322 
SER CB    HB2    sing N N 323 
SER CB    HB3    sing N N 324 
SER OG    HG     sing N N 325 
SER OXT   HXT    sing N N 326 
THR N     CA     sing N N 327 
THR N     H      sing N N 328 
THR N     H2     sing N N 329 
THR CA    C      sing N N 330 
THR CA    CB     sing N N 331 
THR CA    HA     sing N N 332 
THR C     O      doub N N 333 
THR C     OXT    sing N N 334 
THR CB    OG1    sing N N 335 
THR CB    CG2    sing N N 336 
THR CB    HB     sing N N 337 
THR OG1   HG1    sing N N 338 
THR CG2   HG21   sing N N 339 
THR CG2   HG22   sing N N 340 
THR CG2   HG23   sing N N 341 
THR OXT   HXT    sing N N 342 
TRP N     CA     sing N N 343 
TRP N     H      sing N N 344 
TRP N     H2     sing N N 345 
TRP CA    C      sing N N 346 
TRP CA    CB     sing N N 347 
TRP CA    HA     sing N N 348 
TRP C     O      doub N N 349 
TRP C     OXT    sing N N 350 
TRP CB    CG     sing N N 351 
TRP CB    HB2    sing N N 352 
TRP CB    HB3    sing N N 353 
TRP CG    CD1    doub Y N 354 
TRP CG    CD2    sing Y N 355 
TRP CD1   NE1    sing Y N 356 
TRP CD1   HD1    sing N N 357 
TRP CD2   CE2    doub Y N 358 
TRP CD2   CE3    sing Y N 359 
TRP NE1   CE2    sing Y N 360 
TRP NE1   HE1    sing N N 361 
TRP CE2   CZ2    sing Y N 362 
TRP CE3   CZ3    doub Y N 363 
TRP CE3   HE3    sing N N 364 
TRP CZ2   CH2    doub Y N 365 
TRP CZ2   HZ2    sing N N 366 
TRP CZ3   CH2    sing Y N 367 
TRP CZ3   HZ3    sing N N 368 
TRP CH2   HH2    sing N N 369 
TRP OXT   HXT    sing N N 370 
TYR N     CA     sing N N 371 
TYR N     H      sing N N 372 
TYR N     H2     sing N N 373 
TYR CA    C      sing N N 374 
TYR CA    CB     sing N N 375 
TYR CA    HA     sing N N 376 
TYR C     O      doub N N 377 
TYR C     OXT    sing N N 378 
TYR CB    CG     sing N N 379 
TYR CB    HB2    sing N N 380 
TYR CB    HB3    sing N N 381 
TYR CG    CD1    doub Y N 382 
TYR CG    CD2    sing Y N 383 
TYR CD1   CE1    sing Y N 384 
TYR CD1   HD1    sing N N 385 
TYR CD2   CE2    doub Y N 386 
TYR CD2   HD2    sing N N 387 
TYR CE1   CZ     doub Y N 388 
TYR CE1   HE1    sing N N 389 
TYR CE2   CZ     sing Y N 390 
TYR CE2   HE2    sing N N 391 
TYR CZ    OH     sing N N 392 
TYR OH    HH     sing N N 393 
TYR OXT   HXT    sing N N 394 
VAL N     CA     sing N N 395 
VAL N     H      sing N N 396 
VAL N     H2     sing N N 397 
VAL CA    C      sing N N 398 
VAL CA    CB     sing N N 399 
VAL CA    HA     sing N N 400 
VAL C     O      doub N N 401 
VAL C     OXT    sing N N 402 
VAL CB    CG1    sing N N 403 
VAL CB    CG2    sing N N 404 
VAL CB    HB     sing N N 405 
VAL CG1   HG11   sing N N 406 
VAL CG1   HG12   sing N N 407 
VAL CG1   HG13   sing N N 408 
VAL CG2   HG21   sing N N 409 
VAL CG2   HG22   sing N N 410 
VAL CG2   HG23   sing N N 411 
VAL OXT   HXT    sing N N 412 
# 
loop_
_pdbx_entity_nonpoly.entity_id 
_pdbx_entity_nonpoly.name 
_pdbx_entity_nonpoly.comp_id 
2 "5'-GUANOSINE-DIPHOSPHATE-MONOTHIOPHOSPHATE" GSP 
3 'MAGNESIUM ION'                              MG  
4 water                                        HOH 
# 
_pdbx_initial_refinement_model.id               1 
_pdbx_initial_refinement_model.entity_id_list   ? 
_pdbx_initial_refinement_model.type             'experimental model' 
_pdbx_initial_refinement_model.source_name      PDB 
_pdbx_initial_refinement_model.accession_code   1OIV 
_pdbx_initial_refinement_model.details          'PDB ENTRY 1OIV' 
# 
